data_2LV9
#
_entry.id   2LV9
#
loop_
_entity.id
_entity.type
_entity.pdbx_description
1 polymer 'Histone-lysine N-methyltransferase MLL5'
2 non-polymer 'ZINC ION'
#
_entity_poly.entity_id   1
_entity_poly.type   'polypeptide(L)'
_entity_poly.pdbx_seq_one_letter_code
;MHHHHHHSSGRENLYFQGSEDGSYGTDVTRCICGFTHDDGYMICCDKCSVWQHIDCMGIDRQHIPDTYLCERCQPRNLDK
ERAVLLQRRKRENMSDGD
;
_entity_poly.pdbx_strand_id   A
#
# COMPACT_ATOMS: atom_id res chain seq x y z
N SER A 19 13.95 -12.88 -20.68
CA SER A 19 15.31 -13.34 -21.03
C SER A 19 16.28 -13.00 -19.87
N GLU A 20 17.36 -13.81 -19.73
CA GLU A 20 18.37 -13.60 -18.69
C GLU A 20 19.31 -12.45 -19.09
N ASP A 21 18.87 -11.24 -18.73
CA ASP A 21 19.58 -9.97 -18.97
C ASP A 21 19.14 -8.96 -17.90
N GLY A 22 17.80 -8.84 -17.75
CA GLY A 22 17.20 -7.96 -16.75
C GLY A 22 15.68 -7.99 -16.82
N SER A 23 15.06 -6.95 -16.24
CA SER A 23 13.61 -6.76 -16.25
C SER A 23 13.31 -5.26 -16.08
N TYR A 24 12.56 -4.70 -17.05
CA TYR A 24 12.16 -3.28 -17.03
C TYR A 24 10.73 -3.18 -16.46
N GLY A 25 10.60 -2.47 -15.34
CA GLY A 25 9.32 -2.31 -14.66
C GLY A 25 9.52 -1.66 -13.29
N THR A 26 9.75 -0.34 -13.30
CA THR A 26 10.05 0.45 -12.10
C THR A 26 8.85 0.44 -11.12
N ASP A 27 7.70 0.94 -11.62
CA ASP A 27 6.48 1.09 -10.82
C ASP A 27 5.79 -0.27 -10.64
N VAL A 28 5.94 -0.83 -9.43
CA VAL A 28 5.41 -2.15 -9.08
C VAL A 28 4.55 -2.03 -7.82
N THR A 29 3.30 -2.52 -7.87
CA THR A 29 2.39 -2.46 -6.71
C THR A 29 2.66 -3.64 -5.76
N ARG A 30 3.56 -3.40 -4.79
CA ARG A 30 3.82 -4.32 -3.68
C ARG A 30 3.36 -3.65 -2.38
N CYS A 31 2.04 -3.71 -2.15
CA CYS A 31 1.44 -3.21 -0.92
C CYS A 31 1.50 -4.29 0.17
N ILE A 32 1.82 -3.89 1.41
CA ILE A 32 2.03 -4.81 2.56
C ILE A 32 0.77 -5.63 2.94
N CYS A 33 -0.42 -5.19 2.45
CA CYS A 33 -1.69 -5.87 2.74
C CYS A 33 -1.90 -7.11 1.84
N GLY A 34 -1.05 -7.25 0.79
CA GLY A 34 -1.14 -8.37 -0.16
C GLY A 34 -2.37 -8.26 -1.07
N PHE A 35 -2.88 -7.02 -1.21
CA PHE A 35 -4.06 -6.69 -2.02
C PHE A 35 -3.69 -5.51 -2.93
N THR A 36 -4.16 -5.57 -4.18
CA THR A 36 -3.80 -4.60 -5.24
C THR A 36 -4.77 -3.40 -5.27
N HIS A 37 -4.53 -2.48 -6.23
CA HIS A 37 -5.30 -1.24 -6.40
C HIS A 37 -6.80 -1.51 -6.69
N ASP A 38 -7.65 -1.17 -5.72
CA ASP A 38 -9.12 -1.16 -5.87
C ASP A 38 -9.67 0.19 -5.42
N ASP A 39 -9.03 0.78 -4.39
CA ASP A 39 -9.47 2.04 -3.74
C ASP A 39 -9.50 3.21 -4.75
N GLY A 40 -8.31 3.56 -5.24
CA GLY A 40 -8.11 4.79 -6.02
C GLY A 40 -7.16 5.72 -5.30
N TYR A 41 -7.07 5.54 -3.98
CA TYR A 41 -6.25 6.36 -3.08
C TYR A 41 -4.95 5.62 -2.80
N MET A 42 -3.97 5.86 -3.68
CA MET A 42 -2.65 5.23 -3.59
C MET A 42 -1.55 6.27 -3.71
N ILE A 43 -0.32 5.84 -3.44
CA ILE A 43 0.90 6.65 -3.54
C ILE A 43 2.06 5.73 -3.96
N CYS A 44 3.00 6.30 -4.72
CA CYS A 44 4.24 5.62 -5.13
C CYS A 44 5.31 5.87 -4.06
N CYS A 45 6.09 4.83 -3.73
CA CYS A 45 7.22 4.95 -2.80
C CYS A 45 8.44 5.46 -3.55
N ASP A 46 8.81 6.72 -3.29
CA ASP A 46 9.86 7.44 -4.05
C ASP A 46 11.20 6.64 -4.09
N LYS A 47 11.52 5.95 -2.98
CA LYS A 47 12.78 5.19 -2.88
C LYS A 47 12.73 3.89 -3.71
N CYS A 48 11.93 2.90 -3.26
CA CYS A 48 11.94 1.52 -3.84
C CYS A 48 10.85 1.33 -4.92
N SER A 49 10.20 2.45 -5.31
CA SER A 49 9.24 2.54 -6.44
C SER A 49 8.00 1.59 -6.30
N VAL A 50 7.67 1.17 -5.04
CA VAL A 50 6.48 0.30 -4.79
C VAL A 50 5.23 1.15 -4.45
N TRP A 51 4.11 0.81 -5.11
CA TRP A 51 2.79 1.46 -4.89
C TRP A 51 2.05 0.80 -3.74
N GLN A 52 1.56 1.63 -2.79
CA GLN A 52 0.80 1.18 -1.62
C GLN A 52 -0.42 2.08 -1.39
N HIS A 53 -1.40 1.57 -0.62
CA HIS A 53 -2.64 2.32 -0.27
C HIS A 53 -2.34 3.28 0.91
N ILE A 54 -2.92 4.49 0.83
CA ILE A 54 -2.69 5.57 1.84
C ILE A 54 -3.06 5.11 3.26
N ASP A 55 -4.27 4.55 3.37
CA ASP A 55 -4.85 4.08 4.63
C ASP A 55 -4.03 2.93 5.24
N CYS A 56 -3.38 2.13 4.34
CA CYS A 56 -2.54 0.98 4.74
C CYS A 56 -1.32 1.41 5.55
N MET A 57 -0.62 2.46 5.07
CA MET A 57 0.62 2.93 5.74
C MET A 57 0.30 3.87 6.95
N GLY A 58 -1.01 4.04 7.24
CA GLY A 58 -1.46 4.83 8.40
C GLY A 58 -1.42 6.33 8.12
N ILE A 59 -1.30 6.69 6.82
CA ILE A 59 -1.29 8.08 6.37
C ILE A 59 -2.74 8.56 6.20
N ASP A 60 -3.00 9.81 6.56
CA ASP A 60 -4.31 10.45 6.38
C ASP A 60 -4.46 10.91 4.91
N ARG A 61 -5.62 10.61 4.31
CA ARG A 61 -5.92 11.01 2.93
C ARG A 61 -6.19 12.53 2.85
N GLN A 62 -6.35 13.16 4.02
CA GLN A 62 -6.46 14.62 4.16
C GLN A 62 -5.08 15.29 3.98
N HIS A 63 -4.02 14.60 4.42
CA HIS A 63 -2.63 15.11 4.39
C HIS A 63 -1.73 14.08 3.67
N ILE A 64 -1.58 14.23 2.34
CA ILE A 64 -0.82 13.27 1.52
C ILE A 64 0.59 13.82 1.22
N PRO A 65 1.69 13.12 1.67
CA PRO A 65 3.07 13.58 1.44
C PRO A 65 3.53 13.36 -0.03
N ASP A 66 4.46 14.21 -0.47
CA ASP A 66 5.06 14.14 -1.81
C ASP A 66 5.95 12.89 -1.94
N THR A 67 6.99 12.83 -1.10
CA THR A 67 7.99 11.76 -1.08
C THR A 67 7.56 10.67 -0.10
N TYR A 68 6.66 9.78 -0.57
CA TYR A 68 6.19 8.63 0.23
C TYR A 68 7.31 7.59 0.42
N LEU A 69 7.41 7.10 1.66
CA LEU A 69 8.22 5.92 2.01
C LEU A 69 7.30 4.86 2.61
N CYS A 70 7.56 3.60 2.30
CA CYS A 70 6.82 2.47 2.89
C CYS A 70 7.53 2.00 4.17
N GLU A 71 6.88 1.08 4.92
CA GLU A 71 7.36 0.56 6.23
C GLU A 71 8.83 0.07 6.19
N ARG A 72 9.23 -0.54 5.07
CA ARG A 72 10.58 -1.13 4.91
C ARG A 72 11.63 -0.03 4.61
N CYS A 73 11.18 1.13 4.07
CA CYS A 73 12.05 2.29 3.83
C CYS A 73 12.12 3.22 5.06
N GLN A 74 11.10 3.13 5.94
CA GLN A 74 10.99 3.97 7.14
C GLN A 74 11.62 3.27 8.36
N PRO A 75 12.46 3.99 9.18
CA PRO A 75 13.02 3.44 10.45
C PRO A 75 11.91 3.07 11.46
N ARG A 76 10.76 3.78 11.33
CA ARG A 76 9.54 3.47 12.11
C ARG A 76 8.83 2.24 11.52
N ASN A 77 8.38 1.35 12.42
CA ASN A 77 7.58 0.17 12.07
C ASN A 77 6.10 0.58 12.06
N LEU A 78 5.51 0.61 10.86
CA LEU A 78 4.06 0.86 10.69
C LEU A 78 3.28 -0.45 10.91
N ASP A 79 2.02 -0.32 11.36
CA ASP A 79 1.12 -1.46 11.61
C ASP A 79 0.77 -2.16 10.26
N LYS A 80 1.68 -3.05 9.84
CA LYS A 80 1.57 -3.81 8.60
C LYS A 80 0.44 -4.85 8.69
N GLU A 81 0.33 -5.50 9.86
CA GLU A 81 -0.74 -6.46 10.17
C GLU A 81 -2.11 -5.79 10.09
N ARG A 82 -2.21 -4.59 10.69
CA ARG A 82 -3.45 -3.78 10.72
C ARG A 82 -3.85 -3.34 9.30
N ALA A 83 -2.83 -3.06 8.48
CA ALA A 83 -2.98 -2.72 7.06
C ALA A 83 -3.56 -3.91 6.27
N VAL A 84 -3.10 -5.13 6.62
CA VAL A 84 -3.63 -6.39 6.08
C VAL A 84 -5.11 -6.54 6.47
N LEU A 85 -5.41 -6.32 7.78
CA LEU A 85 -6.78 -6.45 8.34
C LEU A 85 -7.79 -5.57 7.59
N LEU A 86 -7.38 -4.32 7.32
CA LEU A 86 -8.23 -3.31 6.64
C LEU A 86 -8.59 -3.74 5.20
N GLN A 87 -7.56 -4.05 4.41
CA GLN A 87 -7.71 -4.37 2.97
C GLN A 87 -8.26 -5.80 2.75
N ARG A 88 -8.05 -6.67 3.74
CA ARG A 88 -8.57 -8.04 3.71
C ARG A 88 -10.07 -7.99 3.96
N ARG A 89 -10.49 -7.41 5.11
CA ARG A 89 -11.93 -7.25 5.44
C ARG A 89 -12.69 -6.43 4.36
N LYS A 90 -11.94 -5.56 3.67
CA LYS A 90 -12.43 -4.81 2.50
C LYS A 90 -12.90 -5.76 1.39
N ARG A 91 -12.02 -6.71 0.98
CA ARG A 91 -12.35 -7.68 -0.10
C ARG A 91 -13.37 -8.75 0.38
N GLU A 92 -13.37 -9.06 1.70
CA GLU A 92 -14.35 -9.99 2.31
C GLU A 92 -15.76 -9.36 2.27
N ASN A 93 -15.78 -8.03 2.51
CA ASN A 93 -17.01 -7.21 2.52
C ASN A 93 -17.56 -7.05 1.09
N MET A 94 -16.66 -7.13 0.09
CA MET A 94 -17.04 -7.06 -1.34
C MET A 94 -17.53 -8.45 -1.83
N SER A 95 -18.65 -8.89 -1.24
CA SER A 95 -19.33 -10.16 -1.53
C SER A 95 -20.85 -9.97 -1.31
N ASP A 96 -21.51 -9.26 -2.24
CA ASP A 96 -22.96 -8.92 -2.15
C ASP A 96 -23.83 -10.17 -2.31
N GLY A 97 -25.03 -10.12 -1.70
CA GLY A 97 -25.99 -11.22 -1.72
C GLY A 97 -26.57 -11.49 -0.33
N ASP A 98 -27.32 -12.60 -0.19
CA ASP A 98 -27.85 -13.06 1.10
C ASP A 98 -27.16 -14.39 1.47
N SER A 19 22.96 10.57 -17.75
CA SER A 19 22.16 11.76 -17.35
C SER A 19 20.93 11.38 -16.50
N GLU A 20 20.71 10.07 -16.32
CA GLU A 20 19.55 9.51 -15.60
C GLU A 20 20.00 8.33 -14.72
N ASP A 21 19.57 8.35 -13.45
CA ASP A 21 19.92 7.31 -12.47
C ASP A 21 19.22 5.98 -12.81
N GLY A 22 17.92 6.08 -13.11
CA GLY A 22 17.08 4.95 -13.43
C GLY A 22 15.63 5.39 -13.55
N SER A 23 15.36 6.22 -14.57
CA SER A 23 14.03 6.82 -14.80
C SER A 23 13.06 5.78 -15.37
N TYR A 24 12.37 5.05 -14.45
CA TYR A 24 11.42 3.98 -14.79
C TYR A 24 10.15 4.12 -13.97
N GLY A 25 9.00 3.76 -14.57
CA GLY A 25 7.68 3.85 -13.93
C GLY A 25 7.53 2.82 -12.80
N THR A 26 7.81 1.54 -13.16
CA THR A 26 7.86 0.39 -12.20
C THR A 26 6.57 0.33 -11.35
N ASP A 27 5.43 0.37 -12.06
CA ASP A 27 4.10 0.48 -11.43
C ASP A 27 3.58 -0.90 -11.03
N VAL A 28 4.17 -1.42 -9.95
CA VAL A 28 3.72 -2.64 -9.26
C VAL A 28 3.24 -2.23 -7.88
N THR A 29 1.99 -2.59 -7.53
CA THR A 29 1.48 -2.36 -6.19
C THR A 29 1.96 -3.48 -5.28
N ARG A 30 3.14 -3.27 -4.67
CA ARG A 30 3.64 -4.15 -3.61
C ARG A 30 3.24 -3.48 -2.30
N CYS A 31 1.94 -3.57 -2.02
CA CYS A 31 1.38 -3.15 -0.74
C CYS A 31 1.50 -4.31 0.25
N ILE A 32 1.79 -3.98 1.51
CA ILE A 32 2.04 -4.98 2.58
C ILE A 32 0.83 -5.92 2.85
N CYS A 33 -0.40 -5.50 2.44
CA CYS A 33 -1.63 -6.33 2.61
C CYS A 33 -1.72 -7.45 1.55
N GLY A 34 -0.87 -7.36 0.50
CA GLY A 34 -0.87 -8.33 -0.60
C GLY A 34 -2.09 -8.19 -1.51
N PHE A 35 -2.70 -7.00 -1.48
CA PHE A 35 -3.91 -6.69 -2.27
C PHE A 35 -3.69 -5.35 -3.00
N THR A 36 -4.08 -5.30 -4.29
CA THR A 36 -3.94 -4.11 -5.15
C THR A 36 -5.28 -3.33 -5.22
N HIS A 37 -5.26 -2.13 -5.85
CA HIS A 37 -6.46 -1.30 -6.07
C HIS A 37 -6.36 -0.50 -7.36
N ASP A 38 -7.53 -0.12 -7.89
CA ASP A 38 -7.67 0.80 -9.04
C ASP A 38 -8.36 2.09 -8.58
N ASP A 39 -8.49 2.26 -7.24
CA ASP A 39 -9.19 3.41 -6.60
C ASP A 39 -8.50 4.72 -6.99
N GLY A 40 -7.19 4.79 -6.78
CA GLY A 40 -6.39 5.93 -7.19
C GLY A 40 -5.74 6.64 -6.01
N TYR A 41 -6.41 6.61 -4.83
CA TYR A 41 -5.84 7.21 -3.61
C TYR A 41 -4.82 6.23 -3.03
N MET A 42 -3.63 6.30 -3.63
CA MET A 42 -2.52 5.37 -3.43
C MET A 42 -1.21 6.15 -3.55
N ILE A 43 -0.13 5.60 -2.98
CA ILE A 43 1.18 6.28 -2.92
C ILE A 43 2.30 5.33 -3.35
N CYS A 44 3.16 5.79 -4.27
CA CYS A 44 4.37 5.09 -4.67
C CYS A 44 5.54 5.52 -3.76
N CYS A 45 6.23 4.53 -3.15
CA CYS A 45 7.48 4.78 -2.41
C CYS A 45 8.53 5.34 -3.37
N ASP A 46 9.07 6.54 -3.09
CA ASP A 46 9.97 7.27 -4.01
C ASP A 46 11.20 6.41 -4.40
N LYS A 47 11.66 5.61 -3.41
CA LYS A 47 12.87 4.76 -3.53
C LYS A 47 12.59 3.46 -4.31
N CYS A 48 11.55 2.73 -3.90
CA CYS A 48 11.25 1.37 -4.44
C CYS A 48 10.37 1.44 -5.69
N SER A 49 9.70 2.59 -5.87
CA SER A 49 8.73 2.86 -6.96
C SER A 49 7.48 1.92 -6.87
N VAL A 50 7.29 1.25 -5.71
CA VAL A 50 6.15 0.32 -5.49
C VAL A 50 4.96 1.07 -4.86
N TRP A 51 3.74 0.79 -5.36
CA TRP A 51 2.49 1.41 -4.87
C TRP A 51 1.96 0.72 -3.61
N GLN A 52 1.34 1.51 -2.72
CA GLN A 52 0.71 1.06 -1.48
C GLN A 52 -0.61 1.82 -1.26
N HIS A 53 -1.40 1.40 -0.26
CA HIS A 53 -2.66 2.08 0.10
C HIS A 53 -2.41 3.08 1.24
N ILE A 54 -2.90 4.33 1.05
CA ILE A 54 -2.84 5.41 2.07
C ILE A 54 -3.51 4.92 3.37
N ASP A 55 -4.63 4.22 3.15
CA ASP A 55 -5.44 3.54 4.16
C ASP A 55 -4.60 2.56 5.02
N CYS A 56 -3.78 1.73 4.36
CA CYS A 56 -2.99 0.66 5.01
C CYS A 56 -1.92 1.24 5.95
N MET A 57 -1.25 2.30 5.50
CA MET A 57 -0.20 2.97 6.30
C MET A 57 -0.78 3.95 7.35
N GLY A 58 -2.12 4.07 7.38
CA GLY A 58 -2.84 4.90 8.36
C GLY A 58 -2.68 6.41 8.11
N ILE A 59 -2.18 6.75 6.92
CA ILE A 59 -1.93 8.14 6.49
C ILE A 59 -3.26 8.83 6.15
N ASP A 60 -3.34 10.16 6.30
CA ASP A 60 -4.52 10.95 5.89
C ASP A 60 -4.57 11.00 4.35
N ARG A 61 -5.75 10.77 3.77
CA ARG A 61 -5.96 10.84 2.31
C ARG A 61 -6.02 12.31 1.85
N GLN A 62 -6.33 13.22 2.81
CA GLN A 62 -6.31 14.67 2.57
C GLN A 62 -4.87 15.19 2.64
N HIS A 63 -4.09 14.63 3.61
CA HIS A 63 -2.72 15.08 3.91
C HIS A 63 -1.72 13.96 3.59
N ILE A 64 -1.24 13.97 2.35
CA ILE A 64 -0.33 12.96 1.79
C ILE A 64 1.11 13.50 1.85
N PRO A 65 2.10 12.75 2.45
CA PRO A 65 3.51 13.22 2.56
C PRO A 65 4.17 13.28 1.16
N ASP A 66 5.09 14.25 0.99
CA ASP A 66 5.85 14.43 -0.27
C ASP A 66 6.61 13.16 -0.65
N THR A 67 7.53 12.77 0.23
CA THR A 67 8.35 11.58 0.09
C THR A 67 7.74 10.44 0.93
N TYR A 68 6.76 9.72 0.34
CA TYR A 68 6.28 8.48 0.94
C TYR A 68 7.41 7.43 0.94
N LEU A 69 7.63 6.86 2.12
CA LEU A 69 8.52 5.72 2.32
C LEU A 69 7.69 4.54 2.80
N CYS A 70 7.91 3.38 2.17
CA CYS A 70 7.26 2.12 2.59
C CYS A 70 7.88 1.63 3.91
N GLU A 71 7.29 0.58 4.52
CA GLU A 71 7.55 0.17 5.93
C GLU A 71 9.04 0.16 6.31
N ARG A 72 9.88 -0.48 5.47
CA ARG A 72 11.31 -0.68 5.77
C ARG A 72 12.13 0.61 5.54
N CYS A 73 11.69 1.43 4.58
CA CYS A 73 12.40 2.68 4.22
C CYS A 73 12.24 3.77 5.29
N GLN A 74 11.06 3.83 5.91
CA GLN A 74 10.73 4.83 6.93
C GLN A 74 11.22 4.35 8.32
N PRO A 75 11.89 5.24 9.13
CA PRO A 75 12.52 4.87 10.45
C PRO A 75 11.63 4.04 11.40
N ARG A 76 10.34 4.40 11.49
CA ARG A 76 9.37 3.66 12.32
C ARG A 76 8.66 2.57 11.50
N ASN A 77 8.13 1.57 12.21
CA ASN A 77 7.36 0.46 11.62
C ASN A 77 5.95 0.94 11.25
N LEU A 78 5.63 0.86 9.96
CA LEU A 78 4.27 1.04 9.44
C LEU A 78 3.55 -0.30 9.63
N ASP A 79 2.64 -0.38 10.63
CA ASP A 79 2.08 -1.66 11.12
C ASP A 79 1.45 -2.47 9.99
N LYS A 80 2.21 -3.46 9.52
CA LYS A 80 1.83 -4.33 8.40
C LYS A 80 0.62 -5.18 8.77
N GLU A 81 0.60 -5.71 10.02
CA GLU A 81 -0.52 -6.52 10.54
C GLU A 81 -1.84 -5.75 10.42
N ARG A 82 -1.91 -4.56 11.07
CA ARG A 82 -3.10 -3.66 11.03
C ARG A 82 -3.58 -3.41 9.58
N ALA A 83 -2.62 -3.31 8.67
CA ALA A 83 -2.85 -3.02 7.25
C ALA A 83 -3.40 -4.24 6.47
N VAL A 84 -2.90 -5.44 6.80
CA VAL A 84 -3.34 -6.70 6.16
C VAL A 84 -4.77 -7.01 6.60
N LEU A 85 -4.99 -6.95 7.93
CA LEU A 85 -6.29 -7.21 8.57
C LEU A 85 -7.38 -6.25 8.01
N LEU A 86 -6.95 -5.01 7.77
CA LEU A 86 -7.82 -3.91 7.28
C LEU A 86 -8.38 -4.22 5.87
N GLN A 87 -7.47 -4.43 4.90
CA GLN A 87 -7.84 -4.64 3.48
C GLN A 87 -8.52 -5.99 3.25
N ARG A 88 -8.10 -7.02 4.01
CA ARG A 88 -8.63 -8.38 3.84
C ARG A 88 -10.08 -8.45 4.33
N ARG A 89 -10.36 -7.86 5.53
CA ARG A 89 -11.72 -7.89 6.12
C ARG A 89 -12.69 -7.07 5.26
N LYS A 90 -12.18 -6.02 4.62
CA LYS A 90 -12.97 -5.19 3.69
C LYS A 90 -13.47 -6.04 2.50
N ARG A 91 -12.52 -6.65 1.78
CA ARG A 91 -12.84 -7.34 0.51
C ARG A 91 -13.67 -8.62 0.73
N GLU A 92 -13.60 -9.20 1.95
CA GLU A 92 -14.46 -10.34 2.32
C GLU A 92 -15.87 -9.83 2.70
N ASN A 93 -15.93 -8.96 3.72
CA ASN A 93 -17.20 -8.48 4.33
C ASN A 93 -17.98 -7.51 3.41
N MET A 94 -17.33 -7.04 2.33
CA MET A 94 -17.95 -6.21 1.28
C MET A 94 -19.05 -7.03 0.56
N SER A 95 -18.71 -8.30 0.30
CA SER A 95 -19.67 -9.29 -0.22
C SER A 95 -20.62 -9.70 0.92
N ASP A 96 -21.88 -9.29 0.80
CA ASP A 96 -22.92 -9.57 1.81
C ASP A 96 -23.83 -10.70 1.26
N GLY A 97 -23.60 -11.93 1.75
CA GLY A 97 -24.31 -13.10 1.23
C GLY A 97 -24.23 -14.31 2.15
N ASP A 98 -24.84 -14.19 3.33
CA ASP A 98 -25.10 -15.33 4.23
C ASP A 98 -26.50 -15.89 3.93
N SER A 19 14.86 -20.49 -17.37
CA SER A 19 15.48 -19.93 -18.59
C SER A 19 14.48 -18.98 -19.28
N GLU A 20 14.75 -17.67 -19.16
CA GLU A 20 13.91 -16.61 -19.75
C GLU A 20 14.75 -15.35 -19.98
N ASP A 21 14.20 -14.40 -20.75
CA ASP A 21 14.82 -13.08 -20.98
C ASP A 21 14.79 -12.25 -19.67
N GLY A 22 13.66 -12.33 -18.97
CA GLY A 22 13.46 -11.63 -17.69
C GLY A 22 12.14 -10.88 -17.67
N SER A 23 11.68 -10.51 -16.46
CA SER A 23 10.42 -9.77 -16.28
C SER A 23 10.68 -8.49 -15.47
N TYR A 24 10.15 -7.35 -15.97
CA TYR A 24 10.26 -6.05 -15.31
C TYR A 24 9.08 -5.16 -15.70
N GLY A 25 8.71 -4.22 -14.82
CA GLY A 25 7.61 -3.31 -15.06
C GLY A 25 7.66 -2.13 -14.12
N THR A 26 7.35 -0.94 -14.65
CA THR A 26 7.29 0.31 -13.87
C THR A 26 6.01 0.35 -13.03
N ASP A 27 6.06 1.11 -11.92
CA ASP A 27 4.90 1.37 -11.03
C ASP A 27 4.34 0.06 -10.42
N VAL A 28 5.23 -0.91 -10.15
CA VAL A 28 4.84 -2.21 -9.60
C VAL A 28 4.24 -2.07 -8.17
N THR A 29 2.97 -2.46 -8.01
CA THR A 29 2.25 -2.31 -6.75
C THR A 29 2.58 -3.48 -5.79
N ARG A 30 3.53 -3.24 -4.87
CA ARG A 30 3.91 -4.20 -3.82
C ARG A 30 3.64 -3.59 -2.45
N CYS A 31 2.35 -3.62 -2.09
CA CYS A 31 1.86 -3.16 -0.79
C CYS A 31 1.97 -4.29 0.25
N ILE A 32 2.20 -3.91 1.52
CA ILE A 32 2.42 -4.87 2.64
C ILE A 32 1.18 -5.77 2.95
N CYS A 33 0.00 -5.46 2.34
CA CYS A 33 -1.23 -6.26 2.54
C CYS A 33 -1.37 -7.37 1.46
N GLY A 34 -0.52 -7.31 0.41
CA GLY A 34 -0.56 -8.27 -0.69
C GLY A 34 -1.85 -8.18 -1.52
N PHE A 35 -2.41 -6.95 -1.60
CA PHE A 35 -3.66 -6.66 -2.32
C PHE A 35 -3.45 -5.44 -3.23
N THR A 36 -3.97 -5.49 -4.46
CA THR A 36 -3.93 -4.36 -5.39
C THR A 36 -5.26 -3.58 -5.31
N HIS A 37 -5.21 -2.26 -5.57
CA HIS A 37 -6.34 -1.35 -5.31
C HIS A 37 -7.51 -1.55 -6.29
N ASP A 38 -8.70 -1.12 -5.86
CA ASP A 38 -9.91 -1.05 -6.71
C ASP A 38 -10.39 0.42 -6.83
N ASP A 39 -9.83 1.28 -5.97
CA ASP A 39 -10.35 2.66 -5.74
C ASP A 39 -9.46 3.73 -6.38
N GLY A 40 -8.14 3.68 -6.15
CA GLY A 40 -7.21 4.64 -6.73
C GLY A 40 -6.42 5.44 -5.70
N TYR A 41 -6.75 5.29 -4.41
CA TYR A 41 -6.09 6.04 -3.32
C TYR A 41 -4.79 5.32 -2.94
N MET A 42 -3.73 5.66 -3.69
CA MET A 42 -2.43 4.94 -3.66
C MET A 42 -1.28 5.95 -3.72
N ILE A 43 -0.10 5.52 -3.22
CA ILE A 43 1.13 6.33 -3.21
C ILE A 43 2.35 5.39 -3.47
N CYS A 44 3.29 5.83 -4.33
CA CYS A 44 4.53 5.07 -4.60
C CYS A 44 5.65 5.55 -3.67
N CYS A 45 6.34 4.58 -3.04
CA CYS A 45 7.56 4.83 -2.28
C CYS A 45 8.65 5.28 -3.23
N ASP A 46 9.09 6.53 -3.09
CA ASP A 46 10.09 7.16 -3.99
C ASP A 46 11.34 6.25 -4.18
N LYS A 47 11.81 5.67 -3.06
CA LYS A 47 13.02 4.84 -3.02
C LYS A 47 12.81 3.45 -3.71
N CYS A 48 11.65 2.82 -3.44
CA CYS A 48 11.39 1.42 -3.87
C CYS A 48 10.65 1.35 -5.22
N SER A 49 10.03 2.49 -5.60
CA SER A 49 9.19 2.66 -6.81
C SER A 49 7.92 1.77 -6.77
N VAL A 50 7.58 1.23 -5.57
CA VAL A 50 6.42 0.34 -5.39
C VAL A 50 5.24 1.09 -4.77
N TRP A 51 4.02 0.79 -5.25
CA TRP A 51 2.78 1.45 -4.78
C TRP A 51 2.16 0.69 -3.59
N GLN A 52 1.71 1.46 -2.59
CA GLN A 52 1.02 0.96 -1.39
C GLN A 52 -0.25 1.79 -1.13
N HIS A 53 -1.20 1.23 -0.34
CA HIS A 53 -2.44 1.95 0.03
C HIS A 53 -2.15 2.97 1.14
N ILE A 54 -2.81 4.13 1.05
CA ILE A 54 -2.65 5.26 2.01
C ILE A 54 -3.03 4.82 3.44
N ASP A 55 -4.21 4.21 3.54
CA ASP A 55 -4.80 3.68 4.79
C ASP A 55 -3.90 2.59 5.42
N CYS A 56 -3.25 1.80 4.54
CA CYS A 56 -2.37 0.68 4.94
C CYS A 56 -1.16 1.17 5.74
N MET A 57 -0.57 2.29 5.31
CA MET A 57 0.61 2.86 6.00
C MET A 57 0.19 3.79 7.17
N GLY A 58 -1.13 3.87 7.42
CA GLY A 58 -1.66 4.66 8.53
C GLY A 58 -1.60 6.16 8.24
N ILE A 59 -1.48 6.49 6.94
CA ILE A 59 -1.49 7.87 6.46
C ILE A 59 -2.94 8.30 6.20
N ASP A 60 -3.24 9.59 6.43
CA ASP A 60 -4.57 10.15 6.11
C ASP A 60 -4.73 10.25 4.59
N ARG A 61 -5.89 9.77 4.08
CA ARG A 61 -6.31 10.02 2.68
C ARG A 61 -6.62 11.52 2.48
N GLN A 62 -6.77 12.22 3.62
CA GLN A 62 -6.95 13.68 3.65
C GLN A 62 -5.60 14.41 3.48
N HIS A 63 -4.53 13.83 4.07
CA HIS A 63 -3.21 14.46 4.18
C HIS A 63 -2.15 13.52 3.60
N ILE A 64 -1.91 13.66 2.28
CA ILE A 64 -1.03 12.79 1.51
C ILE A 64 0.34 13.46 1.30
N PRO A 65 1.48 12.81 1.73
CA PRO A 65 2.84 13.33 1.49
C PRO A 65 3.28 13.08 0.02
N ASP A 66 4.11 13.99 -0.51
CA ASP A 66 4.66 13.88 -1.87
C ASP A 66 5.64 12.70 -1.96
N THR A 67 6.67 12.77 -1.12
CA THR A 67 7.73 11.78 -1.08
C THR A 67 7.38 10.72 -0.02
N TYR A 68 6.54 9.76 -0.44
CA TYR A 68 6.16 8.61 0.41
C TYR A 68 7.36 7.67 0.62
N LEU A 69 7.56 7.27 1.89
CA LEU A 69 8.45 6.17 2.25
C LEU A 69 7.60 5.08 2.91
N CYS A 70 7.84 3.84 2.49
CA CYS A 70 7.12 2.66 3.01
C CYS A 70 7.64 2.28 4.40
N GLU A 71 6.95 1.33 5.04
CA GLU A 71 7.25 0.83 6.41
C GLU A 71 8.74 0.44 6.62
N ARG A 72 9.37 -0.09 5.56
CA ARG A 72 10.77 -0.58 5.63
C ARG A 72 11.76 0.59 5.53
N CYS A 73 11.35 1.68 4.84
CA CYS A 73 12.17 2.89 4.69
C CYS A 73 12.01 3.84 5.90
N GLN A 74 10.82 3.82 6.52
CA GLN A 74 10.51 4.60 7.72
C GLN A 74 11.11 3.91 8.95
N PRO A 75 12.04 4.59 9.72
CA PRO A 75 12.55 4.07 11.01
C PRO A 75 11.41 3.75 12.00
N ARG A 76 10.33 4.54 11.90
CA ARG A 76 9.03 4.25 12.53
C ARG A 76 8.25 3.23 11.66
N ASN A 77 8.59 1.94 11.82
CA ASN A 77 7.96 0.84 11.06
C ASN A 77 6.47 0.77 11.33
N LEU A 78 5.66 0.95 10.29
CA LEU A 78 4.19 0.93 10.38
C LEU A 78 3.70 -0.52 10.43
N ASP A 79 2.49 -0.74 10.95
CA ASP A 79 1.96 -2.09 11.17
C ASP A 79 1.54 -2.75 9.84
N LYS A 80 2.39 -3.67 9.36
CA LYS A 80 2.10 -4.51 8.20
C LYS A 80 0.81 -5.32 8.45
N GLU A 81 0.76 -5.98 9.61
CA GLU A 81 -0.33 -6.90 10.00
C GLU A 81 -1.70 -6.18 10.08
N ARG A 82 -1.71 -4.93 10.61
CA ARG A 82 -2.93 -4.09 10.64
C ARG A 82 -3.43 -3.81 9.23
N ALA A 83 -2.49 -3.51 8.33
CA ALA A 83 -2.77 -3.18 6.93
C ALA A 83 -3.31 -4.39 6.14
N VAL A 84 -2.81 -5.60 6.50
CA VAL A 84 -3.27 -6.87 5.89
C VAL A 84 -4.73 -7.14 6.27
N LEU A 85 -4.99 -7.07 7.59
CA LEU A 85 -6.31 -7.31 8.18
C LEU A 85 -7.32 -6.25 7.72
N LEU A 86 -6.83 -5.01 7.55
CA LEU A 86 -7.65 -3.85 7.13
C LEU A 86 -8.18 -4.05 5.70
N GLN A 87 -7.26 -4.26 4.74
CA GLN A 87 -7.60 -4.34 3.31
C GLN A 87 -8.45 -5.57 2.95
N ARG A 88 -8.23 -6.71 3.65
CA ARG A 88 -9.00 -7.94 3.38
C ARG A 88 -10.46 -7.78 3.85
N ARG A 89 -10.66 -7.30 5.09
CA ARG A 89 -12.01 -7.09 5.66
C ARG A 89 -12.74 -5.95 4.92
N LYS A 90 -11.94 -5.00 4.40
CA LYS A 90 -12.40 -3.82 3.66
C LYS A 90 -13.15 -4.23 2.38
N ARG A 91 -12.43 -4.93 1.49
CA ARG A 91 -12.96 -5.31 0.16
C ARG A 91 -14.08 -6.36 0.28
N GLU A 92 -14.02 -7.17 1.35
CA GLU A 92 -15.03 -8.20 1.66
C GLU A 92 -16.32 -7.57 2.24
N ASN A 93 -16.19 -6.49 3.02
CA ASN A 93 -17.35 -5.77 3.61
C ASN A 93 -18.11 -5.02 2.51
N MET A 94 -17.35 -4.53 1.51
CA MET A 94 -17.90 -3.82 0.35
C MET A 94 -18.63 -4.79 -0.61
N SER A 95 -18.58 -6.10 -0.31
CA SER A 95 -19.23 -7.15 -1.11
C SER A 95 -20.30 -7.91 -0.27
N ASP A 96 -20.82 -7.25 0.77
CA ASP A 96 -21.91 -7.81 1.59
C ASP A 96 -23.28 -7.36 1.05
N GLY A 97 -24.11 -8.33 0.63
CA GLY A 97 -25.40 -8.04 -0.02
C GLY A 97 -25.33 -8.29 -1.53
N ASP A 98 -24.12 -8.12 -2.10
CA ASP A 98 -23.85 -8.36 -3.52
C ASP A 98 -22.84 -9.52 -3.64
N SER A 19 17.56 -14.38 -13.89
CA SER A 19 17.60 -13.29 -14.89
C SER A 19 16.29 -12.47 -14.81
N GLU A 20 16.30 -11.47 -13.93
CA GLU A 20 15.19 -10.53 -13.71
C GLU A 20 15.76 -9.11 -13.54
N ASP A 21 16.88 -8.91 -14.27
CA ASP A 21 17.80 -7.76 -14.16
C ASP A 21 17.07 -6.40 -14.19
N GLY A 22 16.20 -6.26 -15.20
CA GLY A 22 15.38 -5.06 -15.37
C GLY A 22 14.07 -5.39 -16.07
N SER A 23 13.50 -6.56 -15.71
CA SER A 23 12.24 -7.05 -16.28
C SER A 23 11.00 -6.40 -15.63
N TYR A 24 11.24 -5.52 -14.65
CA TYR A 24 10.18 -4.82 -13.88
C TYR A 24 10.06 -3.36 -14.33
N GLY A 25 8.89 -2.78 -14.05
CA GLY A 25 8.61 -1.37 -14.32
C GLY A 25 8.70 -0.53 -13.06
N THR A 26 8.84 0.79 -13.22
CA THR A 26 8.92 1.76 -12.10
C THR A 26 7.55 2.03 -11.45
N ASP A 27 6.49 1.40 -12.00
CA ASP A 27 5.13 1.42 -11.45
C ASP A 27 4.62 -0.02 -11.36
N VAL A 28 4.61 -0.58 -10.14
CA VAL A 28 4.16 -1.95 -9.87
C VAL A 28 3.60 -2.03 -8.43
N THR A 29 2.38 -2.52 -8.25
CA THR A 29 1.70 -2.50 -6.94
C THR A 29 2.18 -3.68 -6.06
N ARG A 30 3.11 -3.37 -5.14
CA ARG A 30 3.58 -4.30 -4.09
C ARG A 30 3.38 -3.63 -2.73
N CYS A 31 2.12 -3.64 -2.30
CA CYS A 31 1.71 -3.14 -0.99
C CYS A 31 1.91 -4.22 0.08
N ILE A 32 2.10 -3.81 1.35
CA ILE A 32 2.35 -4.74 2.48
C ILE A 32 1.16 -5.70 2.78
N CYS A 33 -0.04 -5.36 2.24
CA CYS A 33 -1.25 -6.21 2.39
C CYS A 33 -1.37 -7.26 1.27
N GLY A 34 -0.46 -7.18 0.26
CA GLY A 34 -0.47 -8.08 -0.89
C GLY A 34 -1.73 -7.97 -1.77
N PHE A 35 -2.37 -6.78 -1.72
CA PHE A 35 -3.62 -6.50 -2.43
C PHE A 35 -3.38 -5.32 -3.37
N THR A 36 -3.93 -5.42 -4.59
CA THR A 36 -3.72 -4.44 -5.66
C THR A 36 -4.73 -3.27 -5.56
N HIS A 37 -4.64 -2.31 -6.51
CA HIS A 37 -5.52 -1.12 -6.54
C HIS A 37 -6.99 -1.51 -6.74
N ASP A 38 -7.76 -1.35 -5.66
CA ASP A 38 -9.22 -1.45 -5.65
C ASP A 38 -9.80 -0.42 -4.67
N ASP A 39 -8.95 0.02 -3.72
CA ASP A 39 -9.31 1.02 -2.69
C ASP A 39 -9.67 2.37 -3.33
N GLY A 40 -8.72 2.94 -4.08
CA GLY A 40 -8.90 4.24 -4.74
C GLY A 40 -7.89 5.27 -4.25
N TYR A 41 -7.48 5.13 -2.98
CA TYR A 41 -6.51 6.02 -2.34
C TYR A 41 -5.16 5.30 -2.24
N MET A 42 -4.23 5.66 -3.14
CA MET A 42 -2.90 5.04 -3.20
C MET A 42 -1.79 6.09 -3.41
N ILE A 43 -0.56 5.65 -3.14
CA ILE A 43 0.68 6.40 -3.37
C ILE A 43 1.75 5.39 -3.85
N CYS A 44 2.94 5.88 -4.17
CA CYS A 44 4.07 5.03 -4.61
C CYS A 44 5.34 5.37 -3.81
N CYS A 45 6.01 4.32 -3.26
CA CYS A 45 7.27 4.50 -2.51
C CYS A 45 8.37 4.94 -3.48
N ASP A 46 8.90 6.16 -3.24
CA ASP A 46 9.94 6.79 -4.08
C ASP A 46 11.17 5.87 -4.26
N LYS A 47 11.58 5.19 -3.16
CA LYS A 47 12.74 4.29 -3.16
C LYS A 47 12.46 2.96 -3.90
N CYS A 48 11.32 2.32 -3.58
CA CYS A 48 11.02 0.94 -4.02
C CYS A 48 10.29 0.94 -5.39
N SER A 49 9.75 2.10 -5.77
CA SER A 49 9.00 2.32 -7.02
C SER A 49 7.69 1.48 -7.09
N VAL A 50 7.18 1.06 -5.91
CA VAL A 50 5.97 0.22 -5.82
C VAL A 50 4.79 1.00 -5.22
N TRP A 51 3.57 0.66 -5.66
CA TRP A 51 2.33 1.31 -5.20
C TRP A 51 1.79 0.63 -3.92
N GLN A 52 1.49 1.45 -2.90
CA GLN A 52 0.85 1.02 -1.63
C GLN A 52 -0.39 1.89 -1.36
N HIS A 53 -1.26 1.40 -0.47
CA HIS A 53 -2.51 2.10 -0.10
C HIS A 53 -2.24 3.10 1.06
N ILE A 54 -2.90 4.28 0.99
CA ILE A 54 -2.71 5.40 1.96
C ILE A 54 -3.09 4.97 3.39
N ASP A 55 -4.31 4.47 3.53
CA ASP A 55 -4.89 4.04 4.82
C ASP A 55 -4.16 2.80 5.39
N CYS A 56 -3.59 1.97 4.48
CA CYS A 56 -2.72 0.82 4.88
C CYS A 56 -1.55 1.30 5.74
N MET A 57 -0.87 2.35 5.26
CA MET A 57 0.32 2.90 5.92
C MET A 57 -0.05 3.75 7.18
N GLY A 58 -1.37 3.96 7.39
CA GLY A 58 -1.85 4.83 8.45
C GLY A 58 -1.62 6.31 8.14
N ILE A 59 -1.56 6.65 6.83
CA ILE A 59 -1.44 8.04 6.34
C ILE A 59 -2.84 8.64 6.20
N ASP A 60 -2.95 9.95 6.51
CA ASP A 60 -4.20 10.70 6.35
C ASP A 60 -4.48 10.98 4.87
N ARG A 61 -5.77 10.97 4.49
CA ARG A 61 -6.20 11.31 3.13
C ARG A 61 -6.08 12.83 2.87
N GLN A 62 -6.06 13.62 3.95
CA GLN A 62 -5.82 15.08 3.86
C GLN A 62 -4.30 15.38 3.87
N HIS A 63 -3.56 14.63 4.68
CA HIS A 63 -2.12 14.88 4.93
C HIS A 63 -1.32 13.76 4.26
N ILE A 64 -1.00 13.96 2.97
CA ILE A 64 -0.29 12.98 2.14
C ILE A 64 1.11 13.55 1.79
N PRO A 65 2.23 12.82 2.11
CA PRO A 65 3.58 13.24 1.68
C PRO A 65 3.82 12.91 0.20
N ASP A 66 4.65 13.73 -0.47
CA ASP A 66 5.04 13.49 -1.87
C ASP A 66 5.91 12.23 -1.97
N THR A 67 7.09 12.29 -1.33
CA THR A 67 8.07 11.20 -1.34
C THR A 67 7.69 10.18 -0.25
N TYR A 68 6.72 9.32 -0.61
CA TYR A 68 6.31 8.21 0.24
C TYR A 68 7.48 7.24 0.45
N LEU A 69 7.75 6.94 1.72
CA LEU A 69 8.65 5.86 2.12
C LEU A 69 7.83 4.84 2.88
N CYS A 70 8.04 3.56 2.58
CA CYS A 70 7.29 2.46 3.22
C CYS A 70 7.95 2.05 4.56
N GLU A 71 7.39 1.01 5.21
CA GLU A 71 7.76 0.53 6.56
C GLU A 71 9.30 0.46 6.81
N ARG A 72 10.02 -0.13 5.85
CA ARG A 72 11.48 -0.42 5.99
C ARG A 72 12.33 0.79 5.60
N CYS A 73 11.75 1.68 4.77
CA CYS A 73 12.42 2.91 4.33
C CYS A 73 12.35 4.00 5.43
N GLN A 74 11.27 3.97 6.25
CA GLN A 74 11.09 4.89 7.40
C GLN A 74 11.75 4.30 8.68
N PRO A 75 12.31 5.17 9.59
CA PRO A 75 12.85 4.72 10.90
C PRO A 75 11.75 4.28 11.89
N ARG A 76 10.48 4.55 11.53
CA ARG A 76 9.30 4.18 12.35
C ARG A 76 8.68 2.86 11.84
N ASN A 77 8.02 2.14 12.76
CA ASN A 77 7.25 0.91 12.44
C ASN A 77 5.77 1.27 12.31
N LEU A 78 5.16 0.88 11.18
CA LEU A 78 3.76 1.19 10.87
C LEU A 78 2.90 -0.05 11.08
N ASP A 79 1.56 0.15 11.08
CA ASP A 79 0.60 -0.93 11.30
C ASP A 79 0.44 -1.77 10.02
N LYS A 80 1.41 -2.68 9.81
CA LYS A 80 1.44 -3.59 8.65
C LYS A 80 0.36 -4.64 8.76
N GLU A 81 0.21 -5.22 9.96
CA GLU A 81 -0.78 -6.27 10.23
C GLU A 81 -2.20 -5.72 10.03
N ARG A 82 -2.44 -4.53 10.60
CA ARG A 82 -3.73 -3.82 10.46
C ARG A 82 -3.96 -3.38 9.00
N ALA A 83 -2.87 -3.14 8.26
CA ALA A 83 -2.91 -2.82 6.82
C ALA A 83 -3.40 -4.01 5.99
N VAL A 84 -2.88 -5.20 6.35
CA VAL A 84 -3.33 -6.47 5.78
C VAL A 84 -4.83 -6.65 6.06
N LEU A 85 -5.22 -6.48 7.33
CA LEU A 85 -6.60 -6.68 7.82
C LEU A 85 -7.59 -5.65 7.23
N LEU A 86 -7.09 -4.45 6.88
CA LEU A 86 -7.94 -3.35 6.35
C LEU A 86 -8.33 -3.60 4.87
N GLN A 87 -7.35 -4.04 4.08
CA GLN A 87 -7.57 -4.38 2.65
C GLN A 87 -8.15 -5.80 2.49
N ARG A 88 -7.94 -6.64 3.52
CA ARG A 88 -8.59 -7.94 3.66
C ARG A 88 -10.11 -7.74 3.80
N ARG A 89 -10.51 -6.91 4.79
CA ARG A 89 -11.94 -6.64 5.08
C ARG A 89 -12.59 -5.81 3.95
N LYS A 90 -11.76 -5.04 3.21
CA LYS A 90 -12.19 -4.38 1.96
C LYS A 90 -12.70 -5.43 0.95
N ARG A 91 -11.80 -6.37 0.56
CA ARG A 91 -12.07 -7.33 -0.52
C ARG A 91 -13.12 -8.40 -0.10
N GLU A 92 -13.19 -8.70 1.21
CA GLU A 92 -14.19 -9.65 1.76
C GLU A 92 -15.60 -9.04 1.71
N ASN A 93 -15.71 -7.77 2.16
CA ASN A 93 -16.99 -7.03 2.16
C ASN A 93 -17.47 -6.78 0.72
N MET A 94 -16.52 -6.51 -0.20
CA MET A 94 -16.79 -6.43 -1.65
C MET A 94 -16.91 -7.87 -2.19
N SER A 95 -18.05 -8.50 -1.88
CA SER A 95 -18.29 -9.93 -2.12
C SER A 95 -19.00 -10.14 -3.47
N ASP A 96 -18.94 -11.39 -3.98
CA ASP A 96 -19.65 -11.79 -5.21
C ASP A 96 -21.14 -12.01 -4.89
N GLY A 97 -21.90 -10.91 -4.90
CA GLY A 97 -23.32 -10.90 -4.59
C GLY A 97 -23.76 -9.50 -4.14
N ASP A 98 -24.93 -9.07 -4.62
CA ASP A 98 -25.50 -7.75 -4.30
C ASP A 98 -26.18 -7.78 -2.90
N SER A 19 19.62 -7.81 -28.41
CA SER A 19 19.88 -6.58 -27.63
C SER A 19 18.93 -6.51 -26.42
N GLU A 20 19.43 -6.01 -25.26
CA GLU A 20 18.67 -5.96 -24.00
C GLU A 20 18.36 -4.49 -23.60
N ASP A 21 18.18 -3.65 -24.64
CA ASP A 21 17.76 -2.22 -24.50
C ASP A 21 16.42 -2.09 -23.75
N GLY A 22 15.53 -3.10 -23.92
CA GLY A 22 14.27 -3.17 -23.20
C GLY A 22 14.49 -3.47 -21.72
N SER A 23 14.35 -2.41 -20.89
CA SER A 23 14.53 -2.49 -19.42
C SER A 23 13.57 -1.49 -18.74
N TYR A 24 12.42 -2.02 -18.25
CA TYR A 24 11.32 -1.20 -17.72
C TYR A 24 10.49 -2.04 -16.73
N GLY A 25 10.33 -1.53 -15.49
CA GLY A 25 9.52 -2.22 -14.47
C GLY A 25 9.65 -1.60 -13.09
N THR A 26 9.66 -0.25 -13.03
CA THR A 26 9.69 0.50 -11.76
C THR A 26 8.31 0.44 -11.07
N ASP A 27 7.25 0.60 -11.88
CA ASP A 27 5.85 0.53 -11.42
C ASP A 27 5.52 -0.92 -11.02
N VAL A 28 5.50 -1.17 -9.70
CA VAL A 28 5.19 -2.48 -9.13
C VAL A 28 4.38 -2.29 -7.83
N THR A 29 3.16 -2.85 -7.80
CA THR A 29 2.24 -2.70 -6.66
C THR A 29 2.58 -3.72 -5.58
N ARG A 30 3.48 -3.32 -4.67
CA ARG A 30 3.88 -4.15 -3.52
C ARG A 30 3.49 -3.40 -2.24
N CYS A 31 2.18 -3.42 -1.98
CA CYS A 31 1.60 -2.94 -0.72
C CYS A 31 1.63 -4.07 0.30
N ILE A 32 1.76 -3.71 1.58
CA ILE A 32 1.96 -4.67 2.69
C ILE A 32 0.71 -5.53 3.01
N CYS A 33 -0.43 -5.24 2.37
CA CYS A 33 -1.65 -6.07 2.50
C CYS A 33 -1.72 -7.16 1.40
N GLY A 34 -0.86 -7.05 0.37
CA GLY A 34 -0.83 -7.99 -0.76
C GLY A 34 -2.11 -7.95 -1.61
N PHE A 35 -2.75 -6.79 -1.61
CA PHE A 35 -4.03 -6.54 -2.31
C PHE A 35 -3.86 -5.31 -3.21
N THR A 36 -4.37 -5.39 -4.45
CA THR A 36 -4.34 -4.25 -5.40
C THR A 36 -5.53 -3.33 -5.12
N HIS A 37 -5.44 -2.07 -5.55
CA HIS A 37 -6.44 -1.05 -5.21
C HIS A 37 -7.74 -1.23 -6.01
N ASP A 38 -8.82 -0.73 -5.43
CA ASP A 38 -10.12 -0.57 -6.11
C ASP A 38 -10.48 0.93 -6.15
N ASP A 39 -9.77 1.71 -5.30
CA ASP A 39 -10.07 3.10 -4.98
C ASP A 39 -9.42 4.09 -5.97
N GLY A 40 -8.09 4.07 -6.08
CA GLY A 40 -7.33 4.99 -6.97
C GLY A 40 -6.38 5.91 -6.21
N TYR A 41 -6.56 5.97 -4.89
CA TYR A 41 -5.77 6.80 -3.98
C TYR A 41 -4.58 6.00 -3.48
N MET A 42 -3.49 6.03 -4.25
CA MET A 42 -2.26 5.29 -3.91
C MET A 42 -1.05 6.22 -3.94
N ILE A 43 0.00 5.81 -3.22
CA ILE A 43 1.29 6.51 -3.15
C ILE A 43 2.41 5.56 -3.59
N CYS A 44 3.19 5.97 -4.58
CA CYS A 44 4.41 5.28 -4.99
C CYS A 44 5.56 5.72 -4.06
N CYS A 45 6.11 4.76 -3.29
CA CYS A 45 7.27 4.99 -2.41
C CYS A 45 8.46 5.40 -3.27
N ASP A 46 8.90 6.66 -3.13
CA ASP A 46 9.91 7.29 -4.00
C ASP A 46 11.16 6.40 -4.23
N LYS A 47 11.76 5.93 -3.12
CA LYS A 47 13.06 5.25 -3.16
C LYS A 47 12.98 3.82 -3.78
N CYS A 48 12.15 2.91 -3.19
CA CYS A 48 12.08 1.49 -3.66
C CYS A 48 11.02 1.30 -4.78
N SER A 49 10.28 2.39 -5.10
CA SER A 49 9.31 2.48 -6.22
C SER A 49 8.22 1.38 -6.15
N VAL A 50 7.46 1.35 -5.04
CA VAL A 50 6.34 0.38 -4.85
C VAL A 50 5.03 1.12 -4.53
N TRP A 51 3.94 0.71 -5.20
CA TRP A 51 2.60 1.29 -5.05
C TRP A 51 1.90 0.71 -3.80
N GLN A 52 1.48 1.60 -2.88
CA GLN A 52 0.85 1.24 -1.61
C GLN A 52 -0.42 2.06 -1.37
N HIS A 53 -1.27 1.57 -0.45
CA HIS A 53 -2.53 2.25 -0.07
C HIS A 53 -2.28 3.24 1.07
N ILE A 54 -2.86 4.44 0.94
CA ILE A 54 -2.74 5.53 1.92
C ILE A 54 -3.32 5.10 3.28
N ASP A 55 -4.51 4.50 3.22
CA ASP A 55 -5.27 3.99 4.38
C ASP A 55 -4.47 2.89 5.13
N CYS A 56 -3.77 2.02 4.35
CA CYS A 56 -2.94 0.92 4.89
C CYS A 56 -1.81 1.45 5.77
N MET A 57 -1.15 2.53 5.30
CA MET A 57 0.00 3.13 6.01
C MET A 57 -0.46 3.99 7.23
N GLY A 58 -1.78 4.13 7.39
CA GLY A 58 -2.36 4.96 8.46
C GLY A 58 -2.28 6.45 8.17
N ILE A 59 -1.95 6.80 6.90
CA ILE A 59 -1.89 8.18 6.42
C ILE A 59 -3.29 8.62 5.97
N ASP A 60 -3.60 9.90 6.16
CA ASP A 60 -4.86 10.49 5.69
C ASP A 60 -4.79 10.69 4.16
N ARG A 61 -5.88 10.33 3.45
CA ARG A 61 -6.03 10.71 2.02
C ARG A 61 -6.24 12.23 1.89
N GLN A 62 -6.57 12.86 3.03
CA GLN A 62 -6.67 14.32 3.17
C GLN A 62 -5.26 14.95 3.26
N HIS A 63 -4.33 14.23 3.95
CA HIS A 63 -2.94 14.72 4.21
C HIS A 63 -1.93 13.72 3.60
N ILE A 64 -1.58 13.94 2.32
CA ILE A 64 -0.70 13.02 1.55
C ILE A 64 0.71 13.65 1.41
N PRO A 65 1.81 12.92 1.81
CA PRO A 65 3.20 13.44 1.64
C PRO A 65 3.66 13.36 0.17
N ASP A 66 4.59 14.26 -0.21
CA ASP A 66 5.15 14.33 -1.57
C ASP A 66 6.09 13.13 -1.84
N THR A 67 7.13 12.99 -1.00
CA THR A 67 8.11 11.90 -1.07
C THR A 67 7.79 10.85 -0.01
N TYR A 68 6.84 9.97 -0.34
CA TYR A 68 6.43 8.88 0.54
C TYR A 68 7.57 7.82 0.66
N LEU A 69 7.82 7.42 1.91
CA LEU A 69 8.65 6.25 2.24
C LEU A 69 7.77 5.22 2.95
N CYS A 70 7.99 3.95 2.65
CA CYS A 70 7.27 2.84 3.31
C CYS A 70 8.04 2.39 4.54
N GLU A 71 7.36 1.64 5.42
CA GLU A 71 7.87 1.06 6.69
C GLU A 71 9.31 0.50 6.65
N ARG A 72 9.70 -0.07 5.52
CA ARG A 72 11.03 -0.65 5.32
C ARG A 72 12.06 0.47 5.05
N CYS A 73 11.62 1.48 4.28
CA CYS A 73 12.44 2.68 3.97
C CYS A 73 12.41 3.70 5.14
N GLN A 74 11.45 3.54 6.07
CA GLN A 74 11.34 4.40 7.26
C GLN A 74 12.06 3.76 8.45
N PRO A 75 12.79 4.58 9.30
CA PRO A 75 13.39 4.09 10.56
C PRO A 75 12.35 3.51 11.55
N ARG A 76 11.07 3.87 11.35
CA ARG A 76 9.95 3.33 12.15
C ARG A 76 9.36 2.10 11.42
N ASN A 77 8.94 1.10 12.20
CA ASN A 77 8.22 -0.08 11.68
C ASN A 77 6.71 0.17 11.81
N LEU A 78 5.97 -0.01 10.71
CA LEU A 78 4.50 0.13 10.68
C LEU A 78 3.86 -1.26 10.85
N ASP A 79 2.63 -1.26 11.36
CA ASP A 79 1.86 -2.47 11.61
C ASP A 79 1.26 -3.03 10.30
N LYS A 80 2.06 -3.88 9.64
CA LYS A 80 1.71 -4.54 8.37
C LYS A 80 0.43 -5.37 8.50
N GLU A 81 0.32 -6.14 9.60
CA GLU A 81 -0.83 -7.06 9.83
C GLU A 81 -2.13 -6.27 9.94
N ARG A 82 -2.09 -5.10 10.62
CA ARG A 82 -3.26 -4.21 10.75
C ARG A 82 -3.73 -3.72 9.36
N ALA A 83 -2.75 -3.44 8.49
CA ALA A 83 -2.98 -3.02 7.09
C ALA A 83 -3.55 -4.17 6.23
N VAL A 84 -3.11 -5.41 6.54
CA VAL A 84 -3.64 -6.64 5.91
C VAL A 84 -5.10 -6.78 6.26
N LEU A 85 -5.40 -6.71 7.59
CA LEU A 85 -6.75 -6.90 8.16
C LEU A 85 -7.71 -5.80 7.68
N LEU A 86 -7.17 -4.60 7.42
CA LEU A 86 -7.96 -3.45 6.92
C LEU A 86 -8.51 -3.74 5.51
N GLN A 87 -7.60 -4.08 4.59
CA GLN A 87 -7.94 -4.39 3.18
C GLN A 87 -8.63 -5.76 3.05
N ARG A 88 -8.36 -6.65 4.03
CA ARG A 88 -8.94 -7.99 4.07
C ARG A 88 -10.42 -7.89 4.42
N ARG A 89 -10.74 -7.28 5.56
CA ARG A 89 -12.15 -7.13 6.03
C ARG A 89 -12.99 -6.35 5.00
N LYS A 90 -12.34 -5.44 4.26
CA LYS A 90 -12.98 -4.74 3.15
C LYS A 90 -13.37 -5.73 2.03
N ARG A 91 -12.37 -6.47 1.47
CA ARG A 91 -12.57 -7.36 0.31
C ARG A 91 -13.47 -8.57 0.66
N GLU A 92 -13.46 -9.00 1.94
CA GLU A 92 -14.28 -10.15 2.42
C GLU A 92 -15.76 -9.74 2.46
N ASN A 93 -16.02 -8.49 2.86
CA ASN A 93 -17.38 -7.94 3.00
C ASN A 93 -17.85 -7.23 1.70
N MET A 94 -17.08 -7.38 0.61
CA MET A 94 -17.52 -6.99 -0.75
C MET A 94 -18.46 -8.09 -1.29
N SER A 95 -19.74 -7.75 -1.50
CA SER A 95 -20.77 -8.65 -2.09
C SER A 95 -21.06 -9.90 -1.21
N ASP A 96 -20.71 -9.84 0.09
CA ASP A 96 -20.76 -11.01 0.99
C ASP A 96 -20.97 -10.56 2.45
N GLY A 97 -21.63 -11.44 3.24
CA GLY A 97 -21.91 -11.19 4.65
C GLY A 97 -22.44 -12.45 5.33
N ASP A 98 -23.79 -12.54 5.45
CA ASP A 98 -24.50 -13.75 5.93
C ASP A 98 -26.03 -13.56 5.68
N SER A 19 12.76 -8.89 -3.22
CA SER A 19 12.65 -9.78 -4.38
C SER A 19 11.58 -9.26 -5.36
N GLU A 20 11.79 -9.54 -6.67
CA GLU A 20 10.92 -9.12 -7.80
C GLU A 20 10.94 -7.58 -8.04
N ASP A 21 11.74 -6.85 -7.23
CA ASP A 21 11.86 -5.38 -7.29
C ASP A 21 12.94 -4.97 -8.32
N GLY A 22 13.99 -5.81 -8.43
CA GLY A 22 15.10 -5.57 -9.36
C GLY A 22 14.74 -5.92 -10.79
N SER A 23 13.95 -5.02 -11.41
CA SER A 23 13.38 -5.19 -12.76
C SER A 23 12.82 -3.85 -13.26
N TYR A 24 12.47 -3.80 -14.56
CA TYR A 24 11.78 -2.65 -15.16
C TYR A 24 10.36 -2.51 -14.56
N GLY A 25 10.11 -1.39 -13.87
CA GLY A 25 8.84 -1.14 -13.19
C GLY A 25 8.96 -0.08 -12.11
N THR A 26 9.06 1.20 -12.53
CA THR A 26 9.03 2.36 -11.60
C THR A 26 7.59 2.53 -11.05
N ASP A 27 6.61 2.02 -11.82
CA ASP A 27 5.21 1.92 -11.42
C ASP A 27 4.81 0.43 -11.37
N VAL A 28 4.81 -0.15 -10.17
CA VAL A 28 4.37 -1.53 -9.94
C VAL A 28 3.72 -1.62 -8.56
N THR A 29 2.46 -2.12 -8.50
CA THR A 29 1.72 -2.23 -7.25
C THR A 29 2.15 -3.49 -6.48
N ARG A 30 3.21 -3.32 -5.69
CA ARG A 30 3.63 -4.30 -4.69
C ARG A 30 3.33 -3.68 -3.32
N CYS A 31 2.04 -3.67 -3.00
CA CYS A 31 1.54 -3.22 -1.70
C CYS A 31 1.67 -4.37 -0.71
N ILE A 32 1.96 -4.05 0.56
CA ILE A 32 2.24 -5.05 1.61
C ILE A 32 1.04 -6.02 1.87
N CYS A 33 -0.19 -5.62 1.46
CA CYS A 33 -1.40 -6.48 1.61
C CYS A 33 -1.48 -7.56 0.51
N GLY A 34 -0.59 -7.46 -0.50
CA GLY A 34 -0.55 -8.41 -1.62
C GLY A 34 -1.73 -8.27 -2.58
N PHE A 35 -2.48 -7.16 -2.42
CA PHE A 35 -3.73 -6.91 -3.16
C PHE A 35 -3.61 -5.59 -3.93
N THR A 36 -4.23 -5.57 -5.13
CA THR A 36 -4.27 -4.40 -6.02
C THR A 36 -5.25 -3.33 -5.51
N HIS A 37 -5.37 -2.21 -6.26
CA HIS A 37 -6.17 -1.04 -5.85
C HIS A 37 -7.68 -1.37 -5.91
N ASP A 38 -8.41 -0.84 -4.92
CA ASP A 38 -9.88 -0.94 -4.83
C ASP A 38 -10.48 0.45 -4.55
N ASP A 39 -9.68 1.28 -3.85
CA ASP A 39 -10.09 2.60 -3.33
C ASP A 39 -10.05 3.67 -4.44
N GLY A 40 -8.86 3.81 -5.06
CA GLY A 40 -8.63 4.81 -6.10
C GLY A 40 -7.49 5.73 -5.77
N TYR A 41 -7.29 5.97 -4.45
CA TYR A 41 -6.28 6.91 -3.95
C TYR A 41 -5.08 6.11 -3.42
N MET A 42 -3.93 6.26 -4.09
CA MET A 42 -2.73 5.49 -3.79
C MET A 42 -1.50 6.41 -3.75
N ILE A 43 -0.44 5.90 -3.12
CA ILE A 43 0.89 6.51 -3.10
C ILE A 43 1.90 5.49 -3.63
N CYS A 44 3.15 5.91 -3.80
CA CYS A 44 4.26 5.02 -4.16
C CYS A 44 5.43 5.29 -3.20
N CYS A 45 5.99 4.21 -2.60
CA CYS A 45 7.23 4.31 -1.80
C CYS A 45 8.35 4.70 -2.75
N ASP A 46 8.78 5.97 -2.67
CA ASP A 46 9.73 6.59 -3.63
C ASP A 46 10.97 5.72 -3.88
N LYS A 47 11.59 5.23 -2.80
CA LYS A 47 12.83 4.43 -2.86
C LYS A 47 12.57 2.97 -3.37
N CYS A 48 11.42 2.37 -3.00
CA CYS A 48 11.04 1.00 -3.42
C CYS A 48 10.47 0.99 -4.85
N SER A 49 9.89 2.14 -5.25
CA SER A 49 9.21 2.34 -6.55
C SER A 49 7.93 1.45 -6.68
N VAL A 50 7.34 1.11 -5.52
CA VAL A 50 6.15 0.25 -5.45
C VAL A 50 4.93 1.03 -4.91
N TRP A 51 3.76 0.77 -5.51
CA TRP A 51 2.50 1.45 -5.18
C TRP A 51 1.78 0.74 -4.03
N GLN A 52 1.40 1.54 -3.02
CA GLN A 52 0.73 1.09 -1.79
C GLN A 52 -0.54 1.92 -1.55
N HIS A 53 -1.42 1.41 -0.66
CA HIS A 53 -2.71 2.05 -0.35
C HIS A 53 -2.56 3.08 0.78
N ILE A 54 -3.23 4.24 0.62
CA ILE A 54 -3.33 5.28 1.65
C ILE A 54 -4.11 4.73 2.87
N ASP A 55 -5.08 3.85 2.57
CA ASP A 55 -5.80 3.03 3.57
C ASP A 55 -4.79 2.25 4.45
N CYS A 56 -3.88 1.53 3.75
CA CYS A 56 -2.95 0.57 4.36
C CYS A 56 -2.02 1.21 5.40
N MET A 57 -1.36 2.33 5.06
CA MET A 57 -0.43 2.99 6.01
C MET A 57 -1.20 3.88 7.02
N GLY A 58 -2.53 4.00 6.82
CA GLY A 58 -3.41 4.77 7.72
C GLY A 58 -3.26 6.28 7.57
N ILE A 59 -2.90 6.71 6.35
CA ILE A 59 -2.68 8.13 6.00
C ILE A 59 -4.02 8.75 5.55
N ASP A 60 -4.14 10.09 5.63
CA ASP A 60 -5.27 10.83 5.02
C ASP A 60 -5.02 11.02 3.52
N ARG A 61 -6.10 11.02 2.73
CA ARG A 61 -6.03 11.26 1.27
C ARG A 61 -5.88 12.77 0.98
N GLN A 62 -6.19 13.60 1.99
CA GLN A 62 -5.98 15.07 1.94
C GLN A 62 -4.56 15.44 2.41
N HIS A 63 -4.04 14.68 3.39
CA HIS A 63 -2.70 14.92 3.96
C HIS A 63 -1.76 13.79 3.52
N ILE A 64 -1.14 13.97 2.34
CA ILE A 64 -0.23 12.97 1.74
C ILE A 64 1.23 13.45 1.88
N PRO A 65 2.17 12.62 2.44
CA PRO A 65 3.60 12.98 2.49
C PRO A 65 4.23 12.94 1.08
N ASP A 66 5.09 13.93 0.79
CA ASP A 66 5.77 14.07 -0.51
C ASP A 66 6.58 12.81 -0.86
N THR A 67 7.51 12.47 0.04
CA THR A 67 8.37 11.32 -0.10
C THR A 67 7.84 10.19 0.80
N TYR A 68 6.80 9.48 0.31
CA TYR A 68 6.25 8.33 1.01
C TYR A 68 7.30 7.20 1.11
N LEU A 69 7.41 6.65 2.32
CA LEU A 69 8.21 5.46 2.60
C LEU A 69 7.30 4.42 3.26
N CYS A 70 7.59 3.14 3.03
CA CYS A 70 6.87 2.02 3.69
C CYS A 70 7.50 1.76 5.08
N GLU A 71 6.93 0.78 5.82
CA GLU A 71 7.36 0.44 7.20
C GLU A 71 8.88 0.29 7.33
N ARG A 72 9.46 -0.44 6.38
CA ARG A 72 10.85 -0.94 6.44
C ARG A 72 11.85 0.19 6.11
N CYS A 73 11.39 1.21 5.37
CA CYS A 73 12.22 2.35 4.93
C CYS A 73 12.32 3.46 6.00
N GLN A 74 11.29 3.59 6.84
CA GLN A 74 11.25 4.59 7.93
C GLN A 74 11.97 4.07 9.20
N PRO A 75 12.63 4.97 10.02
CA PRO A 75 13.33 4.56 11.26
C PRO A 75 12.35 4.12 12.35
N ARG A 76 11.11 4.64 12.28
CA ARG A 76 10.00 4.20 13.12
C ARG A 76 9.39 2.92 12.52
N ASN A 77 8.91 2.02 13.37
CA ASN A 77 8.24 0.79 12.94
C ASN A 77 6.73 1.06 12.80
N LEU A 78 6.25 1.08 11.54
CA LEU A 78 4.82 1.20 11.20
C LEU A 78 4.16 -0.18 11.34
N ASP A 79 2.90 -0.34 10.89
CA ASP A 79 2.19 -1.62 11.00
C ASP A 79 1.83 -2.15 9.60
N LYS A 80 2.69 -3.05 9.09
CA LYS A 80 2.45 -3.81 7.86
C LYS A 80 1.25 -4.74 8.04
N GLU A 81 1.17 -5.40 9.22
CA GLU A 81 0.14 -6.41 9.50
C GLU A 81 -1.27 -5.80 9.43
N ARG A 82 -1.49 -4.69 10.16
CA ARG A 82 -2.79 -3.96 10.19
C ARG A 82 -3.13 -3.36 8.81
N ALA A 83 -2.10 -3.15 7.99
CA ALA A 83 -2.27 -2.71 6.59
C ALA A 83 -2.87 -3.85 5.73
N VAL A 84 -2.31 -5.07 5.90
CA VAL A 84 -2.85 -6.30 5.27
C VAL A 84 -4.27 -6.56 5.77
N LEU A 85 -4.44 -6.45 7.11
CA LEU A 85 -5.69 -6.74 7.81
C LEU A 85 -6.81 -5.82 7.34
N LEU A 86 -6.53 -4.51 7.23
CA LEU A 86 -7.54 -3.50 6.84
C LEU A 86 -8.06 -3.76 5.42
N GLN A 87 -7.13 -3.93 4.46
CA GLN A 87 -7.48 -4.12 3.04
C GLN A 87 -8.19 -5.46 2.79
N ARG A 88 -7.78 -6.53 3.49
CA ARG A 88 -8.39 -7.85 3.32
C ARG A 88 -9.81 -7.84 3.92
N ARG A 89 -9.96 -7.35 5.17
CA ARG A 89 -11.28 -7.31 5.87
C ARG A 89 -12.26 -6.35 5.16
N LYS A 90 -11.68 -5.32 4.50
CA LYS A 90 -12.43 -4.33 3.73
C LYS A 90 -13.20 -5.02 2.60
N ARG A 91 -12.48 -5.79 1.78
CA ARG A 91 -13.08 -6.52 0.65
C ARG A 91 -13.90 -7.73 1.13
N GLU A 92 -13.46 -8.41 2.23
CA GLU A 92 -14.16 -9.59 2.78
C GLU A 92 -15.51 -9.19 3.40
N ASN A 93 -15.65 -7.90 3.79
CA ASN A 93 -16.92 -7.34 4.27
C ASN A 93 -17.87 -7.07 3.09
N MET A 94 -17.28 -6.57 1.98
CA MET A 94 -18.02 -6.29 0.73
C MET A 94 -18.46 -7.58 0.02
N SER A 95 -17.78 -8.70 0.32
CA SER A 95 -18.07 -10.03 -0.25
C SER A 95 -18.41 -11.05 0.87
N ASP A 96 -18.96 -10.52 2.00
CA ASP A 96 -19.29 -11.32 3.19
C ASP A 96 -20.46 -12.30 2.93
N GLY A 97 -20.27 -13.56 3.36
CA GLY A 97 -21.29 -14.59 3.25
C GLY A 97 -20.73 -15.99 3.41
N ASP A 98 -19.54 -16.22 2.81
CA ASP A 98 -18.86 -17.53 2.84
C ASP A 98 -17.42 -17.36 3.41
N SER A 19 20.55 -12.01 -3.00
CA SER A 19 19.37 -11.18 -3.33
C SER A 19 19.01 -11.40 -4.81
N GLU A 20 17.89 -12.10 -5.07
CA GLU A 20 17.41 -12.36 -6.44
C GLU A 20 16.55 -11.18 -6.93
N ASP A 21 17.21 -10.24 -7.62
CA ASP A 21 16.58 -9.04 -8.20
C ASP A 21 16.15 -9.31 -9.66
N GLY A 22 15.50 -10.46 -9.89
CA GLY A 22 14.96 -10.83 -11.21
C GLY A 22 13.59 -10.21 -11.43
N SER A 23 13.53 -8.88 -11.31
CA SER A 23 12.30 -8.09 -11.39
C SER A 23 12.64 -6.66 -11.86
N TYR A 24 11.66 -6.01 -12.50
CA TYR A 24 11.81 -4.63 -13.03
C TYR A 24 10.47 -3.88 -12.91
N GLY A 25 10.41 -2.67 -13.51
CA GLY A 25 9.20 -1.85 -13.53
C GLY A 25 9.26 -0.71 -12.52
N THR A 26 8.98 0.51 -13.00
CA THR A 26 8.90 1.71 -12.15
C THR A 26 7.54 1.75 -11.44
N ASP A 27 6.45 1.76 -12.23
CA ASP A 27 5.08 1.64 -11.71
C ASP A 27 4.74 0.16 -11.53
N VAL A 28 5.24 -0.41 -10.43
CA VAL A 28 4.93 -1.79 -10.03
C VAL A 28 4.07 -1.75 -8.76
N THR A 29 2.81 -2.18 -8.88
CA THR A 29 1.85 -2.16 -7.77
C THR A 29 2.06 -3.41 -6.90
N ARG A 30 2.94 -3.26 -5.89
CA ARG A 30 3.22 -4.30 -4.91
C ARG A 30 3.01 -3.71 -3.52
N CYS A 31 1.74 -3.71 -3.09
CA CYS A 31 1.34 -3.26 -1.76
C CYS A 31 1.52 -4.41 -0.75
N ILE A 32 1.81 -4.05 0.50
CA ILE A 32 2.08 -5.00 1.60
C ILE A 32 0.84 -5.82 2.05
N CYS A 33 -0.36 -5.52 1.48
CA CYS A 33 -1.59 -6.33 1.73
C CYS A 33 -1.80 -7.39 0.61
N GLY A 34 -0.94 -7.37 -0.43
CA GLY A 34 -1.02 -8.31 -1.55
C GLY A 34 -2.23 -8.10 -2.45
N PHE A 35 -2.83 -6.90 -2.35
CA PHE A 35 -4.08 -6.54 -3.06
C PHE A 35 -3.91 -5.19 -3.77
N THR A 36 -4.45 -5.08 -5.00
CA THR A 36 -4.48 -3.83 -5.79
C THR A 36 -5.66 -2.96 -5.35
N HIS A 37 -5.85 -1.78 -5.97
CA HIS A 37 -6.88 -0.82 -5.53
C HIS A 37 -8.18 -0.95 -6.34
N ASP A 38 -9.30 -0.87 -5.62
CA ASP A 38 -10.62 -0.51 -6.17
C ASP A 38 -11.04 0.83 -5.57
N ASP A 39 -10.07 1.52 -4.93
CA ASP A 39 -10.27 2.70 -4.10
C ASP A 39 -9.88 3.96 -4.88
N GLY A 40 -8.59 4.02 -5.26
CA GLY A 40 -8.03 5.15 -6.00
C GLY A 40 -6.88 5.82 -5.26
N TYR A 41 -6.87 5.70 -3.92
CA TYR A 41 -5.88 6.40 -3.06
C TYR A 41 -4.63 5.52 -2.87
N MET A 42 -3.64 5.74 -3.77
CA MET A 42 -2.36 5.01 -3.76
C MET A 42 -1.19 6.00 -3.93
N ILE A 43 -0.01 5.60 -3.43
CA ILE A 43 1.23 6.38 -3.46
C ILE A 43 2.41 5.48 -3.83
N CYS A 44 3.45 6.04 -4.46
CA CYS A 44 4.70 5.33 -4.79
C CYS A 44 5.75 5.64 -3.71
N CYS A 45 6.36 4.58 -3.12
CA CYS A 45 7.49 4.75 -2.19
C CYS A 45 8.72 5.09 -3.03
N ASP A 46 9.18 6.35 -2.98
CA ASP A 46 10.19 6.91 -3.92
C ASP A 46 11.44 6.02 -4.09
N LYS A 47 11.90 5.43 -2.98
CA LYS A 47 13.12 4.60 -2.93
C LYS A 47 12.81 3.10 -3.31
N CYS A 48 11.63 2.58 -2.92
CA CYS A 48 11.20 1.18 -3.24
C CYS A 48 10.64 1.07 -4.68
N SER A 49 10.15 2.21 -5.19
CA SER A 49 9.44 2.36 -6.49
C SER A 49 8.01 1.72 -6.50
N VAL A 50 7.66 0.89 -5.49
CA VAL A 50 6.39 0.13 -5.46
C VAL A 50 5.21 1.00 -5.00
N TRP A 51 4.00 0.67 -5.52
CA TRP A 51 2.74 1.37 -5.18
C TRP A 51 2.00 0.65 -4.04
N GLN A 52 1.66 1.42 -2.98
CA GLN A 52 0.99 0.94 -1.77
C GLN A 52 -0.24 1.82 -1.49
N HIS A 53 -1.18 1.35 -0.63
CA HIS A 53 -2.40 2.10 -0.28
C HIS A 53 -2.10 3.10 0.86
N ILE A 54 -2.68 4.32 0.74
CA ILE A 54 -2.52 5.41 1.74
C ILE A 54 -3.03 4.96 3.13
N ASP A 55 -4.22 4.34 3.09
CA ASP A 55 -4.90 3.80 4.28
C ASP A 55 -4.08 2.65 4.92
N CYS A 56 -3.44 1.82 4.07
CA CYS A 56 -2.63 0.66 4.50
C CYS A 56 -1.48 1.08 5.42
N MET A 57 -0.77 2.18 5.05
CA MET A 57 0.37 2.66 5.86
C MET A 57 -0.12 3.55 7.04
N GLY A 58 -1.46 3.76 7.12
CA GLY A 58 -2.07 4.56 8.18
C GLY A 58 -1.96 6.06 7.93
N ILE A 59 -1.60 6.43 6.71
CA ILE A 59 -1.46 7.84 6.27
C ILE A 59 -2.84 8.42 5.98
N ASP A 60 -3.02 9.72 6.25
CA ASP A 60 -4.26 10.45 5.97
C ASP A 60 -4.41 10.63 4.45
N ARG A 61 -5.62 10.35 3.93
CA ARG A 61 -5.96 10.60 2.52
C ARG A 61 -6.02 12.12 2.22
N GLN A 62 -6.12 12.94 3.28
CA GLN A 62 -6.03 14.41 3.19
C GLN A 62 -4.55 14.88 3.21
N HIS A 63 -3.73 14.22 4.03
CA HIS A 63 -2.31 14.60 4.25
C HIS A 63 -1.39 13.54 3.61
N ILE A 64 -1.08 13.76 2.32
CA ILE A 64 -0.33 12.81 1.48
C ILE A 64 1.12 13.31 1.26
N PRO A 65 2.18 12.49 1.55
CA PRO A 65 3.57 12.83 1.19
C PRO A 65 3.87 12.47 -0.29
N ASP A 66 4.56 13.37 -1.01
CA ASP A 66 5.04 13.11 -2.38
C ASP A 66 6.16 12.07 -2.36
N THR A 67 7.11 12.25 -1.43
CA THR A 67 8.19 11.29 -1.19
C THR A 67 7.75 10.34 -0.07
N TYR A 68 6.82 9.44 -0.43
CA TYR A 68 6.30 8.42 0.47
C TYR A 68 7.41 7.43 0.86
N LEU A 69 7.54 7.22 2.17
CA LEU A 69 8.40 6.18 2.74
C LEU A 69 7.52 5.19 3.49
N CYS A 70 7.66 3.90 3.18
CA CYS A 70 6.84 2.83 3.75
C CYS A 70 7.43 2.34 5.09
N GLU A 71 6.89 1.20 5.59
CA GLU A 71 7.24 0.57 6.88
C GLU A 71 8.74 0.66 7.25
N ARG A 72 9.60 0.16 6.36
CA ARG A 72 11.03 -0.05 6.65
C ARG A 72 11.83 1.24 6.37
N CYS A 73 11.23 2.13 5.57
CA CYS A 73 11.85 3.41 5.18
C CYS A 73 11.52 4.53 6.19
N GLN A 74 10.52 4.30 7.08
CA GLN A 74 10.24 5.17 8.24
C GLN A 74 10.53 4.37 9.54
N PRO A 75 11.51 4.83 10.40
CA PRO A 75 11.89 4.14 11.67
C PRO A 75 10.72 3.98 12.67
N ARG A 76 9.73 4.88 12.57
CA ARG A 76 8.48 4.87 13.39
C ARG A 76 7.68 3.55 13.18
N ASN A 77 6.85 3.17 14.18
CA ASN A 77 6.07 1.91 14.13
C ASN A 77 5.04 1.94 12.98
N LEU A 78 5.30 1.12 11.96
CA LEU A 78 4.38 0.84 10.86
C LEU A 78 4.31 -0.69 10.71
N ASP A 79 3.14 -1.22 10.32
CA ASP A 79 2.90 -2.67 10.24
C ASP A 79 2.30 -3.07 8.90
N LYS A 80 2.99 -4.01 8.24
CA LYS A 80 2.46 -4.77 7.10
C LYS A 80 1.23 -5.57 7.55
N GLU A 81 1.33 -6.16 8.76
CA GLU A 81 0.28 -7.02 9.35
C GLU A 81 -1.06 -6.29 9.41
N ARG A 82 -1.05 -5.09 10.01
CA ARG A 82 -2.27 -4.27 10.23
C ARG A 82 -2.79 -3.68 8.90
N ALA A 83 -1.89 -3.56 7.92
CA ALA A 83 -2.23 -3.14 6.54
C ALA A 83 -3.01 -4.25 5.81
N VAL A 84 -2.60 -5.51 6.06
CA VAL A 84 -3.33 -6.71 5.58
C VAL A 84 -4.71 -6.77 6.26
N LEU A 85 -4.74 -6.56 7.59
CA LEU A 85 -5.96 -6.63 8.42
C LEU A 85 -7.03 -5.64 7.94
N LEU A 86 -6.59 -4.44 7.56
CA LEU A 86 -7.45 -3.37 7.04
C LEU A 86 -8.08 -3.78 5.70
N GLN A 87 -7.21 -4.18 4.75
CA GLN A 87 -7.62 -4.53 3.37
C GLN A 87 -8.38 -5.86 3.28
N ARG A 88 -8.14 -6.79 4.23
CA ARG A 88 -8.81 -8.11 4.22
C ARG A 88 -10.28 -7.93 4.61
N ARG A 89 -10.52 -7.18 5.72
CA ARG A 89 -11.89 -6.96 6.23
C ARG A 89 -12.69 -6.07 5.26
N LYS A 90 -11.95 -5.25 4.50
CA LYS A 90 -12.49 -4.41 3.41
C LYS A 90 -13.10 -5.28 2.30
N ARG A 91 -12.33 -6.27 1.78
CA ARG A 91 -12.78 -7.12 0.66
C ARG A 91 -13.71 -8.27 1.12
N GLU A 92 -13.67 -8.62 2.42
CA GLU A 92 -14.58 -9.62 3.03
C GLU A 92 -15.95 -8.97 3.30
N ASN A 93 -15.92 -7.66 3.60
CA ASN A 93 -17.14 -6.83 3.76
C ASN A 93 -17.87 -6.73 2.41
N MET A 94 -17.08 -6.69 1.31
CA MET A 94 -17.61 -6.75 -0.06
C MET A 94 -18.29 -8.11 -0.32
N SER A 95 -17.53 -9.21 -0.12
CA SER A 95 -18.05 -10.58 -0.31
C SER A 95 -17.20 -11.59 0.46
N ASP A 96 -17.89 -12.60 1.05
CA ASP A 96 -17.24 -13.76 1.68
C ASP A 96 -16.84 -14.76 0.59
N GLY A 97 -15.56 -14.71 0.18
CA GLY A 97 -15.06 -15.59 -0.87
C GLY A 97 -13.54 -15.54 -0.98
N ASP A 98 -13.01 -16.21 -2.01
CA ASP A 98 -11.56 -16.27 -2.28
C ASP A 98 -11.33 -16.34 -3.81
N SER A 19 16.54 -6.67 -5.06
CA SER A 19 16.49 -6.92 -6.50
C SER A 19 15.17 -6.38 -7.09
N GLU A 20 14.06 -7.16 -6.98
CA GLU A 20 12.73 -6.70 -7.44
C GLU A 20 11.81 -6.55 -6.21
N ASP A 21 12.39 -5.91 -5.18
CA ASP A 21 11.67 -5.36 -4.01
C ASP A 21 10.79 -4.17 -4.46
N GLY A 22 11.19 -3.58 -5.59
CA GLY A 22 10.47 -2.50 -6.22
C GLY A 22 11.32 -1.85 -7.29
N SER A 23 11.07 -2.22 -8.55
CA SER A 23 11.76 -1.62 -9.71
C SER A 23 11.22 -0.20 -9.98
N TYR A 24 12.13 0.78 -10.11
CA TYR A 24 11.79 2.22 -10.20
C TYR A 24 11.07 2.56 -11.53
N GLY A 25 11.48 1.88 -12.61
CA GLY A 25 10.92 2.12 -13.96
C GLY A 25 9.55 1.45 -14.18
N THR A 26 8.96 0.90 -13.12
CA THR A 26 7.60 0.30 -13.14
C THR A 26 6.84 0.74 -11.88
N ASP A 27 5.55 1.09 -12.05
CA ASP A 27 4.64 1.39 -10.92
C ASP A 27 4.10 0.08 -10.34
N VAL A 28 5.02 -0.73 -9.78
CA VAL A 28 4.73 -2.08 -9.29
C VAL A 28 4.16 -1.99 -7.86
N THR A 29 2.87 -2.32 -7.72
CA THR A 29 2.13 -2.11 -6.46
C THR A 29 2.44 -3.25 -5.46
N ARG A 30 3.48 -3.02 -4.64
CA ARG A 30 3.90 -3.96 -3.58
C ARG A 30 3.58 -3.35 -2.22
N CYS A 31 2.29 -3.44 -1.87
CA CYS A 31 1.76 -2.95 -0.59
C CYS A 31 1.91 -4.00 0.51
N ILE A 32 2.09 -3.54 1.78
CA ILE A 32 2.34 -4.44 2.93
C ILE A 32 1.11 -5.33 3.29
N CYS A 33 -0.07 -5.04 2.69
CA CYS A 33 -1.28 -5.88 2.86
C CYS A 33 -1.31 -7.06 1.86
N GLY A 34 -0.35 -7.07 0.91
CA GLY A 34 -0.28 -8.10 -0.13
C GLY A 34 -1.44 -7.99 -1.14
N PHE A 35 -1.96 -6.76 -1.29
CA PHE A 35 -3.11 -6.45 -2.16
C PHE A 35 -2.75 -5.25 -3.04
N THR A 36 -3.15 -5.32 -4.33
CA THR A 36 -2.85 -4.29 -5.35
C THR A 36 -3.86 -3.13 -5.29
N HIS A 37 -3.68 -2.15 -6.21
CA HIS A 37 -4.52 -0.94 -6.29
C HIS A 37 -6.01 -1.29 -6.47
N ASP A 38 -6.83 -0.71 -5.58
CA ASP A 38 -8.29 -0.91 -5.57
C ASP A 38 -8.99 0.39 -5.17
N ASP A 39 -8.36 1.11 -4.22
CA ASP A 39 -8.98 2.26 -3.56
C ASP A 39 -9.15 3.46 -4.52
N GLY A 40 -8.03 3.94 -5.06
CA GLY A 40 -8.01 5.15 -5.90
C GLY A 40 -7.12 6.22 -5.30
N TYR A 41 -7.08 6.24 -3.94
CA TYR A 41 -6.21 7.14 -3.17
C TYR A 41 -5.06 6.32 -2.59
N MET A 42 -3.92 6.33 -3.32
CA MET A 42 -2.69 5.62 -2.89
C MET A 42 -1.45 6.48 -3.19
N ILE A 43 -0.29 6.05 -2.64
CA ILE A 43 0.99 6.76 -2.76
C ILE A 43 2.11 5.79 -3.20
N CYS A 44 2.93 6.23 -4.15
CA CYS A 44 4.15 5.51 -4.57
C CYS A 44 5.29 5.77 -3.57
N CYS A 45 6.08 4.73 -3.26
CA CYS A 45 7.33 4.88 -2.49
C CYS A 45 8.38 5.47 -3.42
N ASP A 46 8.90 6.67 -3.12
CA ASP A 46 9.90 7.38 -3.95
C ASP A 46 11.08 6.47 -4.34
N LYS A 47 11.59 5.72 -3.36
CA LYS A 47 12.74 4.82 -3.54
C LYS A 47 12.36 3.59 -4.43
N CYS A 48 11.29 2.88 -4.06
CA CYS A 48 10.96 1.55 -4.66
C CYS A 48 9.96 1.67 -5.85
N SER A 49 9.35 2.83 -6.02
CA SER A 49 8.21 3.06 -6.95
C SER A 49 6.99 2.14 -6.63
N VAL A 50 6.95 1.57 -5.39
CA VAL A 50 5.87 0.64 -4.98
C VAL A 50 4.68 1.41 -4.37
N TRP A 51 3.53 1.26 -5.02
CA TRP A 51 2.28 1.91 -4.60
C TRP A 51 1.67 1.15 -3.41
N GLN A 52 1.26 1.92 -2.38
CA GLN A 52 0.64 1.38 -1.17
C GLN A 52 -0.60 2.23 -0.80
N HIS A 53 -1.64 1.57 -0.25
CA HIS A 53 -2.87 2.23 0.17
C HIS A 53 -2.59 3.26 1.29
N ILE A 54 -3.12 4.49 1.10
CA ILE A 54 -3.13 5.56 2.12
C ILE A 54 -3.73 5.05 3.46
N ASP A 55 -4.76 4.21 3.35
CA ASP A 55 -5.41 3.51 4.48
C ASP A 55 -4.39 2.66 5.28
N CYS A 56 -3.56 1.92 4.54
CA CYS A 56 -2.66 0.88 5.08
C CYS A 56 -1.54 1.46 5.94
N MET A 57 -0.89 2.54 5.46
CA MET A 57 0.25 3.16 6.19
C MET A 57 -0.27 4.14 7.28
N GLY A 58 -1.61 4.32 7.31
CA GLY A 58 -2.25 5.22 8.28
C GLY A 58 -2.21 6.69 7.86
N ILE A 59 -1.88 6.93 6.58
CA ILE A 59 -1.73 8.27 6.00
C ILE A 59 -3.13 8.92 5.81
N ASP A 60 -3.18 10.25 5.82
CA ASP A 60 -4.40 11.01 5.51
C ASP A 60 -4.46 11.32 4.00
N ARG A 61 -5.68 11.30 3.44
CA ARG A 61 -5.93 11.71 2.04
C ARG A 61 -5.85 13.24 1.92
N GLN A 62 -6.00 13.90 3.07
CA GLN A 62 -5.86 15.36 3.22
C GLN A 62 -4.38 15.76 3.30
N HIS A 63 -3.58 14.89 3.96
CA HIS A 63 -2.16 15.15 4.26
C HIS A 63 -1.32 14.04 3.61
N ILE A 64 -0.93 14.26 2.35
CA ILE A 64 -0.17 13.27 1.55
C ILE A 64 1.30 13.72 1.41
N PRO A 65 2.30 12.86 1.78
CA PRO A 65 3.72 13.13 1.50
C PRO A 65 4.08 12.78 0.03
N ASP A 66 4.90 13.64 -0.59
CA ASP A 66 5.38 13.43 -1.98
C ASP A 66 6.33 12.23 -2.02
N THR A 67 7.36 12.30 -1.16
CA THR A 67 8.41 11.28 -1.09
C THR A 67 8.06 10.28 0.02
N TYR A 68 7.03 9.47 -0.27
CA TYR A 68 6.60 8.37 0.60
C TYR A 68 7.69 7.29 0.70
N LEU A 69 7.88 6.76 1.91
CA LEU A 69 8.73 5.59 2.16
C LEU A 69 7.86 4.46 2.72
N CYS A 70 7.97 3.28 2.10
CA CYS A 70 7.23 2.08 2.55
C CYS A 70 7.82 1.56 3.88
N GLU A 71 7.10 0.66 4.57
CA GLU A 71 7.47 0.16 5.91
C GLU A 71 8.93 -0.36 6.00
N ARG A 72 9.47 -0.91 4.89
CA ARG A 72 10.83 -1.47 4.85
C ARG A 72 11.87 -0.34 4.80
N CYS A 73 11.50 0.77 4.13
CA CYS A 73 12.36 1.96 4.01
C CYS A 73 12.36 2.80 5.30
N GLN A 74 11.15 3.21 5.73
CA GLN A 74 10.96 4.19 6.79
C GLN A 74 11.23 3.56 8.18
N PRO A 75 12.18 4.16 8.99
CA PRO A 75 12.61 3.62 10.33
C PRO A 75 11.45 3.29 11.30
N ARG A 76 10.34 4.03 11.19
CA ARG A 76 9.15 3.78 12.00
C ARG A 76 8.47 2.48 11.56
N ASN A 77 8.03 1.66 12.54
CA ASN A 77 7.25 0.46 12.25
C ASN A 77 5.78 0.84 12.12
N LEU A 78 5.26 0.73 10.89
CA LEU A 78 3.84 0.94 10.58
C LEU A 78 3.06 -0.34 10.95
N ASP A 79 1.71 -0.28 10.87
CA ASP A 79 0.89 -1.45 11.23
C ASP A 79 0.64 -2.27 9.96
N LYS A 80 1.58 -3.19 9.66
CA LYS A 80 1.45 -4.15 8.55
C LYS A 80 0.24 -5.06 8.80
N GLU A 81 0.06 -5.49 10.06
CA GLU A 81 -1.01 -6.41 10.47
C GLU A 81 -2.40 -5.81 10.16
N ARG A 82 -2.67 -4.63 10.73
CA ARG A 82 -3.97 -3.93 10.54
C ARG A 82 -4.17 -3.49 9.08
N ALA A 83 -3.06 -3.31 8.34
CA ALA A 83 -3.10 -3.03 6.90
C ALA A 83 -3.64 -4.24 6.12
N VAL A 84 -3.12 -5.43 6.46
CA VAL A 84 -3.56 -6.71 5.86
C VAL A 84 -5.05 -6.93 6.18
N LEU A 85 -5.38 -6.85 7.47
CA LEU A 85 -6.73 -7.09 7.99
C LEU A 85 -7.77 -6.14 7.36
N LEU A 86 -7.42 -4.87 7.19
CA LEU A 86 -8.33 -3.82 6.67
C LEU A 86 -8.71 -4.10 5.19
N GLN A 87 -7.70 -4.24 4.34
CA GLN A 87 -7.88 -4.41 2.88
C GLN A 87 -8.50 -5.79 2.56
N ARG A 88 -8.10 -6.79 3.36
CA ARG A 88 -8.63 -8.16 3.25
C ARG A 88 -10.12 -8.16 3.61
N ARG A 89 -10.47 -7.77 4.85
CA ARG A 89 -11.86 -7.84 5.37
C ARG A 89 -12.82 -7.02 4.49
N LYS A 90 -12.30 -5.98 3.85
CA LYS A 90 -13.05 -5.18 2.88
C LYS A 90 -13.49 -6.07 1.69
N ARG A 91 -12.52 -6.80 1.08
CA ARG A 91 -12.80 -7.68 -0.08
C ARG A 91 -13.51 -8.99 0.33
N GLU A 92 -13.46 -9.37 1.62
CA GLU A 92 -14.18 -10.58 2.12
C GLU A 92 -15.66 -10.24 2.41
N ASN A 93 -15.84 -9.23 3.28
CA ASN A 93 -17.13 -8.87 3.89
C ASN A 93 -18.11 -8.22 2.88
N MET A 94 -17.57 -7.67 1.78
CA MET A 94 -18.40 -7.14 0.66
C MET A 94 -19.22 -8.27 0.01
N SER A 95 -18.64 -9.49 -0.01
CA SER A 95 -19.31 -10.69 -0.51
C SER A 95 -19.64 -11.61 0.69
N ASP A 96 -20.70 -11.23 1.41
CA ASP A 96 -21.21 -12.00 2.57
C ASP A 96 -22.15 -13.11 2.05
N GLY A 97 -21.73 -14.38 2.24
CA GLY A 97 -22.49 -15.53 1.78
C GLY A 97 -21.91 -16.83 2.31
N ASP A 98 -20.74 -17.22 1.77
CA ASP A 98 -20.03 -18.44 2.19
C ASP A 98 -19.18 -18.13 3.45
N SER A 19 15.62 -9.46 -29.88
CA SER A 19 14.68 -9.20 -28.76
C SER A 19 15.46 -8.89 -27.47
N GLU A 20 15.43 -7.60 -27.06
CA GLU A 20 16.13 -7.11 -25.86
C GLU A 20 15.38 -5.83 -25.40
N ASP A 21 14.72 -5.92 -24.23
CA ASP A 21 13.81 -4.86 -23.71
C ASP A 21 14.48 -4.00 -22.62
N GLY A 22 15.58 -4.50 -22.04
CA GLY A 22 16.31 -3.78 -21.00
C GLY A 22 15.59 -3.76 -19.65
N SER A 23 15.35 -2.55 -19.09
CA SER A 23 14.68 -2.38 -17.79
C SER A 23 13.48 -1.42 -17.95
N TYR A 24 12.27 -1.93 -17.66
CA TYR A 24 11.01 -1.15 -17.73
C TYR A 24 10.00 -1.72 -16.71
N GLY A 25 8.97 -0.93 -16.36
CA GLY A 25 7.93 -1.35 -15.42
C GLY A 25 8.26 -0.96 -14.00
N THR A 26 8.68 0.31 -13.84
CA THR A 26 9.04 0.90 -12.54
C THR A 26 7.80 0.97 -11.61
N ASP A 27 6.66 1.36 -12.21
CA ASP A 27 5.36 1.42 -11.52
C ASP A 27 4.80 0.01 -11.35
N VAL A 28 5.04 -0.57 -10.17
CA VAL A 28 4.50 -1.90 -9.77
C VAL A 28 3.83 -1.77 -8.40
N THR A 29 2.56 -2.20 -8.31
CA THR A 29 1.80 -2.16 -7.06
C THR A 29 2.17 -3.38 -6.18
N ARG A 30 3.18 -3.19 -5.31
CA ARG A 30 3.58 -4.19 -4.30
C ARG A 30 3.28 -3.60 -2.92
N CYS A 31 1.99 -3.65 -2.59
CA CYS A 31 1.46 -3.15 -1.33
C CYS A 31 1.55 -4.23 -0.23
N ILE A 32 1.76 -3.80 1.02
CA ILE A 32 1.96 -4.70 2.19
C ILE A 32 0.69 -5.52 2.58
N CYS A 33 -0.50 -5.10 2.07
CA CYS A 33 -1.76 -5.88 2.29
C CYS A 33 -1.80 -7.12 1.36
N GLY A 34 -0.90 -7.15 0.35
CA GLY A 34 -0.85 -8.25 -0.63
C GLY A 34 -2.01 -8.22 -1.61
N PHE A 35 -2.72 -7.09 -1.66
CA PHE A 35 -3.92 -6.89 -2.47
C PHE A 35 -3.69 -5.73 -3.44
N THR A 36 -4.17 -5.89 -4.68
CA THR A 36 -4.13 -4.86 -5.72
C THR A 36 -5.17 -3.75 -5.46
N HIS A 37 -5.26 -2.77 -6.40
CA HIS A 37 -6.19 -1.62 -6.35
C HIS A 37 -7.59 -1.99 -5.80
N ASP A 38 -7.92 -1.44 -4.62
CA ASP A 38 -9.24 -1.55 -3.99
C ASP A 38 -9.96 -0.19 -4.01
N ASP A 39 -9.16 0.88 -3.86
CA ASP A 39 -9.64 2.24 -3.53
C ASP A 39 -9.47 3.21 -4.72
N GLY A 40 -8.20 3.52 -5.07
CA GLY A 40 -7.88 4.43 -6.17
C GLY A 40 -6.86 5.50 -5.80
N TYR A 41 -6.88 5.89 -4.51
CA TYR A 41 -5.99 6.92 -3.98
C TYR A 41 -4.74 6.22 -3.43
N MET A 42 -3.64 6.33 -4.18
CA MET A 42 -2.42 5.57 -3.92
C MET A 42 -1.18 6.47 -4.02
N ILE A 43 -0.07 6.00 -3.44
CA ILE A 43 1.22 6.71 -3.42
C ILE A 43 2.34 5.72 -3.84
N CYS A 44 3.45 6.26 -4.35
CA CYS A 44 4.65 5.47 -4.69
C CYS A 44 5.76 5.77 -3.67
N CYS A 45 6.46 4.71 -3.21
CA CYS A 45 7.70 4.85 -2.41
C CYS A 45 8.81 5.25 -3.35
N ASP A 46 9.35 6.48 -3.22
CA ASP A 46 10.35 7.05 -4.19
C ASP A 46 11.50 6.06 -4.48
N LYS A 47 12.16 5.60 -3.41
CA LYS A 47 13.30 4.66 -3.49
C LYS A 47 12.95 3.34 -4.23
N CYS A 48 11.79 2.77 -3.89
CA CYS A 48 11.38 1.44 -4.38
C CYS A 48 10.61 1.51 -5.71
N SER A 49 10.00 2.68 -5.97
CA SER A 49 9.06 2.95 -7.09
C SER A 49 7.78 2.06 -7.03
N VAL A 50 7.56 1.38 -5.86
CA VAL A 50 6.39 0.51 -5.67
C VAL A 50 5.19 1.32 -5.15
N TRP A 51 4.02 1.04 -5.73
CA TRP A 51 2.77 1.69 -5.39
C TRP A 51 2.04 0.93 -4.27
N GLN A 52 1.62 1.67 -3.24
CA GLN A 52 0.87 1.15 -2.10
C GLN A 52 -0.34 2.05 -1.82
N HIS A 53 -1.32 1.54 -1.07
CA HIS A 53 -2.57 2.27 -0.76
C HIS A 53 -2.35 3.21 0.44
N ILE A 54 -2.96 4.42 0.36
CA ILE A 54 -2.84 5.49 1.38
C ILE A 54 -3.35 5.00 2.76
N ASP A 55 -4.54 4.39 2.76
CA ASP A 55 -5.20 3.88 3.98
C ASP A 55 -4.47 2.67 4.58
N CYS A 56 -3.62 2.01 3.75
CA CYS A 56 -2.80 0.87 4.19
C CYS A 56 -1.65 1.34 5.09
N MET A 57 -0.94 2.42 4.69
CA MET A 57 0.13 2.99 5.56
C MET A 57 -0.48 3.77 6.74
N GLY A 58 -1.82 3.94 6.71
CA GLY A 58 -2.55 4.70 7.73
C GLY A 58 -2.44 6.20 7.53
N ILE A 59 -2.08 6.61 6.28
CA ILE A 59 -1.98 8.03 5.90
C ILE A 59 -3.39 8.62 5.72
N ASP A 60 -3.57 9.88 6.13
CA ASP A 60 -4.81 10.64 5.86
C ASP A 60 -4.73 11.23 4.45
N ARG A 61 -5.86 11.17 3.71
CA ARG A 61 -5.98 11.76 2.36
C ARG A 61 -5.89 13.31 2.43
N GLN A 62 -6.16 13.84 3.64
CA GLN A 62 -6.10 15.28 3.94
C GLN A 62 -4.63 15.77 4.02
N HIS A 63 -3.76 14.91 4.58
CA HIS A 63 -2.33 15.22 4.80
C HIS A 63 -1.47 14.03 4.31
N ILE A 64 -1.10 14.07 3.03
CA ILE A 64 -0.29 13.02 2.39
C ILE A 64 1.18 13.49 2.32
N PRO A 65 2.17 12.73 2.90
CA PRO A 65 3.59 13.10 2.80
C PRO A 65 4.10 12.89 1.36
N ASP A 66 4.90 13.86 0.88
CA ASP A 66 5.46 13.85 -0.48
C ASP A 66 6.35 12.62 -0.69
N THR A 67 7.33 12.44 0.22
CA THR A 67 8.26 11.32 0.20
C THR A 67 7.73 10.17 1.05
N TYR A 68 6.82 9.38 0.45
CA TYR A 68 6.36 8.12 1.04
C TYR A 68 7.52 7.12 1.05
N LEU A 69 7.79 6.58 2.24
CA LEU A 69 8.73 5.48 2.44
C LEU A 69 7.98 4.31 3.10
N CYS A 70 8.20 3.10 2.58
CA CYS A 70 7.48 1.89 3.05
C CYS A 70 8.13 1.32 4.34
N GLU A 71 7.63 0.15 4.79
CA GLU A 71 7.86 -0.41 6.17
C GLU A 71 9.32 -0.26 6.69
N ARG A 72 10.29 -0.69 5.87
CA ARG A 72 11.71 -0.81 6.27
C ARG A 72 12.53 0.43 5.85
N CYS A 73 11.97 1.22 4.91
CA CYS A 73 12.60 2.48 4.45
C CYS A 73 12.57 3.55 5.56
N GLN A 74 11.53 3.51 6.42
CA GLN A 74 11.40 4.41 7.58
C GLN A 74 11.93 3.76 8.87
N PRO A 75 12.73 4.51 9.70
CA PRO A 75 13.16 4.06 11.06
C PRO A 75 11.97 3.81 12.04
N ARG A 76 10.79 4.39 11.71
CA ARG A 76 9.57 4.23 12.54
C ARG A 76 8.92 2.84 12.33
N ASN A 77 7.95 2.50 13.19
CA ASN A 77 7.19 1.24 13.09
C ASN A 77 5.91 1.50 12.28
N LEU A 78 5.82 0.95 11.05
CA LEU A 78 4.61 1.08 10.20
C LEU A 78 3.65 -0.09 10.48
N ASP A 79 2.35 0.25 10.59
CA ASP A 79 1.29 -0.74 10.81
C ASP A 79 0.94 -1.48 9.52
N LYS A 80 1.75 -2.50 9.20
CA LYS A 80 1.47 -3.45 8.10
C LYS A 80 0.25 -4.30 8.47
N GLU A 81 0.14 -4.63 9.77
CA GLU A 81 -0.93 -5.49 10.30
C GLU A 81 -2.32 -4.88 10.01
N ARG A 82 -2.49 -3.58 10.33
CA ARG A 82 -3.79 -2.88 10.15
C ARG A 82 -4.12 -2.78 8.66
N ALA A 83 -3.06 -2.63 7.83
CA ALA A 83 -3.17 -2.57 6.36
C ALA A 83 -3.76 -3.86 5.78
N VAL A 84 -3.19 -5.00 6.23
CA VAL A 84 -3.63 -6.34 5.81
C VAL A 84 -5.07 -6.54 6.26
N LEU A 85 -5.31 -6.43 7.58
CA LEU A 85 -6.65 -6.62 8.21
C LEU A 85 -7.73 -5.76 7.55
N LEU A 86 -7.38 -4.51 7.19
CA LEU A 86 -8.33 -3.51 6.63
C LEU A 86 -8.88 -3.96 5.27
N GLN A 87 -7.96 -4.27 4.34
CA GLN A 87 -8.32 -4.62 2.95
C GLN A 87 -8.75 -6.08 2.81
N ARG A 88 -8.28 -6.91 3.74
CA ARG A 88 -8.68 -8.31 3.87
C ARG A 88 -10.17 -8.37 4.30
N ARG A 89 -10.50 -7.65 5.41
CA ARG A 89 -11.89 -7.61 5.94
C ARG A 89 -12.83 -6.88 4.98
N LYS A 90 -12.26 -5.94 4.19
CA LYS A 90 -13.00 -5.19 3.17
C LYS A 90 -13.61 -6.15 2.14
N ARG A 91 -12.73 -6.91 1.45
CA ARG A 91 -13.09 -7.75 0.30
C ARG A 91 -13.80 -9.04 0.72
N GLU A 92 -13.52 -9.55 1.94
CA GLU A 92 -14.14 -10.80 2.44
C GLU A 92 -15.57 -10.52 2.93
N ASN A 93 -15.80 -9.30 3.45
CA ASN A 93 -17.14 -8.82 3.87
C ASN A 93 -18.00 -8.54 2.64
N MET A 94 -17.37 -7.93 1.62
CA MET A 94 -17.98 -7.73 0.31
C MET A 94 -18.27 -9.09 -0.34
N SER A 95 -19.55 -9.32 -0.67
CA SER A 95 -19.99 -10.55 -1.36
C SER A 95 -19.95 -10.32 -2.89
N ASP A 96 -18.81 -9.75 -3.36
CA ASP A 96 -18.59 -9.38 -4.77
C ASP A 96 -18.56 -10.65 -5.65
N GLY A 97 -17.96 -11.72 -5.11
CA GLY A 97 -17.92 -13.01 -5.77
C GLY A 97 -17.23 -14.04 -4.90
N ASP A 98 -15.89 -13.92 -4.80
CA ASP A 98 -15.03 -14.81 -4.01
C ASP A 98 -13.98 -13.94 -3.27
N SER A 19 -0.83 -12.63 -8.64
CA SER A 19 0.45 -11.90 -8.62
C SER A 19 1.44 -12.50 -9.65
N GLU A 20 1.67 -13.83 -9.56
CA GLU A 20 2.64 -14.56 -10.42
C GLU A 20 2.07 -14.85 -11.84
N ASP A 21 1.14 -14.01 -12.30
CA ASP A 21 0.41 -14.21 -13.57
C ASP A 21 1.01 -13.35 -14.70
N GLY A 22 2.10 -12.63 -14.37
CA GLY A 22 2.68 -11.64 -15.29
C GLY A 22 2.11 -10.25 -15.01
N SER A 23 1.89 -9.46 -16.08
CA SER A 23 1.27 -8.12 -16.02
C SER A 23 2.13 -7.11 -15.19
N TYR A 24 3.45 -7.36 -15.15
CA TYR A 24 4.41 -6.46 -14.47
C TYR A 24 4.86 -5.33 -15.41
N GLY A 25 5.39 -4.26 -14.81
CA GLY A 25 5.96 -3.13 -15.54
C GLY A 25 6.87 -2.31 -14.64
N THR A 26 7.16 -1.06 -15.03
CA THR A 26 7.96 -0.12 -14.22
C THR A 26 7.20 0.25 -12.92
N ASP A 27 5.86 0.18 -13.01
CA ASP A 27 4.95 0.39 -11.89
C ASP A 27 4.30 -0.95 -11.52
N VAL A 28 4.55 -1.42 -10.29
CA VAL A 28 3.93 -2.64 -9.75
C VAL A 28 3.49 -2.37 -8.30
N THR A 29 2.25 -2.75 -7.96
CA THR A 29 1.72 -2.61 -6.61
C THR A 29 2.13 -3.83 -5.76
N ARG A 30 3.30 -3.71 -5.12
CA ARG A 30 3.76 -4.70 -4.13
C ARG A 30 3.52 -4.10 -2.74
N CYS A 31 2.24 -4.07 -2.39
CA CYS A 31 1.77 -3.65 -1.07
C CYS A 31 1.73 -4.86 -0.12
N ILE A 32 2.01 -4.60 1.17
CA ILE A 32 2.07 -5.65 2.23
C ILE A 32 0.75 -6.44 2.39
N CYS A 33 -0.40 -5.85 1.97
CA CYS A 33 -1.74 -6.50 2.13
C CYS A 33 -2.02 -7.53 1.02
N GLY A 34 -1.22 -7.50 -0.07
CA GLY A 34 -1.39 -8.43 -1.20
C GLY A 34 -2.67 -8.18 -2.00
N PHE A 35 -3.22 -6.97 -1.87
CA PHE A 35 -4.47 -6.54 -2.53
C PHE A 35 -4.16 -5.29 -3.37
N THR A 36 -4.90 -5.09 -4.47
CA THR A 36 -4.87 -3.84 -5.26
C THR A 36 -6.08 -2.96 -4.87
N HIS A 37 -5.88 -1.64 -4.86
CA HIS A 37 -6.94 -0.68 -4.51
C HIS A 37 -7.67 -0.23 -5.78
N ASP A 38 -9.01 -0.11 -5.72
CA ASP A 38 -9.86 0.19 -6.89
C ASP A 38 -10.07 1.71 -7.09
N ASP A 39 -10.10 2.45 -5.97
CA ASP A 39 -10.50 3.88 -5.95
C ASP A 39 -9.58 4.75 -6.83
N GLY A 40 -8.27 4.54 -6.66
CA GLY A 40 -7.25 5.37 -7.30
C GLY A 40 -6.41 6.10 -6.27
N TYR A 41 -6.85 6.05 -4.99
CA TYR A 41 -6.20 6.75 -3.87
C TYR A 41 -5.00 5.90 -3.43
N MET A 42 -3.88 6.11 -4.13
CA MET A 42 -2.68 5.29 -4.02
C MET A 42 -1.42 6.14 -4.18
N ILE A 43 -0.32 5.62 -3.66
CA ILE A 43 1.01 6.26 -3.70
C ILE A 43 2.06 5.19 -4.00
N CYS A 44 3.25 5.60 -4.42
CA CYS A 44 4.40 4.69 -4.59
C CYS A 44 5.50 5.08 -3.61
N CYS A 45 6.14 4.08 -2.96
CA CYS A 45 7.30 4.32 -2.09
C CYS A 45 8.43 4.89 -2.94
N ASP A 46 8.76 6.16 -2.72
CA ASP A 46 9.75 6.91 -3.52
C ASP A 46 11.09 6.14 -3.64
N LYS A 47 11.51 5.53 -2.51
CA LYS A 47 12.80 4.85 -2.38
C LYS A 47 12.78 3.39 -2.96
N CYS A 48 11.57 2.83 -3.16
CA CYS A 48 11.39 1.43 -3.66
C CYS A 48 10.83 1.40 -5.10
N SER A 49 10.13 2.49 -5.50
CA SER A 49 9.42 2.64 -6.80
C SER A 49 8.23 1.66 -6.97
N VAL A 50 7.80 0.98 -5.88
CA VAL A 50 6.60 0.10 -5.88
C VAL A 50 5.43 0.81 -5.21
N TRP A 51 4.20 0.52 -5.69
CA TRP A 51 2.97 1.16 -5.21
C TRP A 51 2.40 0.44 -3.97
N GLN A 52 1.97 1.25 -2.99
CA GLN A 52 1.28 0.81 -1.77
C GLN A 52 0.05 1.71 -1.53
N HIS A 53 -0.68 1.47 -0.41
CA HIS A 53 -1.96 2.13 -0.16
C HIS A 53 -1.89 3.08 1.04
N ILE A 54 -2.67 4.17 0.92
CA ILE A 54 -2.77 5.24 1.93
C ILE A 54 -3.18 4.68 3.30
N ASP A 55 -4.39 4.08 3.34
CA ASP A 55 -5.00 3.49 4.55
C ASP A 55 -4.09 2.43 5.19
N CYS A 56 -3.38 1.67 4.34
CA CYS A 56 -2.49 0.58 4.75
C CYS A 56 -1.37 1.08 5.67
N MET A 57 -0.62 2.11 5.23
CA MET A 57 0.56 2.59 5.98
C MET A 57 0.17 3.46 7.21
N GLY A 58 -1.15 3.68 7.40
CA GLY A 58 -1.67 4.48 8.52
C GLY A 58 -1.70 5.96 8.18
N ILE A 59 -1.88 6.24 6.88
CA ILE A 59 -1.95 7.61 6.34
C ILE A 59 -3.43 8.01 6.10
N ASP A 60 -3.73 9.31 6.23
CA ASP A 60 -5.05 9.89 5.90
C ASP A 60 -5.14 10.21 4.40
N ARG A 61 -6.34 10.04 3.79
CA ARG A 61 -6.59 10.47 2.40
C ARG A 61 -6.53 12.01 2.27
N GLN A 62 -6.79 12.70 3.40
CA GLN A 62 -6.74 14.17 3.48
C GLN A 62 -5.31 14.68 3.73
N HIS A 63 -4.44 13.81 4.28
CA HIS A 63 -3.03 14.16 4.62
C HIS A 63 -2.08 13.11 4.02
N ILE A 64 -1.63 13.35 2.78
CA ILE A 64 -0.74 12.43 2.05
C ILE A 64 0.69 13.04 1.98
N PRO A 65 1.76 12.31 2.44
CA PRO A 65 3.15 12.78 2.32
C PRO A 65 3.69 12.63 0.88
N ASP A 66 4.56 13.57 0.47
CA ASP A 66 5.18 13.56 -0.87
C ASP A 66 6.07 12.32 -1.05
N THR A 67 7.12 12.26 -0.22
CA THR A 67 8.11 11.20 -0.24
C THR A 67 7.59 10.06 0.65
N TYR A 68 6.66 9.29 0.08
CA TYR A 68 6.08 8.13 0.75
C TYR A 68 7.17 7.08 0.98
N LEU A 69 7.34 6.68 2.23
CA LEU A 69 8.31 5.67 2.63
C LEU A 69 7.59 4.54 3.36
N CYS A 70 7.91 3.30 2.96
CA CYS A 70 7.35 2.09 3.58
C CYS A 70 8.08 1.79 4.91
N GLU A 71 7.66 0.70 5.56
CA GLU A 71 8.13 0.28 6.90
C GLU A 71 9.68 0.34 7.07
N ARG A 72 10.41 -0.14 6.05
CA ARG A 72 11.88 -0.31 6.12
C ARG A 72 12.63 1.01 5.81
N CYS A 73 12.02 1.85 4.95
CA CYS A 73 12.66 3.10 4.48
C CYS A 73 12.59 4.21 5.55
N GLN A 74 11.42 4.33 6.20
CA GLN A 74 11.13 5.36 7.20
C GLN A 74 11.54 4.86 8.60
N PRO A 75 12.26 5.71 9.44
CA PRO A 75 12.87 5.27 10.73
C PRO A 75 11.87 4.64 11.73
N ARG A 76 10.64 5.17 11.76
CA ARG A 76 9.54 4.62 12.60
C ARG A 76 8.97 3.32 12.00
N ASN A 77 8.28 2.53 12.82
CA ASN A 77 7.51 1.37 12.33
C ASN A 77 6.18 1.87 11.76
N LEU A 78 5.77 1.30 10.62
CA LEU A 78 4.49 1.62 9.98
C LEU A 78 3.55 0.42 10.09
N ASP A 79 2.25 0.68 9.90
CA ASP A 79 1.20 -0.35 9.97
C ASP A 79 1.37 -1.37 8.84
N LYS A 80 2.07 -2.47 9.15
CA LYS A 80 2.19 -3.62 8.25
C LYS A 80 1.03 -4.58 8.52
N GLU A 81 0.93 -5.07 9.76
CA GLU A 81 -0.07 -6.07 10.18
C GLU A 81 -1.49 -5.52 10.05
N ARG A 82 -1.69 -4.28 10.59
CA ARG A 82 -2.99 -3.59 10.56
C ARG A 82 -3.45 -3.39 9.11
N ALA A 83 -2.46 -3.16 8.22
CA ALA A 83 -2.67 -2.94 6.78
C ALA A 83 -3.22 -4.19 6.06
N VAL A 84 -2.59 -5.34 6.36
CA VAL A 84 -2.95 -6.62 5.74
C VAL A 84 -4.37 -7.01 6.11
N LEU A 85 -4.64 -6.93 7.41
CA LEU A 85 -5.94 -7.26 8.01
C LEU A 85 -7.04 -6.30 7.52
N LEU A 86 -6.68 -5.00 7.41
CA LEU A 86 -7.62 -3.92 7.03
C LEU A 86 -8.21 -4.13 5.62
N GLN A 87 -7.33 -4.39 4.64
CA GLN A 87 -7.74 -4.49 3.22
C GLN A 87 -8.34 -5.85 2.86
N ARG A 88 -7.95 -6.92 3.58
CA ARG A 88 -8.56 -8.25 3.34
C ARG A 88 -10.00 -8.25 3.86
N ARG A 89 -10.22 -7.73 5.09
CA ARG A 89 -11.59 -7.63 5.67
C ARG A 89 -12.42 -6.60 4.89
N LYS A 90 -11.73 -5.60 4.31
CA LYS A 90 -12.37 -4.54 3.51
C LYS A 90 -13.00 -5.13 2.24
N ARG A 91 -12.25 -6.02 1.56
CA ARG A 91 -12.76 -6.66 0.33
C ARG A 91 -13.87 -7.69 0.66
N GLU A 92 -13.83 -8.24 1.89
CA GLU A 92 -14.86 -9.20 2.36
C GLU A 92 -16.19 -8.48 2.68
N ASN A 93 -16.12 -7.29 3.32
CA ASN A 93 -17.35 -6.51 3.66
C ASN A 93 -17.89 -5.76 2.44
N MET A 94 -16.98 -5.44 1.51
CA MET A 94 -17.34 -4.88 0.19
C MET A 94 -17.85 -6.01 -0.74
N SER A 95 -17.47 -7.26 -0.39
CA SER A 95 -17.94 -8.50 -1.03
C SER A 95 -17.47 -8.61 -2.50
N ASP A 96 -16.41 -7.86 -2.84
CA ASP A 96 -15.84 -7.83 -4.20
C ASP A 96 -14.74 -8.88 -4.34
N GLY A 97 -14.54 -9.35 -5.58
CA GLY A 97 -13.53 -10.35 -5.90
C GLY A 97 -13.25 -10.40 -7.39
N ASP A 98 -12.03 -10.86 -7.76
CA ASP A 98 -11.58 -10.91 -9.17
C ASP A 98 -12.40 -11.96 -9.98
N SER A 19 21.88 -8.70 -23.19
CA SER A 19 20.60 -9.45 -23.26
C SER A 19 19.66 -9.07 -22.09
N GLU A 20 20.07 -8.07 -21.29
CA GLU A 20 19.26 -7.52 -20.15
C GLU A 20 19.13 -6.00 -20.29
N ASP A 21 18.11 -5.42 -19.65
CA ASP A 21 17.82 -3.96 -19.75
C ASP A 21 18.58 -3.18 -18.66
N GLY A 22 18.34 -3.54 -17.38
CA GLY A 22 19.09 -2.97 -16.24
C GLY A 22 18.44 -1.73 -15.62
N SER A 23 17.58 -1.02 -16.38
CA SER A 23 16.91 0.21 -15.91
C SER A 23 15.70 -0.16 -15.01
N TYR A 24 15.94 -0.19 -13.68
CA TYR A 24 14.93 -0.60 -12.69
C TYR A 24 13.98 0.58 -12.35
N GLY A 25 12.97 0.79 -13.22
CA GLY A 25 11.97 1.85 -13.05
C GLY A 25 10.56 1.31 -13.21
N THR A 26 10.24 0.26 -12.44
CA THR A 26 8.93 -0.42 -12.48
C THR A 26 7.99 0.18 -11.42
N ASP A 27 6.78 0.60 -11.85
CA ASP A 27 5.72 1.02 -10.92
C ASP A 27 4.93 -0.23 -10.51
N VAL A 28 5.55 -1.03 -9.64
CA VAL A 28 5.01 -2.32 -9.20
C VAL A 28 4.28 -2.15 -7.86
N THR A 29 3.05 -2.68 -7.77
CA THR A 29 2.23 -2.55 -6.57
C THR A 29 2.66 -3.60 -5.52
N ARG A 30 3.63 -3.19 -4.66
CA ARG A 30 4.10 -4.00 -3.54
C ARG A 30 3.65 -3.35 -2.24
N CYS A 31 2.34 -3.50 -1.99
CA CYS A 31 1.72 -3.14 -0.72
C CYS A 31 1.83 -4.32 0.26
N ILE A 32 2.07 -4.00 1.54
CA ILE A 32 2.24 -5.03 2.61
C ILE A 32 0.97 -5.90 2.84
N CYS A 33 -0.22 -5.45 2.38
CA CYS A 33 -1.45 -6.27 2.47
C CYS A 33 -1.51 -7.34 1.35
N GLY A 34 -0.51 -7.32 0.45
CA GLY A 34 -0.40 -8.31 -0.65
C GLY A 34 -1.52 -8.22 -1.67
N PHE A 35 -2.17 -7.04 -1.72
CA PHE A 35 -3.37 -6.79 -2.53
C PHE A 35 -3.19 -5.46 -3.30
N THR A 36 -3.66 -5.43 -4.56
CA THR A 36 -3.77 -4.20 -5.38
C THR A 36 -4.99 -3.38 -4.90
N HIS A 37 -5.24 -2.20 -5.49
CA HIS A 37 -6.35 -1.34 -5.05
C HIS A 37 -7.70 -1.86 -5.55
N ASP A 38 -8.65 -1.94 -4.60
CA ASP A 38 -10.09 -2.02 -4.89
C ASP A 38 -10.71 -0.61 -4.67
N ASP A 39 -9.82 0.38 -4.52
CA ASP A 39 -10.14 1.69 -3.96
C ASP A 39 -9.89 2.80 -4.98
N GLY A 40 -8.60 2.98 -5.36
CA GLY A 40 -8.19 3.99 -6.32
C GLY A 40 -7.19 4.98 -5.72
N TYR A 41 -7.32 5.26 -4.41
CA TYR A 41 -6.50 6.27 -3.73
C TYR A 41 -5.21 5.62 -3.21
N MET A 42 -4.14 5.76 -4.01
CA MET A 42 -2.85 5.13 -3.74
C MET A 42 -1.71 6.16 -3.78
N ILE A 43 -0.55 5.73 -3.28
CA ILE A 43 0.73 6.45 -3.37
C ILE A 43 1.81 5.47 -3.83
N CYS A 44 3.01 6.00 -4.08
CA CYS A 44 4.20 5.20 -4.39
C CYS A 44 5.34 5.61 -3.45
N CYS A 45 6.14 4.64 -2.97
CA CYS A 45 7.41 4.95 -2.27
C CYS A 45 8.37 5.52 -3.30
N ASP A 46 8.74 6.81 -3.14
CA ASP A 46 9.57 7.56 -4.12
C ASP A 46 10.81 6.76 -4.56
N LYS A 47 11.61 6.34 -3.58
CA LYS A 47 12.87 5.61 -3.80
C LYS A 47 12.65 4.22 -4.47
N CYS A 48 11.68 3.45 -3.96
CA CYS A 48 11.44 2.04 -4.39
C CYS A 48 10.59 1.96 -5.68
N SER A 49 9.82 3.01 -5.95
CA SER A 49 8.84 3.07 -7.07
C SER A 49 7.70 2.03 -6.89
N VAL A 50 7.49 1.53 -5.64
CA VAL A 50 6.47 0.51 -5.33
C VAL A 50 5.18 1.20 -4.81
N TRP A 51 4.03 0.78 -5.34
CA TRP A 51 2.72 1.37 -5.00
C TRP A 51 2.08 0.66 -3.79
N GLN A 52 1.60 1.48 -2.84
CA GLN A 52 0.94 1.03 -1.61
C GLN A 52 -0.35 1.84 -1.39
N HIS A 53 -1.15 1.44 -0.38
CA HIS A 53 -2.42 2.11 -0.05
C HIS A 53 -2.20 3.13 1.08
N ILE A 54 -2.84 4.31 0.93
CA ILE A 54 -2.72 5.44 1.87
C ILE A 54 -3.27 5.03 3.26
N ASP A 55 -4.41 4.34 3.20
CA ASP A 55 -5.09 3.76 4.36
C ASP A 55 -4.20 2.73 5.10
N CYS A 56 -3.43 1.96 4.31
CA CYS A 56 -2.58 0.85 4.83
C CYS A 56 -1.42 1.36 5.71
N MET A 57 -0.79 2.48 5.31
CA MET A 57 0.32 3.08 6.12
C MET A 57 -0.27 3.98 7.26
N GLY A 58 -1.62 4.11 7.26
CA GLY A 58 -2.33 4.88 8.30
C GLY A 58 -2.36 6.38 8.02
N ILE A 59 -2.02 6.76 6.77
CA ILE A 59 -1.94 8.17 6.34
C ILE A 59 -3.34 8.70 5.97
N ASP A 60 -3.60 9.99 6.28
CA ASP A 60 -4.79 10.70 5.79
C ASP A 60 -4.59 11.07 4.31
N ARG A 61 -5.63 10.82 3.50
CA ARG A 61 -5.63 11.15 2.06
C ARG A 61 -5.70 12.67 1.84
N GLN A 62 -6.01 13.42 2.91
CA GLN A 62 -6.00 14.89 2.93
C GLN A 62 -4.56 15.42 3.10
N HIS A 63 -3.74 14.68 3.88
CA HIS A 63 -2.34 15.05 4.19
C HIS A 63 -1.39 13.88 3.83
N ILE A 64 -0.93 13.90 2.57
CA ILE A 64 -0.03 12.87 2.00
C ILE A 64 1.43 13.40 1.92
N PRO A 65 2.44 12.66 2.48
CA PRO A 65 3.87 13.02 2.31
C PRO A 65 4.30 12.93 0.83
N ASP A 66 4.92 14.02 0.31
CA ASP A 66 5.38 14.12 -1.10
C ASP A 66 6.35 12.98 -1.44
N THR A 67 7.29 12.74 -0.51
CA THR A 67 8.23 11.64 -0.58
C THR A 67 7.78 10.54 0.39
N TYR A 68 6.70 9.83 0.01
CA TYR A 68 6.23 8.65 0.75
C TYR A 68 7.36 7.60 0.81
N LEU A 69 7.59 7.08 2.02
CA LEU A 69 8.54 6.00 2.25
C LEU A 69 7.80 4.80 2.82
N CYS A 70 8.13 3.61 2.28
CA CYS A 70 7.61 2.34 2.80
C CYS A 70 8.31 2.01 4.13
N GLU A 71 7.68 1.15 4.91
CA GLU A 71 8.15 0.65 6.21
C GLU A 71 9.63 0.15 6.26
N ARG A 72 10.18 -0.26 5.10
CA ARG A 72 11.60 -0.66 4.98
C ARG A 72 12.51 0.59 4.97
N CYS A 73 12.03 1.65 4.28
CA CYS A 73 12.74 2.95 4.22
C CYS A 73 12.52 3.78 5.49
N GLN A 74 11.38 3.55 6.17
CA GLN A 74 11.02 4.24 7.42
C GLN A 74 11.78 3.63 8.64
N PRO A 75 12.29 4.47 9.60
CA PRO A 75 12.82 3.98 10.89
C PRO A 75 11.69 3.50 11.85
N ARG A 76 10.49 4.07 11.66
CA ARG A 76 9.27 3.70 12.43
C ARG A 76 8.68 2.38 11.91
N ASN A 77 8.04 1.61 12.81
CA ASN A 77 7.37 0.34 12.46
C ASN A 77 5.93 0.61 12.02
N LEU A 78 5.65 0.44 10.71
CA LEU A 78 4.28 0.44 10.19
C LEU A 78 3.77 -1.00 10.26
N ASP A 79 2.70 -1.20 11.04
CA ASP A 79 2.17 -2.54 11.31
C ASP A 79 1.50 -3.10 10.04
N LYS A 80 2.06 -4.20 9.53
CA LYS A 80 1.60 -4.84 8.31
C LYS A 80 0.15 -5.34 8.47
N GLU A 81 -0.18 -5.91 9.65
CA GLU A 81 -1.50 -6.52 9.91
C GLU A 81 -2.60 -5.46 10.12
N ARG A 82 -2.23 -4.26 10.60
CA ARG A 82 -3.19 -3.12 10.65
C ARG A 82 -3.57 -2.70 9.20
N ALA A 83 -2.64 -2.93 8.27
CA ALA A 83 -2.85 -2.73 6.82
C ALA A 83 -3.60 -3.91 6.16
N VAL A 84 -3.25 -5.16 6.58
CA VAL A 84 -3.78 -6.40 5.99
C VAL A 84 -5.28 -6.53 6.27
N LEU A 85 -5.63 -6.53 7.57
CA LEU A 85 -7.00 -6.78 8.05
C LEU A 85 -7.97 -5.67 7.61
N LEU A 86 -7.41 -4.48 7.34
CA LEU A 86 -8.16 -3.30 6.81
C LEU A 86 -8.62 -3.56 5.36
N GLN A 87 -7.65 -3.84 4.47
CA GLN A 87 -7.92 -4.19 3.05
C GLN A 87 -8.62 -5.55 2.93
N ARG A 88 -8.42 -6.43 3.93
CA ARG A 88 -9.04 -7.78 3.99
C ARG A 88 -10.54 -7.64 4.18
N ARG A 89 -10.96 -6.98 5.29
CA ARG A 89 -12.40 -6.82 5.63
C ARG A 89 -13.15 -6.02 4.54
N LYS A 90 -12.39 -5.14 3.84
CA LYS A 90 -12.88 -4.40 2.67
C LYS A 90 -13.24 -5.38 1.53
N ARG A 91 -12.28 -6.29 1.20
CA ARG A 91 -12.43 -7.27 0.11
C ARG A 91 -13.27 -8.50 0.54
N GLU A 92 -13.51 -8.68 1.86
CA GLU A 92 -14.47 -9.70 2.39
C GLU A 92 -15.90 -9.22 2.09
N ASN A 93 -16.10 -7.89 2.28
CA ASN A 93 -17.39 -7.22 2.04
C ASN A 93 -17.75 -7.24 0.54
N MET A 94 -16.72 -7.06 -0.30
CA MET A 94 -16.85 -7.16 -1.77
C MET A 94 -17.05 -8.63 -2.18
N SER A 95 -16.00 -9.44 -1.90
CA SER A 95 -15.88 -10.85 -2.31
C SER A 95 -15.84 -10.98 -3.86
N ASP A 96 -15.47 -9.87 -4.52
CA ASP A 96 -15.29 -9.80 -5.99
C ASP A 96 -14.08 -8.89 -6.29
N GLY A 97 -13.53 -9.00 -7.50
CA GLY A 97 -12.36 -8.22 -7.90
C GLY A 97 -12.16 -8.26 -9.41
N ASP A 98 -12.21 -9.47 -9.99
CA ASP A 98 -11.99 -9.69 -11.43
C ASP A 98 -12.81 -10.91 -11.93
N SER A 19 14.32 -11.53 -4.45
CA SER A 19 13.63 -12.33 -5.49
C SER A 19 13.64 -11.56 -6.83
N GLU A 20 12.89 -12.07 -7.83
CA GLU A 20 12.65 -11.36 -9.09
C GLU A 20 11.55 -10.30 -8.89
N ASP A 21 11.87 -9.30 -8.04
CA ASP A 21 10.93 -8.23 -7.61
C ASP A 21 10.92 -7.08 -8.62
N GLY A 22 12.01 -6.95 -9.38
CA GLY A 22 12.17 -5.89 -10.37
C GLY A 22 13.59 -5.84 -10.87
N SER A 23 13.80 -6.17 -12.17
CA SER A 23 15.12 -6.08 -12.83
C SER A 23 15.58 -4.62 -12.89
N TYR A 24 14.60 -3.73 -13.10
CA TYR A 24 14.75 -2.26 -13.06
C TYR A 24 13.74 -1.70 -12.06
N GLY A 25 14.10 -0.58 -11.40
CA GLY A 25 13.25 0.06 -10.38
C GLY A 25 12.03 0.74 -11.01
N THR A 26 11.02 -0.09 -11.35
CA THR A 26 9.83 0.32 -12.12
C THR A 26 8.56 0.27 -11.24
N ASP A 27 7.53 1.01 -11.67
CA ASP A 27 6.25 1.13 -10.93
C ASP A 27 5.45 -0.19 -10.99
N VAL A 28 5.25 -0.80 -9.83
CA VAL A 28 4.47 -2.04 -9.68
C VAL A 28 3.59 -1.94 -8.42
N THR A 29 2.32 -2.39 -8.52
CA THR A 29 1.41 -2.39 -7.39
C THR A 29 1.68 -3.60 -6.49
N ARG A 30 2.62 -3.41 -5.56
CA ARG A 30 3.03 -4.42 -4.57
C ARG A 30 2.92 -3.80 -3.18
N CYS A 31 1.69 -3.76 -2.68
CA CYS A 31 1.39 -3.32 -1.31
C CYS A 31 1.53 -4.52 -0.34
N ILE A 32 1.80 -4.24 0.96
CA ILE A 32 2.01 -5.30 1.99
C ILE A 32 0.78 -6.20 2.20
N CYS A 33 -0.43 -5.68 1.87
CA CYS A 33 -1.69 -6.44 2.00
C CYS A 33 -1.91 -7.40 0.80
N GLY A 34 -0.98 -7.35 -0.18
CA GLY A 34 -1.04 -8.23 -1.36
C GLY A 34 -2.26 -7.97 -2.24
N PHE A 35 -2.73 -6.72 -2.22
CA PHE A 35 -3.98 -6.29 -2.89
C PHE A 35 -3.72 -4.99 -3.68
N THR A 36 -4.36 -4.90 -4.88
CA THR A 36 -4.39 -3.67 -5.70
C THR A 36 -5.35 -2.64 -5.06
N HIS A 37 -5.56 -1.47 -5.73
CA HIS A 37 -6.39 -0.39 -5.19
C HIS A 37 -7.80 -0.88 -4.78
N ASP A 38 -8.19 -0.54 -3.55
CA ASP A 38 -9.53 -0.77 -3.04
C ASP A 38 -10.47 0.34 -3.51
N ASP A 39 -9.91 1.56 -3.60
CA ASP A 39 -10.65 2.77 -3.97
C ASP A 39 -10.02 3.44 -5.21
N GLY A 40 -8.68 3.63 -5.17
CA GLY A 40 -7.97 4.28 -6.28
C GLY A 40 -6.83 5.18 -5.82
N TYR A 41 -6.89 5.64 -4.56
CA TYR A 41 -5.93 6.61 -4.02
C TYR A 41 -4.74 5.86 -3.43
N MET A 42 -3.71 5.69 -4.29
CA MET A 42 -2.48 4.97 -3.94
C MET A 42 -1.26 5.89 -4.18
N ILE A 43 -0.14 5.50 -3.58
CA ILE A 43 1.14 6.25 -3.63
C ILE A 43 2.30 5.25 -3.77
N CYS A 44 3.33 5.64 -4.54
CA CYS A 44 4.54 4.85 -4.71
C CYS A 44 5.58 5.23 -3.65
N CYS A 45 6.19 4.21 -2.98
CA CYS A 45 7.35 4.43 -2.10
C CYS A 45 8.49 4.99 -2.96
N ASP A 46 8.89 6.25 -2.69
CA ASP A 46 9.87 7.01 -3.48
C ASP A 46 11.13 6.18 -3.84
N LYS A 47 11.62 5.41 -2.87
CA LYS A 47 12.85 4.59 -3.01
C LYS A 47 12.58 3.22 -3.72
N CYS A 48 11.48 2.54 -3.34
CA CYS A 48 11.16 1.15 -3.84
C CYS A 48 10.45 1.15 -5.21
N SER A 49 9.77 2.26 -5.51
CA SER A 49 8.88 2.44 -6.69
C SER A 49 7.61 1.53 -6.63
N VAL A 50 7.36 0.86 -5.47
CA VAL A 50 6.18 -0.03 -5.29
C VAL A 50 5.00 0.77 -4.69
N TRP A 51 3.79 0.49 -5.20
CA TRP A 51 2.56 1.21 -4.84
C TRP A 51 1.85 0.56 -3.63
N GLN A 52 1.63 1.36 -2.58
CA GLN A 52 0.90 0.96 -1.37
C GLN A 52 -0.32 1.88 -1.17
N HIS A 53 -1.20 1.49 -0.23
CA HIS A 53 -2.44 2.24 0.06
C HIS A 53 -2.20 3.30 1.14
N ILE A 54 -2.88 4.46 0.98
CA ILE A 54 -2.94 5.52 2.00
C ILE A 54 -3.59 4.95 3.28
N ASP A 55 -4.67 4.19 3.04
CA ASP A 55 -5.41 3.41 4.03
C ASP A 55 -4.49 2.51 4.88
N CYS A 56 -3.59 1.79 4.19
CA CYS A 56 -2.68 0.80 4.81
C CYS A 56 -1.65 1.45 5.73
N MET A 57 -1.02 2.56 5.28
CA MET A 57 0.06 3.21 6.04
C MET A 57 -0.52 4.12 7.17
N GLY A 58 -1.88 4.21 7.24
CA GLY A 58 -2.57 5.01 8.26
C GLY A 58 -2.46 6.52 7.99
N ILE A 59 -2.20 6.88 6.73
CA ILE A 59 -2.09 8.28 6.28
C ILE A 59 -3.50 8.83 5.99
N ASP A 60 -3.68 10.16 6.14
CA ASP A 60 -4.91 10.86 5.73
C ASP A 60 -4.98 10.89 4.21
N ARG A 61 -6.14 10.48 3.64
CA ARG A 61 -6.36 10.50 2.18
C ARG A 61 -6.51 11.95 1.66
N GLN A 62 -6.76 12.88 2.60
CA GLN A 62 -6.80 14.33 2.35
C GLN A 62 -5.39 14.95 2.44
N HIS A 63 -4.55 14.40 3.34
CA HIS A 63 -3.18 14.92 3.63
C HIS A 63 -2.12 13.84 3.33
N ILE A 64 -1.50 13.95 2.14
CA ILE A 64 -0.54 12.96 1.60
C ILE A 64 0.88 13.59 1.56
N PRO A 65 1.96 12.90 2.09
CA PRO A 65 3.34 13.44 2.06
C PRO A 65 3.96 13.41 0.65
N ASP A 66 5.04 14.20 0.45
CA ASP A 66 5.74 14.32 -0.85
C ASP A 66 6.46 13.00 -1.20
N THR A 67 7.47 12.63 -0.40
CA THR A 67 8.27 11.42 -0.60
C THR A 67 7.83 10.32 0.37
N TYR A 68 6.73 9.61 0.00
CA TYR A 68 6.21 8.45 0.73
C TYR A 68 7.28 7.36 0.90
N LEU A 69 7.35 6.79 2.09
CA LEU A 69 8.18 5.61 2.38
C LEU A 69 7.30 4.48 2.91
N CYS A 70 7.75 3.25 2.67
CA CYS A 70 7.08 2.04 3.19
C CYS A 70 7.70 1.67 4.56
N GLU A 71 7.08 0.68 5.24
CA GLU A 71 7.41 0.29 6.63
C GLU A 71 8.92 0.02 6.84
N ARG A 72 9.56 -0.63 5.85
CA ARG A 72 10.97 -1.08 5.95
C ARG A 72 11.94 0.09 5.74
N CYS A 73 11.54 1.08 4.91
CA CYS A 73 12.38 2.26 4.60
C CYS A 73 12.40 3.26 5.78
N GLN A 74 11.19 3.59 6.27
CA GLN A 74 10.99 4.61 7.29
C GLN A 74 11.43 4.07 8.69
N PRO A 75 12.23 4.86 9.50
CA PRO A 75 12.76 4.43 10.82
C PRO A 75 11.70 3.83 11.76
N ARG A 76 10.55 4.52 11.89
CA ARG A 76 9.42 4.01 12.67
C ARG A 76 8.82 2.79 11.97
N ASN A 77 8.53 1.74 12.74
CA ASN A 77 7.93 0.52 12.22
C ASN A 77 6.40 0.70 12.23
N LEU A 78 5.80 0.84 11.04
CA LEU A 78 4.34 0.98 10.89
C LEU A 78 3.70 -0.39 11.01
N ASP A 79 2.44 -0.42 11.48
CA ASP A 79 1.70 -1.67 11.71
C ASP A 79 1.33 -2.33 10.37
N LYS A 80 2.27 -3.12 9.85
CA LYS A 80 2.16 -3.85 8.57
C LYS A 80 1.00 -4.86 8.62
N GLU A 81 0.85 -5.54 9.76
CA GLU A 81 -0.21 -6.54 9.97
C GLU A 81 -1.60 -5.89 9.95
N ARG A 82 -1.74 -4.75 10.65
CA ARG A 82 -3.00 -3.97 10.69
C ARG A 82 -3.35 -3.43 9.29
N ALA A 83 -2.31 -3.06 8.54
CA ALA A 83 -2.42 -2.62 7.13
C ALA A 83 -2.98 -3.76 6.25
N VAL A 84 -2.45 -4.97 6.49
CA VAL A 84 -2.88 -6.20 5.81
C VAL A 84 -4.38 -6.47 6.10
N LEU A 85 -4.74 -6.44 7.40
CA LEU A 85 -6.08 -6.81 7.89
C LEU A 85 -7.14 -5.77 7.49
N LEU A 86 -6.73 -4.50 7.40
CA LEU A 86 -7.63 -3.38 7.04
C LEU A 86 -8.07 -3.52 5.56
N GLN A 87 -7.12 -3.90 4.70
CA GLN A 87 -7.38 -4.17 3.26
C GLN A 87 -7.92 -5.60 3.02
N ARG A 88 -7.60 -6.52 3.93
CA ARG A 88 -8.09 -7.92 3.87
C ARG A 88 -9.59 -7.92 4.06
N ARG A 89 -10.05 -7.19 5.11
CA ARG A 89 -11.49 -7.03 5.36
C ARG A 89 -12.13 -6.13 4.30
N LYS A 90 -11.38 -5.13 3.81
CA LYS A 90 -11.86 -4.22 2.74
C LYS A 90 -12.31 -5.01 1.49
N ARG A 91 -11.49 -5.99 1.06
CA ARG A 91 -11.75 -6.78 -0.16
C ARG A 91 -12.78 -7.90 0.07
N GLU A 92 -12.82 -8.47 1.30
CA GLU A 92 -13.76 -9.59 1.63
C GLU A 92 -15.18 -9.05 1.92
N ASN A 93 -15.25 -7.85 2.51
CA ASN A 93 -16.54 -7.16 2.79
C ASN A 93 -17.13 -6.58 1.50
N MET A 94 -16.22 -6.21 0.56
CA MET A 94 -16.59 -5.76 -0.81
C MET A 94 -17.31 -6.88 -1.57
N SER A 95 -16.91 -8.14 -1.30
CA SER A 95 -17.55 -9.34 -1.87
C SER A 95 -18.52 -9.96 -0.84
N ASP A 96 -19.69 -9.32 -0.70
CA ASP A 96 -20.74 -9.75 0.24
C ASP A 96 -21.54 -10.95 -0.33
N GLY A 97 -21.93 -11.86 0.56
CA GLY A 97 -22.76 -13.02 0.21
C GLY A 97 -22.32 -14.28 0.93
N ASP A 98 -23.29 -15.17 1.20
CA ASP A 98 -23.07 -16.46 1.87
C ASP A 98 -24.14 -17.49 1.42
N SER A 19 8.91 -13.80 -1.82
CA SER A 19 10.11 -13.19 -2.40
C SER A 19 9.76 -12.43 -3.69
N GLU A 20 10.67 -11.53 -4.13
CA GLU A 20 10.52 -10.78 -5.38
C GLU A 20 10.97 -11.62 -6.58
N ASP A 21 10.27 -11.48 -7.70
CA ASP A 21 10.64 -12.09 -8.99
C ASP A 21 11.92 -11.41 -9.51
N GLY A 22 11.96 -10.08 -9.35
CA GLY A 22 13.13 -9.28 -9.66
C GLY A 22 13.05 -7.96 -8.90
N SER A 23 14.19 -7.53 -8.32
CA SER A 23 14.25 -6.30 -7.49
C SER A 23 14.32 -5.05 -8.39
N TYR A 24 13.14 -4.62 -8.90
CA TYR A 24 12.99 -3.45 -9.80
C TYR A 24 12.38 -2.25 -9.07
N GLY A 25 12.68 -1.05 -9.59
CA GLY A 25 12.10 0.20 -9.12
C GLY A 25 11.14 0.78 -10.14
N THR A 26 10.28 -0.09 -10.70
CA THR A 26 9.28 0.29 -11.72
C THR A 26 7.94 0.63 -11.03
N ASP A 27 6.91 0.97 -11.83
CA ASP A 27 5.53 1.14 -11.32
C ASP A 27 4.94 -0.26 -11.00
N VAL A 28 5.28 -0.76 -9.81
CA VAL A 28 4.83 -2.08 -9.32
C VAL A 28 4.06 -1.87 -8.01
N THR A 29 2.80 -2.32 -7.98
CA THR A 29 1.97 -2.23 -6.79
C THR A 29 2.26 -3.41 -5.85
N ARG A 30 3.29 -3.21 -5.00
CA ARG A 30 3.65 -4.18 -3.95
C ARG A 30 3.39 -3.54 -2.59
N CYS A 31 2.10 -3.52 -2.24
CA CYS A 31 1.62 -2.99 -0.97
C CYS A 31 1.72 -4.05 0.13
N ILE A 32 1.87 -3.62 1.39
CA ILE A 32 2.10 -4.52 2.54
C ILE A 32 0.85 -5.36 2.92
N CYS A 33 -0.31 -5.10 2.27
CA CYS A 33 -1.51 -5.95 2.42
C CYS A 33 -1.55 -7.09 1.39
N GLY A 34 -0.60 -7.05 0.41
CA GLY A 34 -0.50 -8.06 -0.65
C GLY A 34 -1.70 -8.08 -1.58
N PHE A 35 -2.40 -6.93 -1.65
CA PHE A 35 -3.68 -6.80 -2.36
C PHE A 35 -3.59 -5.59 -3.30
N THR A 36 -4.07 -5.75 -4.55
CA THR A 36 -4.07 -4.69 -5.57
C THR A 36 -5.23 -3.71 -5.32
N HIS A 37 -5.14 -2.49 -5.87
CA HIS A 37 -6.11 -1.43 -5.57
C HIS A 37 -7.37 -1.55 -6.45
N ASP A 38 -8.52 -1.49 -5.79
CA ASP A 38 -9.82 -1.21 -6.44
C ASP A 38 -10.17 0.28 -6.23
N ASP A 39 -9.43 0.93 -5.31
CA ASP A 39 -9.75 2.26 -4.77
C ASP A 39 -9.41 3.38 -5.79
N GLY A 40 -8.10 3.57 -6.06
CA GLY A 40 -7.62 4.60 -6.99
C GLY A 40 -6.65 5.58 -6.33
N TYR A 41 -6.79 5.77 -5.01
CA TYR A 41 -5.93 6.67 -4.22
C TYR A 41 -4.74 5.89 -3.64
N MET A 42 -3.58 6.01 -4.32
CA MET A 42 -2.33 5.32 -3.95
C MET A 42 -1.15 6.29 -3.97
N ILE A 43 -0.02 5.82 -3.43
CA ILE A 43 1.24 6.57 -3.33
C ILE A 43 2.43 5.61 -3.57
N CYS A 44 3.39 6.04 -4.39
CA CYS A 44 4.62 5.27 -4.67
C CYS A 44 5.72 5.62 -3.66
N CYS A 45 6.32 4.60 -3.02
CA CYS A 45 7.50 4.80 -2.16
C CYS A 45 8.65 5.31 -3.02
N ASP A 46 8.99 6.61 -2.96
CA ASP A 46 9.94 7.28 -3.88
C ASP A 46 11.26 6.49 -4.14
N LYS A 47 11.77 5.83 -3.08
CA LYS A 47 13.00 5.00 -3.14
C LYS A 47 12.77 3.62 -3.84
N CYS A 48 11.58 3.03 -3.66
CA CYS A 48 11.24 1.68 -4.18
C CYS A 48 10.35 1.72 -5.46
N SER A 49 9.68 2.86 -5.67
CA SER A 49 8.60 3.06 -6.65
C SER A 49 7.41 2.05 -6.49
N VAL A 50 7.31 1.39 -5.31
CA VAL A 50 6.23 0.43 -5.03
C VAL A 50 4.96 1.17 -4.54
N TRP A 51 3.85 0.94 -5.23
CA TRP A 51 2.56 1.59 -4.95
C TRP A 51 1.84 0.90 -3.78
N GLN A 52 1.49 1.71 -2.76
CA GLN A 52 0.84 1.24 -1.52
C GLN A 52 -0.42 2.10 -1.25
N HIS A 53 -1.36 1.55 -0.45
CA HIS A 53 -2.62 2.25 -0.11
C HIS A 53 -2.39 3.25 1.03
N ILE A 54 -3.08 4.41 0.94
CA ILE A 54 -2.96 5.50 1.94
C ILE A 54 -3.44 5.02 3.33
N ASP A 55 -4.60 4.35 3.32
CA ASP A 55 -5.23 3.75 4.51
C ASP A 55 -4.33 2.69 5.17
N CYS A 56 -3.62 1.91 4.33
CA CYS A 56 -2.74 0.82 4.76
C CYS A 56 -1.57 1.33 5.60
N MET A 57 -0.98 2.46 5.18
CA MET A 57 0.18 3.02 5.86
C MET A 57 -0.24 3.88 7.09
N GLY A 58 -1.57 4.01 7.29
CA GLY A 58 -2.14 4.78 8.39
C GLY A 58 -2.09 6.29 8.14
N ILE A 59 -1.86 6.67 6.87
CA ILE A 59 -1.75 8.06 6.43
C ILE A 59 -3.16 8.58 6.06
N ASP A 60 -3.40 9.88 6.26
CA ASP A 60 -4.66 10.54 5.88
C ASP A 60 -4.66 10.82 4.36
N ARG A 61 -5.83 10.69 3.73
CA ARG A 61 -6.02 11.09 2.31
C ARG A 61 -6.09 12.62 2.18
N GLN A 62 -6.21 13.31 3.34
CA GLN A 62 -6.14 14.78 3.43
C GLN A 62 -4.67 15.22 3.51
N HIS A 63 -3.86 14.42 4.23
CA HIS A 63 -2.45 14.74 4.52
C HIS A 63 -1.55 13.67 3.87
N ILE A 64 -1.20 13.89 2.60
CA ILE A 64 -0.41 12.96 1.78
C ILE A 64 1.03 13.49 1.65
N PRO A 65 2.09 12.69 2.01
CA PRO A 65 3.50 13.09 1.81
C PRO A 65 3.92 12.89 0.34
N ASP A 66 4.72 13.83 -0.18
CA ASP A 66 5.25 13.80 -1.55
C ASP A 66 6.26 12.65 -1.69
N THR A 67 7.24 12.65 -0.77
CA THR A 67 8.26 11.60 -0.67
C THR A 67 7.74 10.52 0.28
N TYR A 68 6.79 9.73 -0.22
CA TYR A 68 6.26 8.57 0.50
C TYR A 68 7.34 7.49 0.64
N LEU A 69 7.33 6.80 1.78
CA LEU A 69 8.27 5.71 2.10
C LEU A 69 7.51 4.50 2.66
N CYS A 70 8.09 3.30 2.52
CA CYS A 70 7.56 2.06 3.13
C CYS A 70 8.27 1.78 4.48
N GLU A 71 7.85 0.71 5.18
CA GLU A 71 8.29 0.40 6.58
C GLU A 71 9.83 0.35 6.74
N ARG A 72 10.51 -0.21 5.72
CA ARG A 72 11.97 -0.43 5.74
C ARG A 72 12.73 0.87 5.40
N CYS A 73 12.04 1.79 4.72
CA CYS A 73 12.58 3.13 4.37
C CYS A 73 12.31 4.18 5.48
N GLN A 74 11.29 3.92 6.32
CA GLN A 74 10.98 4.75 7.50
C GLN A 74 11.66 4.17 8.75
N PRO A 75 12.22 5.03 9.68
CA PRO A 75 12.87 4.56 10.93
C PRO A 75 11.89 3.80 11.85
N ARG A 76 10.66 4.31 11.92
CA ARG A 76 9.56 3.67 12.65
C ARG A 76 9.06 2.42 11.89
N ASN A 77 8.71 1.36 12.65
CA ASN A 77 8.09 0.14 12.06
C ASN A 77 6.57 0.31 12.09
N LEU A 78 5.95 0.31 10.91
CA LEU A 78 4.50 0.54 10.75
C LEU A 78 3.72 -0.78 10.94
N ASP A 79 2.38 -0.65 10.95
CA ASP A 79 1.46 -1.78 11.17
C ASP A 79 1.07 -2.42 9.83
N LYS A 80 1.92 -3.36 9.38
CA LYS A 80 1.67 -4.18 8.19
C LYS A 80 0.46 -5.10 8.38
N GLU A 81 0.36 -5.74 9.56
CA GLU A 81 -0.73 -6.68 9.88
C GLU A 81 -2.08 -5.97 9.87
N ARG A 82 -2.15 -4.79 10.52
CA ARG A 82 -3.35 -3.94 10.53
C ARG A 82 -3.77 -3.53 9.11
N ALA A 83 -2.76 -3.27 8.26
CA ALA A 83 -2.96 -2.92 6.84
C ALA A 83 -3.57 -4.09 6.03
N VAL A 84 -3.12 -5.32 6.36
CA VAL A 84 -3.64 -6.55 5.76
C VAL A 84 -5.11 -6.73 6.18
N LEU A 85 -5.32 -6.78 7.50
CA LEU A 85 -6.65 -6.98 8.12
C LEU A 85 -7.67 -5.96 7.62
N LEU A 86 -7.22 -4.72 7.40
CA LEU A 86 -8.06 -3.61 6.91
C LEU A 86 -8.58 -3.90 5.48
N GLN A 87 -7.64 -4.09 4.54
CA GLN A 87 -7.96 -4.29 3.10
C GLN A 87 -8.74 -5.60 2.86
N ARG A 88 -8.36 -6.69 3.57
CA ARG A 88 -9.00 -8.00 3.38
C ARG A 88 -10.43 -7.97 3.93
N ARG A 89 -10.64 -7.39 5.14
CA ARG A 89 -11.96 -7.41 5.81
C ARG A 89 -12.97 -6.57 5.03
N LYS A 90 -12.46 -5.54 4.33
CA LYS A 90 -13.27 -4.71 3.42
C LYS A 90 -13.80 -5.56 2.26
N ARG A 91 -12.88 -6.22 1.52
CA ARG A 91 -13.26 -7.02 0.31
C ARG A 91 -14.06 -8.29 0.70
N GLU A 92 -13.89 -8.78 1.96
CA GLU A 92 -14.64 -9.94 2.49
C GLU A 92 -16.07 -9.52 2.87
N ASN A 93 -16.19 -8.29 3.41
CA ASN A 93 -17.49 -7.72 3.81
C ASN A 93 -18.33 -7.37 2.58
N MET A 94 -17.64 -6.96 1.50
CA MET A 94 -18.28 -6.65 0.20
C MET A 94 -18.56 -7.94 -0.61
N SER A 95 -17.81 -9.02 -0.30
CA SER A 95 -18.01 -10.34 -0.92
C SER A 95 -19.25 -11.06 -0.34
N ASP A 96 -19.64 -12.15 -1.01
CA ASP A 96 -20.80 -12.99 -0.64
C ASP A 96 -20.55 -13.79 0.64
N GLY A 97 -21.58 -14.50 1.10
CA GLY A 97 -21.49 -15.39 2.25
C GLY A 97 -22.61 -16.43 2.23
N ASP A 98 -22.98 -16.81 1.00
CA ASP A 98 -24.13 -17.70 0.73
C ASP A 98 -23.65 -19.17 0.69
N SER A 19 17.05 -13.21 -8.50
CA SER A 19 16.22 -13.79 -7.40
C SER A 19 14.78 -13.23 -7.40
N GLU A 20 14.40 -12.61 -8.53
CA GLU A 20 13.06 -12.00 -8.72
C GLU A 20 12.27 -12.81 -9.76
N ASP A 21 10.95 -12.88 -9.56
CA ASP A 21 10.04 -13.61 -10.48
C ASP A 21 9.91 -12.84 -11.80
N GLY A 22 9.53 -11.56 -11.68
CA GLY A 22 9.41 -10.66 -12.83
C GLY A 22 8.41 -9.54 -12.57
N SER A 23 8.77 -8.32 -12.99
CA SER A 23 7.90 -7.14 -12.91
C SER A 23 8.29 -6.15 -14.03
N TYR A 24 7.67 -6.30 -15.20
CA TYR A 24 7.90 -5.42 -16.37
C TYR A 24 7.27 -4.04 -16.11
N GLY A 25 8.10 -2.99 -16.23
CA GLY A 25 7.71 -1.62 -15.93
C GLY A 25 8.54 -1.05 -14.79
N THR A 26 8.23 0.20 -14.43
CA THR A 26 8.89 0.91 -13.32
C THR A 26 7.94 0.95 -12.11
N ASP A 27 6.66 1.28 -12.40
CA ASP A 27 5.60 1.41 -11.39
C ASP A 27 4.92 0.05 -11.16
N VAL A 28 5.37 -0.68 -10.13
CA VAL A 28 4.78 -1.99 -9.74
C VAL A 28 4.10 -1.87 -8.37
N THR A 29 2.82 -2.30 -8.27
CA THR A 29 2.06 -2.25 -7.02
C THR A 29 2.41 -3.46 -6.15
N ARG A 30 3.40 -3.28 -5.27
CA ARG A 30 3.78 -4.28 -4.26
C ARG A 30 3.36 -3.74 -2.89
N CYS A 31 2.05 -3.77 -2.66
CA CYS A 31 1.44 -3.40 -1.38
C CYS A 31 1.43 -4.61 -0.43
N ILE A 32 1.71 -4.38 0.87
CA ILE A 32 1.84 -5.46 1.88
C ILE A 32 0.55 -6.28 2.08
N CYS A 33 -0.63 -5.71 1.72
CA CYS A 33 -1.94 -6.41 1.84
C CYS A 33 -2.09 -7.53 0.79
N GLY A 34 -1.19 -7.53 -0.23
CA GLY A 34 -1.25 -8.52 -1.32
C GLY A 34 -2.44 -8.29 -2.26
N PHE A 35 -2.97 -7.05 -2.21
CA PHE A 35 -4.14 -6.63 -2.98
C PHE A 35 -3.75 -5.41 -3.84
N THR A 36 -4.27 -5.36 -5.06
CA THR A 36 -3.96 -4.33 -6.06
C THR A 36 -4.93 -3.13 -5.95
N HIS A 37 -4.73 -2.13 -6.84
CA HIS A 37 -5.48 -0.85 -6.81
C HIS A 37 -6.99 -1.05 -7.05
N ASP A 38 -7.79 -0.74 -6.03
CA ASP A 38 -9.27 -0.73 -6.12
C ASP A 38 -9.84 0.57 -5.54
N ASP A 39 -9.08 1.18 -4.61
CA ASP A 39 -9.54 2.33 -3.81
C ASP A 39 -9.55 3.63 -4.63
N GLY A 40 -8.36 4.10 -5.05
CA GLY A 40 -8.22 5.38 -5.75
C GLY A 40 -7.13 6.26 -5.12
N TYR A 41 -6.90 6.08 -3.80
CA TYR A 41 -5.90 6.86 -3.05
C TYR A 41 -4.68 5.96 -2.79
N MET A 42 -3.63 6.18 -3.59
CA MET A 42 -2.37 5.42 -3.50
C MET A 42 -1.17 6.37 -3.44
N ILE A 43 -0.01 5.80 -3.09
CA ILE A 43 1.28 6.48 -3.01
C ILE A 43 2.38 5.57 -3.62
N CYS A 44 3.49 6.19 -4.00
CA CYS A 44 4.65 5.49 -4.54
C CYS A 44 5.86 5.73 -3.61
N CYS A 45 6.47 4.64 -3.11
CA CYS A 45 7.70 4.72 -2.32
C CYS A 45 8.83 5.08 -3.28
N ASP A 46 9.23 6.35 -3.30
CA ASP A 46 10.13 6.95 -4.34
C ASP A 46 11.39 6.11 -4.62
N LYS A 47 11.99 5.59 -3.56
CA LYS A 47 13.24 4.82 -3.60
C LYS A 47 13.01 3.34 -4.02
N CYS A 48 11.85 2.75 -3.63
CA CYS A 48 11.47 1.37 -4.04
C CYS A 48 10.86 1.34 -5.46
N SER A 49 10.21 2.47 -5.83
CA SER A 49 9.39 2.64 -7.05
C SER A 49 8.14 1.73 -7.04
N VAL A 50 7.76 1.22 -5.84
CA VAL A 50 6.57 0.36 -5.69
C VAL A 50 5.39 1.18 -5.13
N TRP A 51 4.16 0.76 -5.47
CA TRP A 51 2.92 1.45 -5.08
C TRP A 51 2.21 0.71 -3.94
N GLN A 52 1.68 1.50 -2.98
CA GLN A 52 0.94 1.02 -1.81
C GLN A 52 -0.34 1.87 -1.66
N HIS A 53 -1.30 1.39 -0.84
CA HIS A 53 -2.57 2.11 -0.58
C HIS A 53 -2.42 3.04 0.63
N ILE A 54 -2.92 4.29 0.51
CA ILE A 54 -2.95 5.29 1.61
C ILE A 54 -3.79 4.74 2.79
N ASP A 55 -4.89 4.08 2.41
CA ASP A 55 -5.77 3.32 3.29
C ASP A 55 -4.97 2.34 4.19
N CYS A 56 -4.10 1.55 3.55
CA CYS A 56 -3.28 0.51 4.21
C CYS A 56 -2.26 1.10 5.19
N MET A 57 -1.54 2.13 4.75
CA MET A 57 -0.37 2.65 5.49
C MET A 57 -0.79 3.52 6.70
N GLY A 58 -2.12 3.70 6.87
CA GLY A 58 -2.67 4.53 7.96
C GLY A 58 -2.38 6.01 7.77
N ILE A 59 -2.22 6.42 6.50
CA ILE A 59 -1.97 7.81 6.11
C ILE A 59 -3.33 8.50 5.85
N ASP A 60 -3.40 9.81 6.14
CA ASP A 60 -4.58 10.63 5.84
C ASP A 60 -4.65 10.91 4.34
N ARG A 61 -5.85 10.80 3.77
CA ARG A 61 -6.12 11.16 2.36
C ARG A 61 -6.07 12.71 2.22
N GLN A 62 -6.28 13.39 3.36
CA GLN A 62 -6.20 14.85 3.47
C GLN A 62 -4.73 15.32 3.55
N HIS A 63 -3.84 14.46 4.06
CA HIS A 63 -2.40 14.77 4.27
C HIS A 63 -1.52 13.62 3.77
N ILE A 64 -1.08 13.74 2.50
CA ILE A 64 -0.22 12.75 1.82
C ILE A 64 1.24 13.24 1.84
N PRO A 65 2.25 12.40 2.26
CA PRO A 65 3.68 12.83 2.35
C PRO A 65 4.29 13.07 0.94
N ASP A 66 5.24 14.03 0.87
CA ASP A 66 5.98 14.37 -0.37
C ASP A 66 6.77 13.16 -0.88
N THR A 67 7.73 12.73 -0.07
CA THR A 67 8.57 11.57 -0.33
C THR A 67 8.11 10.40 0.54
N TYR A 68 7.08 9.68 0.09
CA TYR A 68 6.58 8.48 0.78
C TYR A 68 7.67 7.40 0.82
N LEU A 69 7.91 6.88 2.03
CA LEU A 69 8.75 5.72 2.27
C LEU A 69 7.91 4.66 2.96
N CYS A 70 8.01 3.41 2.50
CA CYS A 70 7.28 2.27 3.09
C CYS A 70 7.98 1.84 4.38
N GLU A 71 7.38 0.87 5.10
CA GLU A 71 7.72 0.51 6.50
C GLU A 71 9.24 0.38 6.77
N ARG A 72 9.98 -0.33 5.90
CA ARG A 72 11.42 -0.64 6.10
C ARG A 72 12.30 0.59 5.79
N CYS A 73 11.79 1.45 4.91
CA CYS A 73 12.48 2.69 4.52
C CYS A 73 12.25 3.81 5.55
N GLN A 74 11.16 3.71 6.33
CA GLN A 74 10.85 4.65 7.43
C GLN A 74 11.41 4.12 8.78
N PRO A 75 12.23 4.95 9.51
CA PRO A 75 12.74 4.61 10.88
C PRO A 75 11.64 4.59 11.98
N ARG A 76 10.42 5.08 11.64
CA ARG A 76 9.29 5.15 12.60
C ARG A 76 8.57 3.79 12.76
N ASN A 77 7.57 3.75 13.65
CA ASN A 77 6.78 2.54 13.93
C ASN A 77 5.52 2.51 13.04
N LEU A 78 5.49 1.56 12.07
CA LEU A 78 4.32 1.36 11.18
C LEU A 78 3.56 0.08 11.56
N ASP A 79 2.49 -0.22 10.81
CA ASP A 79 1.62 -1.38 11.06
C ASP A 79 1.36 -2.14 9.74
N LYS A 80 2.23 -3.12 9.44
CA LYS A 80 2.14 -3.97 8.23
C LYS A 80 0.88 -4.86 8.29
N GLU A 81 0.75 -5.62 9.38
CA GLU A 81 -0.31 -6.64 9.54
C GLU A 81 -1.71 -5.98 9.58
N ARG A 82 -1.80 -4.78 10.19
CA ARG A 82 -3.06 -4.01 10.29
C ARG A 82 -3.60 -3.64 8.90
N ALA A 83 -2.67 -3.36 7.98
CA ALA A 83 -2.98 -3.03 6.58
C ALA A 83 -3.52 -4.24 5.82
N VAL A 84 -2.92 -5.42 6.09
CA VAL A 84 -3.36 -6.70 5.49
C VAL A 84 -4.78 -7.05 6.00
N LEU A 85 -4.95 -6.91 7.33
CA LEU A 85 -6.22 -7.14 8.04
C LEU A 85 -7.31 -6.21 7.51
N LEU A 86 -6.93 -4.94 7.24
CA LEU A 86 -7.86 -3.88 6.80
C LEU A 86 -8.54 -4.28 5.48
N GLN A 87 -7.72 -4.53 4.45
CA GLN A 87 -8.23 -4.80 3.09
C GLN A 87 -8.78 -6.22 2.93
N ARG A 88 -8.31 -7.16 3.78
CA ARG A 88 -8.87 -8.51 3.86
C ARG A 88 -10.31 -8.46 4.41
N ARG A 89 -10.51 -7.72 5.52
CA ARG A 89 -11.85 -7.61 6.15
C ARG A 89 -12.75 -6.66 5.33
N LYS A 90 -12.12 -5.75 4.57
CA LYS A 90 -12.83 -4.76 3.72
C LYS A 90 -13.62 -5.52 2.63
N ARG A 91 -12.93 -6.44 1.91
CA ARG A 91 -13.55 -7.26 0.85
C ARG A 91 -14.55 -8.29 1.43
N GLU A 92 -14.19 -8.92 2.58
CA GLU A 92 -14.96 -10.02 3.19
C GLU A 92 -16.16 -9.51 4.03
N ASN A 93 -16.18 -8.19 4.31
CA ASN A 93 -17.35 -7.51 4.90
C ASN A 93 -18.25 -7.00 3.77
N MET A 94 -17.61 -6.52 2.67
CA MET A 94 -18.32 -5.99 1.47
C MET A 94 -19.14 -7.10 0.78
N SER A 95 -18.56 -8.29 0.71
CA SER A 95 -19.16 -9.45 0.04
C SER A 95 -18.92 -10.70 0.91
N ASP A 96 -19.70 -11.77 0.66
CA ASP A 96 -19.66 -13.03 1.45
C ASP A 96 -18.30 -13.74 1.23
N GLY A 97 -17.32 -13.40 2.09
CA GLY A 97 -15.94 -13.91 1.98
C GLY A 97 -15.67 -15.09 2.90
N ASP A 98 -16.67 -15.98 3.04
CA ASP A 98 -16.58 -17.18 3.87
C ASP A 98 -16.31 -18.38 2.94
N SER A 19 9.95 -13.69 -3.19
CA SER A 19 11.42 -13.91 -3.23
C SER A 19 11.98 -13.49 -4.60
N GLU A 20 11.55 -12.30 -5.05
CA GLU A 20 11.90 -11.75 -6.37
C GLU A 20 12.20 -10.23 -6.24
N ASP A 21 13.26 -9.79 -6.93
CA ASP A 21 13.70 -8.38 -6.95
C ASP A 21 13.59 -7.88 -8.40
N GLY A 22 12.36 -8.01 -8.96
CA GLY A 22 12.07 -7.60 -10.34
C GLY A 22 12.07 -6.09 -10.52
N SER A 23 13.28 -5.49 -10.51
CA SER A 23 13.47 -4.05 -10.64
C SER A 23 13.66 -3.71 -12.12
N TYR A 24 12.54 -3.76 -12.86
CA TYR A 24 12.51 -3.47 -14.31
C TYR A 24 12.33 -1.96 -14.53
N GLY A 25 11.86 -1.26 -13.49
CA GLY A 25 11.46 0.15 -13.60
C GLY A 25 9.98 0.31 -13.85
N THR A 26 9.22 -0.74 -13.53
CA THR A 26 7.76 -0.78 -13.67
C THR A 26 7.08 -0.27 -12.39
N ASP A 27 5.82 0.16 -12.55
CA ASP A 27 4.99 0.67 -11.44
C ASP A 27 4.28 -0.51 -10.74
N VAL A 28 5.10 -1.37 -10.11
CA VAL A 28 4.61 -2.58 -9.43
C VAL A 28 3.96 -2.22 -8.07
N THR A 29 2.72 -2.69 -7.86
CA THR A 29 2.01 -2.46 -6.58
C THR A 29 2.47 -3.50 -5.54
N ARG A 30 3.57 -3.17 -4.83
CA ARG A 30 4.11 -4.03 -3.76
C ARG A 30 3.64 -3.45 -2.42
N CYS A 31 2.34 -3.64 -2.15
CA CYS A 31 1.69 -3.25 -0.89
C CYS A 31 1.81 -4.38 0.14
N ILE A 32 1.90 -4.02 1.43
CA ILE A 32 2.06 -5.01 2.55
C ILE A 32 0.83 -5.92 2.73
N CYS A 33 -0.34 -5.53 2.17
CA CYS A 33 -1.57 -6.37 2.24
C CYS A 33 -1.59 -7.43 1.12
N GLY A 34 -0.59 -7.39 0.20
CA GLY A 34 -0.47 -8.32 -0.93
C GLY A 34 -1.67 -8.28 -1.87
N PHE A 35 -2.31 -7.10 -1.94
CA PHE A 35 -3.55 -6.88 -2.71
C PHE A 35 -3.39 -5.60 -3.54
N THR A 36 -3.96 -5.62 -4.76
CA THR A 36 -3.97 -4.45 -5.68
C THR A 36 -5.10 -3.49 -5.29
N HIS A 37 -5.18 -2.30 -5.94
CA HIS A 37 -6.16 -1.27 -5.52
C HIS A 37 -7.58 -1.64 -5.97
N ASP A 38 -8.51 -1.51 -5.03
CA ASP A 38 -9.96 -1.59 -5.26
C ASP A 38 -10.60 -0.19 -5.05
N ASP A 39 -9.72 0.82 -4.83
CA ASP A 39 -10.12 2.16 -4.38
C ASP A 39 -9.68 3.26 -5.37
N GLY A 40 -8.35 3.45 -5.50
CA GLY A 40 -7.79 4.48 -6.39
C GLY A 40 -6.80 5.40 -5.69
N TYR A 41 -7.00 5.63 -4.38
CA TYR A 41 -6.13 6.52 -3.57
C TYR A 41 -4.87 5.75 -3.17
N MET A 42 -3.80 5.95 -3.95
CA MET A 42 -2.54 5.23 -3.80
C MET A 42 -1.36 6.22 -3.79
N ILE A 43 -0.21 5.69 -3.38
CA ILE A 43 1.08 6.41 -3.34
C ILE A 43 2.19 5.41 -3.71
N CYS A 44 3.31 5.90 -4.25
CA CYS A 44 4.47 5.04 -4.52
C CYS A 44 5.60 5.41 -3.55
N CYS A 45 6.26 4.39 -2.94
CA CYS A 45 7.51 4.60 -2.19
C CYS A 45 8.54 5.11 -3.16
N ASP A 46 8.77 6.44 -3.16
CA ASP A 46 9.56 7.14 -4.19
C ASP A 46 10.88 6.41 -4.53
N LYS A 47 11.60 6.01 -3.47
CA LYS A 47 12.89 5.30 -3.57
C LYS A 47 12.76 3.92 -4.26
N CYS A 48 11.73 3.14 -3.86
CA CYS A 48 11.51 1.77 -4.37
C CYS A 48 10.69 1.74 -5.68
N SER A 49 9.94 2.85 -5.93
CA SER A 49 9.01 3.02 -7.07
C SER A 49 7.83 2.00 -7.01
N VAL A 50 7.54 1.47 -5.79
CA VAL A 50 6.49 0.46 -5.57
C VAL A 50 5.25 1.12 -4.95
N TRP A 51 4.07 0.78 -5.48
CA TRP A 51 2.79 1.37 -5.07
C TRP A 51 2.17 0.62 -3.87
N GLN A 52 1.63 1.41 -2.92
CA GLN A 52 0.86 0.93 -1.76
C GLN A 52 -0.42 1.76 -1.61
N HIS A 53 -1.26 1.36 -0.63
CA HIS A 53 -2.55 2.03 -0.35
C HIS A 53 -2.38 3.01 0.82
N ILE A 54 -2.94 4.23 0.66
CA ILE A 54 -2.84 5.31 1.69
C ILE A 54 -3.48 4.85 3.02
N ASP A 55 -4.66 4.23 2.86
CA ASP A 55 -5.43 3.64 3.96
C ASP A 55 -4.61 2.60 4.75
N CYS A 56 -3.90 1.71 4.00
CA CYS A 56 -3.08 0.62 4.58
C CYS A 56 -1.99 1.17 5.49
N MET A 57 -1.28 2.19 5.00
CA MET A 57 -0.13 2.74 5.73
C MET A 57 -0.58 3.63 6.92
N GLY A 58 -1.92 3.75 7.11
CA GLY A 58 -2.50 4.52 8.21
C GLY A 58 -2.36 6.01 8.02
N ILE A 59 -2.06 6.41 6.77
CA ILE A 59 -1.83 7.81 6.41
C ILE A 59 -3.17 8.48 6.09
N ASP A 60 -3.27 9.77 6.43
CA ASP A 60 -4.43 10.59 6.10
C ASP A 60 -4.46 10.83 4.59
N ARG A 61 -5.62 10.63 3.97
CA ARG A 61 -5.85 10.97 2.56
C ARG A 61 -5.94 12.50 2.39
N GLN A 62 -6.29 13.20 3.49
CA GLN A 62 -6.30 14.68 3.55
C GLN A 62 -4.88 15.23 3.75
N HIS A 63 -3.99 14.42 4.36
CA HIS A 63 -2.59 14.80 4.69
C HIS A 63 -1.64 13.72 4.14
N ILE A 64 -1.22 13.87 2.87
CA ILE A 64 -0.35 12.89 2.17
C ILE A 64 1.12 13.41 2.16
N PRO A 65 2.13 12.57 2.58
CA PRO A 65 3.55 12.97 2.55
C PRO A 65 4.09 13.15 1.12
N ASP A 66 5.05 14.07 0.96
CA ASP A 66 5.68 14.37 -0.34
C ASP A 66 6.49 13.17 -0.83
N THR A 67 7.41 12.72 0.02
CA THR A 67 8.26 11.57 -0.22
C THR A 67 7.73 10.37 0.59
N TYR A 68 6.73 9.64 0.03
CA TYR A 68 6.24 8.39 0.65
C TYR A 68 7.37 7.35 0.66
N LEU A 69 7.44 6.61 1.78
CA LEU A 69 8.42 5.57 2.02
C LEU A 69 7.71 4.32 2.56
N CYS A 70 8.30 3.15 2.32
CA CYS A 70 7.81 1.88 2.90
C CYS A 70 8.53 1.61 4.24
N GLU A 71 8.06 0.60 4.98
CA GLU A 71 8.53 0.25 6.34
C GLU A 71 10.08 0.09 6.42
N ARG A 72 10.67 -0.42 5.33
CA ARG A 72 12.11 -0.71 5.24
C ARG A 72 12.92 0.60 5.09
N CYS A 73 12.32 1.58 4.41
CA CYS A 73 12.95 2.90 4.18
C CYS A 73 12.80 3.82 5.41
N GLN A 74 11.69 3.65 6.13
CA GLN A 74 11.37 4.48 7.31
C GLN A 74 12.06 3.95 8.58
N PRO A 75 12.61 4.87 9.44
CA PRO A 75 13.09 4.48 10.79
C PRO A 75 11.94 3.90 11.64
N ARG A 76 10.76 4.52 11.48
CA ARG A 76 9.53 4.11 12.17
C ARG A 76 8.92 2.86 11.49
N ASN A 77 8.14 2.10 12.27
CA ASN A 77 7.40 0.93 11.79
C ASN A 77 5.90 1.19 11.98
N LEU A 78 5.15 1.18 10.87
CA LEU A 78 3.71 1.45 10.86
C LEU A 78 2.91 0.14 11.06
N ASP A 79 1.59 0.27 11.27
CA ASP A 79 0.70 -0.88 11.54
C ASP A 79 0.48 -1.72 10.26
N LYS A 80 1.46 -2.59 9.99
CA LYS A 80 1.50 -3.46 8.80
C LYS A 80 0.43 -4.55 8.88
N GLU A 81 0.23 -5.09 10.09
CA GLU A 81 -0.77 -6.15 10.34
C GLU A 81 -2.18 -5.63 10.12
N ARG A 82 -2.51 -4.49 10.77
CA ARG A 82 -3.82 -3.83 10.64
C ARG A 82 -4.05 -3.31 9.20
N ALA A 83 -2.95 -3.07 8.46
CA ALA A 83 -2.99 -2.70 7.02
C ALA A 83 -3.51 -3.87 6.17
N VAL A 84 -3.01 -5.07 6.49
CA VAL A 84 -3.45 -6.32 5.86
C VAL A 84 -4.93 -6.56 6.19
N LEU A 85 -5.25 -6.45 7.50
CA LEU A 85 -6.59 -6.68 8.05
C LEU A 85 -7.61 -5.69 7.46
N LEU A 86 -7.15 -4.47 7.15
CA LEU A 86 -8.00 -3.41 6.57
C LEU A 86 -8.46 -3.76 5.14
N GLN A 87 -7.50 -4.05 4.25
CA GLN A 87 -7.81 -4.38 2.83
C GLN A 87 -8.51 -5.74 2.69
N ARG A 88 -8.17 -6.71 3.58
CA ARG A 88 -8.79 -8.05 3.51
C ARG A 88 -10.22 -8.02 4.06
N ARG A 89 -10.47 -7.22 5.13
CA ARG A 89 -11.83 -7.11 5.68
C ARG A 89 -12.73 -6.41 4.66
N LYS A 90 -12.18 -5.36 4.01
CA LYS A 90 -12.92 -4.52 3.05
C LYS A 90 -13.44 -5.39 1.87
N ARG A 91 -12.50 -6.10 1.20
CA ARG A 91 -12.82 -6.95 0.02
C ARG A 91 -13.85 -8.06 0.38
N GLU A 92 -13.73 -8.63 1.59
CA GLU A 92 -14.56 -9.76 2.06
C GLU A 92 -15.91 -9.28 2.61
N ASN A 93 -15.96 -8.01 3.07
CA ASN A 93 -17.22 -7.36 3.52
C ASN A 93 -18.12 -7.09 2.31
N MET A 94 -17.49 -6.74 1.17
CA MET A 94 -18.19 -6.47 -0.11
C MET A 94 -18.94 -7.72 -0.62
N SER A 95 -18.46 -8.92 -0.21
CA SER A 95 -19.04 -10.21 -0.63
C SER A 95 -20.42 -10.46 0.02
N ASP A 96 -20.70 -9.77 1.13
CA ASP A 96 -21.98 -9.89 1.88
C ASP A 96 -22.83 -8.62 1.67
N GLY A 97 -22.21 -7.46 1.89
CA GLY A 97 -22.85 -6.17 1.72
C GLY A 97 -21.98 -5.05 2.29
N ASP A 98 -22.50 -4.34 3.30
CA ASP A 98 -21.77 -3.26 3.98
C ASP A 98 -20.97 -3.87 5.15
N SER A 19 2.14 -18.14 -11.84
CA SER A 19 3.08 -17.82 -12.94
C SER A 19 2.81 -16.39 -13.45
N GLU A 20 3.89 -15.60 -13.62
CA GLU A 20 3.80 -14.21 -14.13
C GLU A 20 4.14 -14.17 -15.64
N ASP A 21 3.53 -13.20 -16.35
CA ASP A 21 3.77 -12.98 -17.78
C ASP A 21 5.15 -12.30 -18.00
N GLY A 22 5.43 -11.29 -17.17
CA GLY A 22 6.69 -10.54 -17.22
C GLY A 22 6.58 -9.24 -16.44
N SER A 23 6.33 -9.37 -15.13
CA SER A 23 6.04 -8.23 -14.24
C SER A 23 7.34 -7.48 -13.83
N TYR A 24 7.76 -6.55 -14.70
CA TYR A 24 8.88 -5.63 -14.44
C TYR A 24 8.43 -4.22 -14.80
N GLY A 25 8.39 -3.32 -13.80
CA GLY A 25 7.96 -1.94 -14.00
C GLY A 25 8.17 -1.10 -12.77
N THR A 26 8.24 0.23 -12.95
CA THR A 26 8.37 1.21 -11.86
C THR A 26 7.02 1.46 -11.15
N ASP A 27 5.93 1.05 -11.80
CA ASP A 27 4.56 1.24 -11.28
C ASP A 27 3.95 -0.10 -10.82
N VAL A 28 4.82 -1.04 -10.40
CA VAL A 28 4.41 -2.30 -9.74
C VAL A 28 3.76 -1.98 -8.38
N THR A 29 2.53 -2.47 -8.16
CA THR A 29 1.82 -2.31 -6.89
C THR A 29 2.30 -3.41 -5.93
N ARG A 30 3.32 -3.07 -5.12
CA ARG A 30 3.87 -3.98 -4.11
C ARG A 30 3.55 -3.40 -2.73
N CYS A 31 2.28 -3.54 -2.36
CA CYS A 31 1.78 -3.12 -1.04
C CYS A 31 1.98 -4.22 0.00
N ILE A 32 2.10 -3.81 1.28
CA ILE A 32 2.37 -4.74 2.41
C ILE A 32 1.20 -5.72 2.71
N CYS A 33 -0.01 -5.45 2.14
CA CYS A 33 -1.18 -6.37 2.28
C CYS A 33 -1.18 -7.46 1.18
N GLY A 34 -0.33 -7.27 0.14
CA GLY A 34 -0.23 -8.21 -0.99
C GLY A 34 -1.50 -8.28 -1.84
N PHE A 35 -2.31 -7.21 -1.79
CA PHE A 35 -3.61 -7.10 -2.48
C PHE A 35 -3.60 -5.85 -3.35
N THR A 36 -4.19 -5.97 -4.56
CA THR A 36 -4.29 -4.86 -5.53
C THR A 36 -5.46 -3.93 -5.14
N HIS A 37 -5.53 -2.74 -5.78
CA HIS A 37 -6.50 -1.69 -5.37
C HIS A 37 -7.76 -1.73 -6.25
N ASP A 38 -8.89 -1.48 -5.61
CA ASP A 38 -10.14 -1.09 -6.27
C ASP A 38 -10.55 0.31 -5.76
N ASP A 39 -9.68 0.89 -4.90
CA ASP A 39 -9.91 2.17 -4.21
C ASP A 39 -9.67 3.36 -5.15
N GLY A 40 -8.40 3.54 -5.57
CA GLY A 40 -8.02 4.61 -6.49
C GLY A 40 -7.01 5.57 -5.88
N TYR A 41 -7.10 5.74 -4.54
CA TYR A 41 -6.27 6.69 -3.78
C TYR A 41 -5.06 5.93 -3.24
N MET A 42 -3.93 6.10 -3.92
CA MET A 42 -2.70 5.34 -3.64
C MET A 42 -1.50 6.29 -3.57
N ILE A 43 -0.35 5.72 -3.18
CA ILE A 43 0.95 6.42 -3.16
C ILE A 43 2.03 5.45 -3.65
N CYS A 44 3.21 5.98 -3.97
CA CYS A 44 4.37 5.17 -4.38
C CYS A 44 5.55 5.49 -3.46
N CYS A 45 6.17 4.44 -2.87
CA CYS A 45 7.43 4.60 -2.10
C CYS A 45 8.52 5.04 -3.07
N ASP A 46 8.87 6.35 -3.05
CA ASP A 46 9.72 7.02 -4.07
C ASP A 46 10.97 6.20 -4.44
N LYS A 47 11.75 5.86 -3.42
CA LYS A 47 13.06 5.21 -3.56
C LYS A 47 12.93 3.72 -4.00
N CYS A 48 11.86 3.03 -3.51
CA CYS A 48 11.53 1.62 -3.89
C CYS A 48 10.93 1.57 -5.31
N SER A 49 10.18 2.63 -5.65
CA SER A 49 9.39 2.75 -6.90
C SER A 49 8.33 1.62 -6.97
N VAL A 50 7.54 1.48 -5.87
CA VAL A 50 6.42 0.52 -5.79
C VAL A 50 5.20 1.21 -5.14
N TRP A 51 3.98 0.78 -5.50
CA TRP A 51 2.72 1.41 -5.05
C TRP A 51 2.12 0.68 -3.84
N GLN A 52 1.70 1.47 -2.83
CA GLN A 52 1.05 1.03 -1.59
C GLN A 52 -0.27 1.80 -1.38
N HIS A 53 -1.10 1.33 -0.42
CA HIS A 53 -2.42 1.95 -0.13
C HIS A 53 -2.30 2.93 1.05
N ILE A 54 -3.00 4.09 0.94
CA ILE A 54 -2.97 5.17 1.95
C ILE A 54 -3.53 4.67 3.30
N ASP A 55 -4.69 3.99 3.22
CA ASP A 55 -5.41 3.42 4.38
C ASP A 55 -4.56 2.35 5.11
N CYS A 56 -3.82 1.55 4.31
CA CYS A 56 -2.93 0.49 4.80
C CYS A 56 -1.84 1.06 5.71
N MET A 57 -1.22 2.15 5.26
CA MET A 57 -0.11 2.79 5.98
C MET A 57 -0.61 3.67 7.15
N GLY A 58 -1.95 3.75 7.32
CA GLY A 58 -2.59 4.58 8.35
C GLY A 58 -2.44 6.08 8.06
N ILE A 59 -2.01 6.42 6.84
CA ILE A 59 -1.81 7.80 6.39
C ILE A 59 -3.18 8.42 6.04
N ASP A 60 -3.34 9.73 6.26
CA ASP A 60 -4.58 10.44 5.95
C ASP A 60 -4.59 10.83 4.47
N ARG A 61 -5.76 10.76 3.82
CA ARG A 61 -5.89 11.11 2.39
C ARG A 61 -5.77 12.64 2.16
N GLN A 62 -5.90 13.43 3.25
CA GLN A 62 -5.62 14.89 3.21
C GLN A 62 -4.13 15.16 3.48
N HIS A 63 -3.53 14.38 4.41
CA HIS A 63 -2.13 14.57 4.87
C HIS A 63 -1.24 13.40 4.41
N ILE A 64 -0.67 13.56 3.20
CA ILE A 64 0.20 12.56 2.54
C ILE A 64 1.60 13.14 2.33
N PRO A 65 2.72 12.45 2.74
CA PRO A 65 4.09 12.90 2.42
C PRO A 65 4.37 12.77 0.90
N ASP A 66 4.99 13.81 0.32
CA ASP A 66 5.30 13.88 -1.12
C ASP A 66 6.23 12.73 -1.56
N THR A 67 7.32 12.55 -0.80
CA THR A 67 8.27 11.45 -1.00
C THR A 67 7.98 10.35 0.03
N TYR A 68 6.88 9.61 -0.22
CA TYR A 68 6.43 8.50 0.62
C TYR A 68 7.53 7.41 0.79
N LEU A 69 7.63 6.87 2.01
CA LEU A 69 8.60 5.83 2.38
C LEU A 69 7.85 4.66 3.06
N CYS A 70 8.38 3.43 2.91
CA CYS A 70 7.78 2.21 3.53
C CYS A 70 8.58 1.78 4.78
N GLU A 71 8.24 0.60 5.35
CA GLU A 71 8.83 0.04 6.60
C GLU A 71 10.36 0.28 6.74
N ARG A 72 11.09 -0.09 5.67
CA ARG A 72 12.57 -0.19 5.68
C ARG A 72 13.23 1.17 5.35
N CYS A 73 12.43 2.08 4.76
CA CYS A 73 12.91 3.41 4.31
C CYS A 73 12.56 4.50 5.33
N GLN A 74 11.49 4.28 6.10
CA GLN A 74 10.94 5.25 7.03
C GLN A 74 11.37 4.85 8.46
N PRO A 75 11.96 5.80 9.27
CA PRO A 75 12.50 5.50 10.66
C PRO A 75 11.46 4.88 11.62
N ARG A 76 10.17 5.17 11.36
CA ARG A 76 9.03 4.64 12.11
C ARG A 76 8.52 3.32 11.49
N ASN A 77 7.98 2.42 12.35
CA ASN A 77 7.32 1.16 11.90
C ASN A 77 5.81 1.34 11.93
N LEU A 78 5.16 0.94 10.82
CA LEU A 78 3.72 1.18 10.59
C LEU A 78 2.93 -0.13 10.79
N ASP A 79 1.59 0.00 10.88
CA ASP A 79 0.68 -1.14 11.07
C ASP A 79 0.58 -1.97 9.78
N LYS A 80 1.50 -2.93 9.62
CA LYS A 80 1.56 -3.83 8.46
C LYS A 80 0.50 -4.94 8.57
N GLU A 81 0.45 -5.57 9.75
CA GLU A 81 -0.50 -6.67 10.05
C GLU A 81 -1.95 -6.16 9.99
N ARG A 82 -2.16 -4.94 10.50
CA ARG A 82 -3.48 -4.29 10.55
C ARG A 82 -3.88 -3.82 9.14
N ALA A 83 -2.87 -3.53 8.30
CA ALA A 83 -3.05 -3.17 6.88
C ALA A 83 -3.58 -4.36 6.06
N VAL A 84 -3.07 -5.56 6.40
CA VAL A 84 -3.53 -6.82 5.81
C VAL A 84 -4.99 -7.08 6.21
N LEU A 85 -5.25 -6.95 7.54
CA LEU A 85 -6.58 -7.13 8.14
C LEU A 85 -7.62 -6.19 7.53
N LEU A 86 -7.23 -4.92 7.34
CA LEU A 86 -8.11 -3.86 6.83
C LEU A 86 -8.54 -4.14 5.39
N GLN A 87 -7.57 -4.49 4.53
CA GLN A 87 -7.82 -4.75 3.09
C GLN A 87 -8.60 -6.05 2.85
N ARG A 88 -8.30 -7.12 3.63
CA ARG A 88 -8.98 -8.42 3.46
C ARG A 88 -10.45 -8.33 3.89
N ARG A 89 -10.71 -7.61 5.01
CA ARG A 89 -12.08 -7.45 5.53
C ARG A 89 -12.86 -6.45 4.67
N LYS A 90 -12.12 -5.49 4.07
CA LYS A 90 -12.71 -4.43 3.23
C LYS A 90 -13.39 -5.03 1.99
N ARG A 91 -12.68 -5.95 1.32
CA ARG A 91 -13.17 -6.62 0.11
C ARG A 91 -14.32 -7.62 0.44
N GLU A 92 -14.20 -8.37 1.57
CA GLU A 92 -15.22 -9.37 1.97
C GLU A 92 -16.47 -8.72 2.60
N ASN A 93 -16.33 -7.46 3.07
CA ASN A 93 -17.44 -6.66 3.65
C ASN A 93 -17.92 -5.60 2.63
N MET A 94 -17.24 -5.51 1.45
CA MET A 94 -17.68 -4.66 0.32
C MET A 94 -18.97 -5.22 -0.28
N SER A 95 -19.04 -6.56 -0.32
CA SER A 95 -20.23 -7.31 -0.77
C SER A 95 -20.46 -8.51 0.18
N ASP A 96 -21.61 -8.50 0.88
CA ASP A 96 -22.05 -9.60 1.74
C ASP A 96 -22.70 -10.71 0.87
N GLY A 97 -21.87 -11.38 0.05
CA GLY A 97 -22.33 -12.42 -0.87
C GLY A 97 -22.42 -13.78 -0.21
N ASP A 98 -21.39 -14.12 0.57
CA ASP A 98 -21.26 -15.41 1.27
C ASP A 98 -20.14 -15.32 2.33
N SER A 19 3.59 -20.29 -17.08
CA SER A 19 4.06 -19.45 -15.96
C SER A 19 5.38 -18.78 -16.34
N GLU A 20 5.56 -17.52 -15.92
CA GLU A 20 6.76 -16.71 -16.19
C GLU A 20 7.26 -16.07 -14.89
N ASP A 21 8.34 -15.27 -15.00
CA ASP A 21 8.89 -14.47 -13.89
C ASP A 21 7.82 -13.55 -13.28
N GLY A 22 7.13 -12.80 -14.16
CA GLY A 22 6.06 -11.89 -13.77
C GLY A 22 6.17 -10.56 -14.50
N SER A 23 5.71 -9.47 -13.84
CA SER A 23 5.76 -8.11 -14.40
C SER A 23 6.00 -7.09 -13.26
N TYR A 24 6.64 -5.96 -13.59
CA TYR A 24 7.08 -4.94 -12.60
C TYR A 24 7.24 -3.56 -13.27
N GLY A 25 7.82 -2.59 -12.53
CA GLY A 25 8.17 -1.26 -13.07
C GLY A 25 8.08 -0.17 -12.01
N THR A 26 7.77 1.07 -12.44
CA THR A 26 7.46 2.19 -11.53
C THR A 26 6.01 2.08 -11.01
N ASP A 27 5.19 1.27 -11.71
CA ASP A 27 3.77 1.07 -11.41
C ASP A 27 3.50 -0.36 -10.89
N VAL A 28 4.53 -0.98 -10.28
CA VAL A 28 4.37 -2.29 -9.63
C VAL A 28 3.72 -2.07 -8.24
N THR A 29 2.51 -2.58 -8.05
CA THR A 29 1.81 -2.50 -6.77
C THR A 29 2.20 -3.69 -5.88
N ARG A 30 3.23 -3.49 -5.06
CA ARG A 30 3.64 -4.48 -4.04
C ARG A 30 3.44 -3.84 -2.66
N CYS A 31 2.15 -3.78 -2.32
CA CYS A 31 1.67 -3.39 -0.99
C CYS A 31 1.65 -4.65 -0.09
N ILE A 32 2.03 -4.53 1.19
CA ILE A 32 2.19 -5.71 2.10
C ILE A 32 0.87 -6.48 2.36
N CYS A 33 -0.28 -5.84 2.06
CA CYS A 33 -1.61 -6.48 2.21
C CYS A 33 -1.92 -7.45 1.05
N GLY A 34 -1.19 -7.31 -0.09
CA GLY A 34 -1.40 -8.14 -1.27
C GLY A 34 -2.70 -7.82 -2.01
N PHE A 35 -3.05 -6.54 -2.02
CA PHE A 35 -4.28 -6.02 -2.67
C PHE A 35 -3.91 -4.79 -3.52
N THR A 36 -4.51 -4.70 -4.73
CA THR A 36 -4.48 -3.49 -5.57
C THR A 36 -5.69 -2.62 -5.22
N HIS A 37 -5.63 -1.30 -5.49
CA HIS A 37 -6.73 -0.39 -5.13
C HIS A 37 -8.02 -0.72 -5.89
N ASP A 38 -9.14 -0.40 -5.27
CA ASP A 38 -10.46 -0.39 -5.91
C ASP A 38 -10.79 1.04 -6.38
N ASP A 39 -10.19 2.01 -5.66
CA ASP A 39 -10.60 3.42 -5.69
C ASP A 39 -9.64 4.29 -6.54
N GLY A 40 -8.38 4.44 -6.10
CA GLY A 40 -7.40 5.29 -6.81
C GLY A 40 -6.45 6.04 -5.89
N TYR A 41 -6.76 6.04 -4.58
CA TYR A 41 -6.00 6.81 -3.58
C TYR A 41 -4.85 5.94 -3.05
N MET A 42 -3.73 5.98 -3.78
CA MET A 42 -2.50 5.23 -3.44
C MET A 42 -1.29 6.16 -3.54
N ILE A 43 -0.15 5.66 -3.06
CA ILE A 43 1.13 6.38 -3.05
C ILE A 43 2.27 5.40 -3.41
N CYS A 44 3.11 5.78 -4.38
CA CYS A 44 4.30 5.01 -4.75
C CYS A 44 5.47 5.41 -3.82
N CYS A 45 6.12 4.38 -3.22
CA CYS A 45 7.35 4.58 -2.43
C CYS A 45 8.47 5.00 -3.38
N ASP A 46 8.94 6.25 -3.27
CA ASP A 46 9.85 6.89 -4.25
C ASP A 46 11.10 6.03 -4.54
N LYS A 47 11.62 5.36 -3.49
CA LYS A 47 12.82 4.52 -3.56
C LYS A 47 12.51 3.12 -4.14
N CYS A 48 11.38 2.53 -3.74
CA CYS A 48 11.04 1.12 -4.07
C CYS A 48 10.27 1.01 -5.39
N SER A 49 9.66 2.13 -5.79
CA SER A 49 8.74 2.23 -6.96
C SER A 49 7.50 1.31 -6.80
N VAL A 50 7.17 0.91 -5.55
CA VAL A 50 6.02 0.03 -5.24
C VAL A 50 4.85 0.86 -4.69
N TRP A 51 3.64 0.62 -5.21
CA TRP A 51 2.41 1.32 -4.80
C TRP A 51 1.79 0.66 -3.56
N GLN A 52 1.48 1.50 -2.55
CA GLN A 52 0.84 1.10 -1.31
C GLN A 52 -0.44 1.92 -1.09
N HIS A 53 -1.33 1.42 -0.23
CA HIS A 53 -2.59 2.13 0.12
C HIS A 53 -2.33 3.15 1.23
N ILE A 54 -3.02 4.28 1.13
CA ILE A 54 -3.02 5.36 2.13
C ILE A 54 -3.49 4.80 3.49
N ASP A 55 -4.58 4.04 3.45
CA ASP A 55 -5.18 3.39 4.64
C ASP A 55 -4.30 2.24 5.21
N CYS A 56 -3.31 1.78 4.41
CA CYS A 56 -2.38 0.72 4.86
C CYS A 56 -1.29 1.28 5.79
N MET A 57 -0.57 2.32 5.34
CA MET A 57 0.53 2.92 6.15
C MET A 57 -0.04 3.80 7.30
N GLY A 58 -1.37 4.01 7.30
CA GLY A 58 -2.03 4.87 8.28
C GLY A 58 -1.95 6.35 7.90
N ILE A 59 -1.75 6.64 6.60
CA ILE A 59 -1.71 8.00 6.05
C ILE A 59 -3.16 8.55 5.97
N ASP A 60 -3.30 9.88 6.03
CA ASP A 60 -4.60 10.54 5.77
C ASP A 60 -4.71 10.84 4.27
N ARG A 61 -5.92 10.65 3.68
CA ARG A 61 -6.19 11.03 2.27
C ARG A 61 -6.18 12.56 2.11
N GLN A 62 -6.29 13.28 3.23
CA GLN A 62 -6.16 14.74 3.30
C GLN A 62 -4.68 15.17 3.44
N HIS A 63 -3.91 14.37 4.21
CA HIS A 63 -2.49 14.66 4.53
C HIS A 63 -1.61 13.55 3.92
N ILE A 64 -1.19 13.74 2.67
CA ILE A 64 -0.39 12.77 1.89
C ILE A 64 1.08 13.26 1.79
N PRO A 65 2.10 12.43 2.19
CA PRO A 65 3.53 12.79 2.00
C PRO A 65 3.93 12.72 0.50
N ASP A 66 4.64 13.76 0.02
CA ASP A 66 5.14 13.86 -1.37
C ASP A 66 6.10 12.69 -1.66
N THR A 67 7.05 12.51 -0.74
CA THR A 67 8.06 11.47 -0.79
C THR A 67 7.65 10.34 0.18
N TYR A 68 6.75 9.46 -0.30
CA TYR A 68 6.29 8.32 0.49
C TYR A 68 7.42 7.29 0.68
N LEU A 69 7.57 6.83 1.92
CA LEU A 69 8.45 5.72 2.29
C LEU A 69 7.61 4.64 2.99
N CYS A 70 7.80 3.38 2.56
CA CYS A 70 7.08 2.23 3.14
C CYS A 70 7.70 1.82 4.51
N GLU A 71 7.18 0.74 5.10
CA GLU A 71 7.46 0.33 6.50
C GLU A 71 8.96 0.05 6.74
N ARG A 72 9.67 -0.43 5.71
CA ARG A 72 11.11 -0.78 5.81
C ARG A 72 11.97 0.50 5.71
N CYS A 73 11.50 1.47 4.91
CA CYS A 73 12.26 2.68 4.55
C CYS A 73 12.27 3.71 5.69
N GLN A 74 11.20 3.72 6.51
CA GLN A 74 11.10 4.62 7.67
C GLN A 74 11.63 3.91 8.94
N PRO A 75 12.46 4.62 9.79
CA PRO A 75 13.03 4.05 11.04
C PRO A 75 11.97 3.82 12.13
N ARG A 76 10.80 4.46 11.96
CA ARG A 76 9.65 4.33 12.88
C ARG A 76 8.85 3.05 12.59
N ASN A 77 8.13 2.54 13.60
CA ASN A 77 7.24 1.39 13.44
C ASN A 77 5.91 1.85 12.80
N LEU A 78 5.52 1.19 11.70
CA LEU A 78 4.28 1.50 10.97
C LEU A 78 3.34 0.29 11.03
N ASP A 79 2.04 0.57 10.82
CA ASP A 79 0.97 -0.46 10.85
C ASP A 79 1.11 -1.41 9.64
N LYS A 80 1.90 -2.48 9.82
CA LYS A 80 2.13 -3.50 8.80
C LYS A 80 1.00 -4.53 8.84
N GLU A 81 0.83 -5.14 10.03
CA GLU A 81 -0.20 -6.16 10.26
C GLU A 81 -1.61 -5.56 10.14
N ARG A 82 -1.83 -4.34 10.71
CA ARG A 82 -3.15 -3.65 10.60
C ARG A 82 -3.46 -3.32 9.12
N ALA A 83 -2.40 -3.09 8.33
CA ALA A 83 -2.53 -2.83 6.87
C ALA A 83 -3.09 -4.05 6.13
N VAL A 84 -2.51 -5.23 6.45
CA VAL A 84 -2.94 -6.53 5.88
C VAL A 84 -4.41 -6.80 6.27
N LEU A 85 -4.69 -6.70 7.57
CA LEU A 85 -5.98 -7.04 8.18
C LEU A 85 -7.11 -6.12 7.69
N LEU A 86 -6.79 -4.83 7.51
CA LEU A 86 -7.76 -3.80 7.04
C LEU A 86 -8.23 -4.14 5.62
N GLN A 87 -7.25 -4.29 4.70
CA GLN A 87 -7.53 -4.44 3.26
C GLN A 87 -8.08 -5.83 2.92
N ARG A 88 -7.76 -6.87 3.74
CA ARG A 88 -8.29 -8.23 3.51
C ARG A 88 -9.77 -8.29 3.92
N ARG A 89 -10.11 -7.78 5.13
CA ARG A 89 -11.52 -7.80 5.62
C ARG A 89 -12.39 -6.89 4.74
N LYS A 90 -11.76 -5.84 4.19
CA LYS A 90 -12.40 -4.92 3.23
C LYS A 90 -12.83 -5.68 1.96
N ARG A 91 -11.85 -6.26 1.25
CA ARG A 91 -12.07 -6.89 -0.09
C ARG A 91 -12.99 -8.11 0.00
N GLU A 92 -12.89 -8.88 1.11
CA GLU A 92 -13.68 -10.10 1.34
C GLU A 92 -15.14 -9.75 1.72
N ASN A 93 -15.35 -8.59 2.37
CA ASN A 93 -16.70 -8.12 2.76
C ASN A 93 -17.33 -7.20 1.71
N MET A 94 -16.62 -6.96 0.57
CA MET A 94 -17.17 -6.19 -0.56
C MET A 94 -18.12 -7.06 -1.40
N SER A 95 -19.30 -7.33 -0.81
CA SER A 95 -20.41 -8.03 -1.48
C SER A 95 -21.32 -7.01 -2.21
N ASP A 96 -21.13 -5.74 -1.84
CA ASP A 96 -21.92 -4.61 -2.32
C ASP A 96 -21.50 -4.21 -3.74
N GLY A 97 -22.05 -4.92 -4.74
CA GLY A 97 -21.87 -4.59 -6.16
C GLY A 97 -22.79 -3.45 -6.59
N ASP A 98 -23.94 -3.33 -5.90
CA ASP A 98 -24.93 -2.27 -6.15
C ASP A 98 -24.92 -1.32 -4.94
N SER A 19 8.17 -14.44 -16.08
CA SER A 19 9.05 -13.74 -17.05
C SER A 19 8.50 -12.33 -17.36
N GLU A 20 7.22 -12.29 -17.76
CA GLU A 20 6.52 -11.06 -18.23
C GLU A 20 6.02 -10.22 -17.05
N ASP A 21 6.66 -9.06 -16.82
CA ASP A 21 6.30 -8.12 -15.73
C ASP A 21 5.17 -7.17 -16.16
N GLY A 22 5.08 -6.89 -17.46
CA GLY A 22 4.06 -5.98 -18.01
C GLY A 22 4.64 -4.61 -18.38
N SER A 23 3.77 -3.72 -18.91
CA SER A 23 4.18 -2.37 -19.35
C SER A 23 3.85 -1.33 -18.26
N TYR A 24 4.92 -0.72 -17.69
CA TYR A 24 4.80 0.29 -16.62
C TYR A 24 6.01 1.25 -16.64
N GLY A 25 5.82 2.48 -16.12
CA GLY A 25 6.86 3.50 -16.06
C GLY A 25 7.63 3.44 -14.74
N THR A 26 8.23 2.25 -14.48
CA THR A 26 8.91 1.91 -13.20
C THR A 26 7.86 1.78 -12.04
N ASP A 27 6.56 1.81 -12.42
CA ASP A 27 5.44 1.78 -11.47
C ASP A 27 5.02 0.34 -11.19
N VAL A 28 5.43 -0.21 -10.04
CA VAL A 28 5.05 -1.57 -9.62
C VAL A 28 4.34 -1.50 -8.26
N THR A 29 3.17 -2.15 -8.15
CA THR A 29 2.40 -2.17 -6.90
C THR A 29 2.87 -3.33 -6.01
N ARG A 30 3.75 -3.02 -5.04
CA ARG A 30 4.18 -3.97 -4.00
C ARG A 30 3.77 -3.42 -2.63
N CYS A 31 2.48 -3.58 -2.32
CA CYS A 31 1.92 -3.19 -1.01
C CYS A 31 2.16 -4.32 0.02
N ILE A 32 2.28 -3.95 1.31
CA ILE A 32 2.54 -4.90 2.44
C ILE A 32 1.39 -5.92 2.65
N CYS A 33 0.17 -5.60 2.11
CA CYS A 33 -0.99 -6.51 2.19
C CYS A 33 -0.98 -7.54 1.03
N GLY A 34 0.10 -7.50 0.20
CA GLY A 34 0.31 -8.47 -0.90
C GLY A 34 -0.74 -8.36 -1.99
N PHE A 35 -1.46 -7.24 -2.01
CA PHE A 35 -2.62 -7.02 -2.88
C PHE A 35 -2.51 -5.65 -3.57
N THR A 36 -2.91 -5.64 -4.87
CA THR A 36 -3.01 -4.43 -5.69
C THR A 36 -4.22 -3.57 -5.26
N HIS A 37 -4.38 -2.38 -5.88
CA HIS A 37 -5.47 -1.47 -5.50
C HIS A 37 -6.79 -1.89 -6.14
N ASP A 38 -7.86 -1.75 -5.37
CA ASP A 38 -9.24 -1.78 -5.89
C ASP A 38 -9.89 -0.40 -5.61
N ASP A 39 -9.18 0.45 -4.85
CA ASP A 39 -9.67 1.76 -4.42
C ASP A 39 -9.46 2.81 -5.53
N GLY A 40 -8.18 3.11 -5.84
CA GLY A 40 -7.83 4.14 -6.82
C GLY A 40 -6.87 5.18 -6.24
N TYR A 41 -6.97 5.41 -4.91
CA TYR A 41 -6.15 6.40 -4.19
C TYR A 41 -4.99 5.70 -3.50
N MET A 42 -3.78 5.89 -4.06
CA MET A 42 -2.55 5.21 -3.59
C MET A 42 -1.40 6.23 -3.42
N ILE A 43 -0.24 5.71 -2.98
CA ILE A 43 1.02 6.48 -2.89
C ILE A 43 2.20 5.57 -3.33
N CYS A 44 3.04 6.09 -4.23
CA CYS A 44 4.29 5.41 -4.65
C CYS A 44 5.43 5.84 -3.71
N CYS A 45 6.28 4.85 -3.33
CA CYS A 45 7.48 5.12 -2.53
C CYS A 45 8.55 5.71 -3.45
N ASP A 46 9.02 6.91 -3.12
CA ASP A 46 10.01 7.65 -3.94
C ASP A 46 11.26 6.81 -4.23
N LYS A 47 11.77 6.13 -3.19
CA LYS A 47 12.98 5.30 -3.26
C LYS A 47 12.77 4.01 -4.11
N CYS A 48 11.63 3.33 -3.89
CA CYS A 48 11.43 1.95 -4.39
C CYS A 48 10.55 1.90 -5.65
N SER A 49 9.81 2.98 -5.87
CA SER A 49 8.74 3.08 -6.90
C SER A 49 7.61 2.04 -6.69
N VAL A 50 7.45 1.57 -5.43
CA VAL A 50 6.41 0.58 -5.07
C VAL A 50 5.15 1.29 -4.54
N TRP A 51 4.00 0.94 -5.13
CA TRP A 51 2.69 1.53 -4.79
C TRP A 51 2.06 0.80 -3.59
N GLN A 52 1.53 1.60 -2.65
CA GLN A 52 0.92 1.15 -1.40
C GLN A 52 -0.43 1.86 -1.17
N HIS A 53 -1.27 1.30 -0.29
CA HIS A 53 -2.59 1.89 0.03
C HIS A 53 -2.45 2.93 1.15
N ILE A 54 -3.16 4.05 1.00
CA ILE A 54 -3.16 5.15 2.00
C ILE A 54 -3.77 4.66 3.33
N ASP A 55 -4.81 3.80 3.20
CA ASP A 55 -5.47 3.11 4.34
C ASP A 55 -4.45 2.26 5.12
N CYS A 56 -3.61 1.55 4.35
CA CYS A 56 -2.66 0.54 4.87
C CYS A 56 -1.59 1.16 5.78
N MET A 57 -1.06 2.32 5.36
CA MET A 57 0.00 3.03 6.10
C MET A 57 -0.56 3.94 7.21
N GLY A 58 -1.90 3.99 7.33
CA GLY A 58 -2.56 4.86 8.32
C GLY A 58 -2.38 6.34 8.02
N ILE A 59 -2.14 6.67 6.74
CA ILE A 59 -1.99 8.05 6.27
C ILE A 59 -3.38 8.63 5.92
N ASP A 60 -3.56 9.94 6.13
CA ASP A 60 -4.77 10.66 5.67
C ASP A 60 -4.62 11.02 4.19
N ARG A 61 -5.71 10.92 3.43
CA ARG A 61 -5.73 11.27 2.00
C ARG A 61 -5.70 12.80 1.82
N GLN A 62 -6.06 13.53 2.88
CA GLN A 62 -5.91 15.00 2.95
C GLN A 62 -4.44 15.37 3.21
N HIS A 63 -3.74 14.55 4.02
CA HIS A 63 -2.36 14.82 4.46
C HIS A 63 -1.42 13.73 3.94
N ILE A 64 -0.91 13.94 2.71
CA ILE A 64 -0.02 12.99 2.01
C ILE A 64 1.39 13.61 1.85
N PRO A 65 2.49 12.93 2.30
CA PRO A 65 3.87 13.43 2.10
C PRO A 65 4.31 13.38 0.62
N ASP A 66 5.23 14.29 0.24
CA ASP A 66 5.75 14.42 -1.15
C ASP A 66 6.47 13.13 -1.55
N THR A 67 7.51 12.81 -0.78
CA THR A 67 8.31 11.61 -0.94
C THR A 67 7.86 10.56 0.09
N TYR A 68 6.76 9.86 -0.24
CA TYR A 68 6.28 8.73 0.57
C TYR A 68 7.37 7.65 0.71
N LEU A 69 7.48 7.10 1.91
CA LEU A 69 8.40 6.00 2.22
C LEU A 69 7.61 4.80 2.74
N CYS A 70 7.91 3.62 2.21
CA CYS A 70 7.24 2.38 2.60
C CYS A 70 7.83 1.85 3.93
N GLU A 71 7.31 0.69 4.39
CA GLU A 71 7.66 0.05 5.69
C GLU A 71 9.17 0.04 6.00
N ARG A 72 9.98 -0.40 5.03
CA ARG A 72 11.42 -0.67 5.23
C ARG A 72 12.26 0.61 5.14
N CYS A 73 11.67 1.66 4.54
CA CYS A 73 12.32 2.97 4.36
C CYS A 73 12.17 3.85 5.61
N GLN A 74 11.04 3.69 6.33
CA GLN A 74 10.79 4.40 7.60
C GLN A 74 11.36 3.58 8.79
N PRO A 75 12.19 4.22 9.68
CA PRO A 75 12.64 3.59 10.95
C PRO A 75 11.46 3.35 11.93
N ARG A 76 10.39 4.16 11.77
CA ARG A 76 9.16 4.01 12.52
C ARG A 76 8.35 2.85 11.89
N ASN A 77 8.40 1.67 12.53
CA ASN A 77 7.75 0.45 12.03
C ASN A 77 6.22 0.60 12.07
N LEU A 78 5.58 0.48 10.89
CA LEU A 78 4.15 0.73 10.73
C LEU A 78 3.34 -0.57 11.01
N ASP A 79 2.02 -0.53 10.79
CA ASP A 79 1.13 -1.68 11.03
C ASP A 79 0.91 -2.45 9.72
N LYS A 80 1.77 -3.44 9.45
CA LYS A 80 1.64 -4.33 8.27
C LYS A 80 0.41 -5.24 8.42
N GLU A 81 0.31 -5.89 9.59
CA GLU A 81 -0.77 -6.87 9.87
C GLU A 81 -2.16 -6.21 9.78
N ARG A 82 -2.33 -5.09 10.53
CA ARG A 82 -3.60 -4.34 10.56
C ARG A 82 -3.92 -3.72 9.19
N ALA A 83 -2.88 -3.51 8.36
CA ALA A 83 -3.03 -3.05 6.97
C ALA A 83 -3.65 -4.15 6.09
N VAL A 84 -3.17 -5.41 6.28
CA VAL A 84 -3.72 -6.58 5.58
C VAL A 84 -5.19 -6.73 5.95
N LEU A 85 -5.43 -6.74 7.28
CA LEU A 85 -6.75 -6.89 7.90
C LEU A 85 -7.73 -5.83 7.42
N LEU A 86 -7.27 -4.57 7.33
CA LEU A 86 -8.09 -3.41 6.93
C LEU A 86 -8.68 -3.64 5.52
N GLN A 87 -7.78 -4.02 4.57
CA GLN A 87 -8.15 -4.21 3.16
C GLN A 87 -9.10 -5.42 2.98
N ARG A 88 -8.72 -6.57 3.56
CA ARG A 88 -9.47 -7.84 3.37
C ARG A 88 -10.86 -7.79 4.04
N ARG A 89 -10.95 -7.20 5.27
CA ARG A 89 -12.21 -7.17 6.05
C ARG A 89 -13.21 -6.19 5.42
N LYS A 90 -12.66 -5.14 4.81
CA LYS A 90 -13.44 -4.16 4.04
C LYS A 90 -14.16 -4.86 2.87
N ARG A 91 -13.40 -5.72 2.16
CA ARG A 91 -13.90 -6.43 0.96
C ARG A 91 -14.80 -7.64 1.31
N GLU A 92 -14.46 -8.35 2.41
CA GLU A 92 -15.15 -9.61 2.77
C GLU A 92 -16.48 -9.32 3.49
N ASN A 93 -16.61 -8.08 4.01
CA ASN A 93 -17.88 -7.57 4.54
C ASN A 93 -18.89 -7.38 3.39
N MET A 94 -18.37 -6.98 2.22
CA MET A 94 -19.19 -6.76 1.01
C MET A 94 -19.70 -8.09 0.44
N SER A 95 -18.92 -9.17 0.62
CA SER A 95 -19.27 -10.52 0.11
C SER A 95 -20.19 -11.28 1.09
N ASP A 96 -19.98 -11.08 2.41
CA ASP A 96 -20.73 -11.80 3.47
C ASP A 96 -21.31 -10.82 4.50
N GLY A 97 -22.61 -11.01 4.82
CA GLY A 97 -23.34 -10.17 5.79
C GLY A 97 -24.77 -9.91 5.35
N ASP A 98 -25.68 -9.66 6.32
CA ASP A 98 -27.12 -9.43 6.03
C ASP A 98 -27.33 -7.99 5.50
N SER A 19 20.20 -4.12 -0.18
CA SER A 19 19.23 -5.23 -0.11
C SER A 19 18.35 -5.25 -1.38
N GLU A 20 18.74 -6.08 -2.37
CA GLU A 20 17.96 -6.30 -3.60
C GLU A 20 16.96 -7.45 -3.38
N ASP A 21 15.83 -7.13 -2.74
CA ASP A 21 14.74 -8.09 -2.47
C ASP A 21 13.87 -8.31 -3.72
N GLY A 22 13.81 -7.27 -4.57
CA GLY A 22 13.04 -7.29 -5.80
C GLY A 22 13.48 -6.22 -6.79
N SER A 23 12.85 -6.25 -7.99
CA SER A 23 13.18 -5.31 -9.07
C SER A 23 12.55 -3.92 -8.81
N TYR A 24 13.40 -2.98 -8.38
CA TYR A 24 13.06 -1.55 -8.23
C TYR A 24 12.98 -0.87 -9.62
N GLY A 25 12.59 0.42 -9.64
CA GLY A 25 12.49 1.19 -10.89
C GLY A 25 11.14 0.99 -11.58
N THR A 26 10.76 -0.28 -11.74
CA THR A 26 9.46 -0.70 -12.30
C THR A 26 8.31 -0.37 -11.33
N ASP A 27 7.20 0.16 -11.89
CA ASP A 27 5.99 0.46 -11.12
C ASP A 27 5.22 -0.85 -10.83
N VAL A 28 5.61 -1.52 -9.75
CA VAL A 28 4.96 -2.76 -9.28
C VAL A 28 4.26 -2.45 -7.95
N THR A 29 3.02 -2.94 -7.78
CA THR A 29 2.28 -2.77 -6.52
C THR A 29 2.73 -3.85 -5.51
N ARG A 30 3.82 -3.53 -4.80
CA ARG A 30 4.32 -4.35 -3.68
C ARG A 30 3.85 -3.67 -2.39
N CYS A 31 2.55 -3.83 -2.12
CA CYS A 31 1.95 -3.36 -0.86
C CYS A 31 2.06 -4.46 0.21
N ILE A 32 2.30 -4.06 1.48
CA ILE A 32 2.51 -5.02 2.60
C ILE A 32 1.24 -5.85 2.92
N CYS A 33 0.07 -5.43 2.40
CA CYS A 33 -1.20 -6.17 2.56
C CYS A 33 -1.37 -7.29 1.52
N GLY A 34 -0.42 -7.36 0.55
CA GLY A 34 -0.46 -8.37 -0.54
C GLY A 34 -1.65 -8.20 -1.48
N PHE A 35 -2.16 -6.96 -1.54
CA PHE A 35 -3.37 -6.59 -2.30
C PHE A 35 -3.09 -5.33 -3.14
N THR A 36 -3.56 -5.34 -4.40
CA THR A 36 -3.56 -4.17 -5.31
C THR A 36 -4.82 -3.35 -5.05
N HIS A 37 -4.96 -2.14 -5.61
CA HIS A 37 -6.11 -1.28 -5.29
C HIS A 37 -7.35 -1.67 -6.13
N ASP A 38 -8.47 -1.82 -5.44
CA ASP A 38 -9.81 -1.65 -6.02
C ASP A 38 -10.30 -0.22 -5.65
N ASP A 39 -9.52 0.44 -4.77
CA ASP A 39 -9.90 1.69 -4.08
C ASP A 39 -9.65 2.92 -4.99
N GLY A 40 -8.37 3.22 -5.26
CA GLY A 40 -7.98 4.38 -6.08
C GLY A 40 -6.94 5.25 -5.40
N TYR A 41 -6.96 5.29 -4.06
CA TYR A 41 -6.08 6.14 -3.26
C TYR A 41 -4.77 5.41 -2.92
N MET A 42 -3.75 5.59 -3.79
CA MET A 42 -2.43 4.95 -3.63
C MET A 42 -1.30 5.98 -3.67
N ILE A 43 -0.26 5.71 -2.88
CA ILE A 43 0.98 6.48 -2.81
C ILE A 43 2.17 5.56 -3.17
N CYS A 44 3.07 6.05 -4.01
CA CYS A 44 4.22 5.28 -4.53
C CYS A 44 5.50 5.63 -3.74
N CYS A 45 6.19 4.60 -3.23
CA CYS A 45 7.46 4.75 -2.48
C CYS A 45 8.55 5.19 -3.45
N ASP A 46 8.89 6.50 -3.43
CA ASP A 46 9.74 7.18 -4.43
C ASP A 46 11.01 6.36 -4.82
N LYS A 47 11.72 5.90 -3.79
CA LYS A 47 13.01 5.19 -3.94
C LYS A 47 12.82 3.71 -4.43
N CYS A 48 11.71 3.06 -4.05
CA CYS A 48 11.41 1.65 -4.42
C CYS A 48 10.72 1.56 -5.80
N SER A 49 9.90 2.58 -6.09
CA SER A 49 8.96 2.63 -7.24
C SER A 49 7.76 1.67 -7.05
N VAL A 50 7.53 1.22 -5.79
CA VAL A 50 6.43 0.29 -5.46
C VAL A 50 5.22 1.05 -4.90
N TRP A 51 4.02 0.66 -5.35
CA TRP A 51 2.75 1.32 -4.98
C TRP A 51 2.12 0.65 -3.75
N GLN A 52 1.69 1.48 -2.78
CA GLN A 52 1.03 1.04 -1.54
C GLN A 52 -0.17 1.94 -1.21
N HIS A 53 -1.04 1.48 -0.31
CA HIS A 53 -2.26 2.21 0.08
C HIS A 53 -1.96 3.26 1.17
N ILE A 54 -2.66 4.40 1.08
CA ILE A 54 -2.54 5.51 2.05
C ILE A 54 -2.94 5.04 3.46
N ASP A 55 -3.99 4.21 3.50
CA ASP A 55 -4.52 3.60 4.75
C ASP A 55 -3.48 2.64 5.36
N CYS A 56 -2.69 1.99 4.49
CA CYS A 56 -1.74 0.93 4.86
C CYS A 56 -0.52 1.46 5.63
N MET A 57 -0.05 2.68 5.29
CA MET A 57 0.98 3.37 6.15
C MET A 57 0.28 4.13 7.32
N GLY A 58 -1.06 4.13 7.33
CA GLY A 58 -1.85 4.80 8.39
C GLY A 58 -1.89 6.31 8.23
N ILE A 59 -1.66 6.77 6.99
CA ILE A 59 -1.69 8.19 6.62
C ILE A 59 -3.14 8.61 6.31
N ASP A 60 -3.50 9.87 6.65
CA ASP A 60 -4.80 10.45 6.29
C ASP A 60 -4.87 10.73 4.78
N ARG A 61 -6.02 10.44 4.17
CA ARG A 61 -6.31 10.79 2.77
C ARG A 61 -6.49 12.31 2.61
N GLN A 62 -6.69 13.01 3.73
CA GLN A 62 -6.79 14.47 3.78
C GLN A 62 -5.39 15.10 3.78
N HIS A 63 -4.44 14.43 4.47
CA HIS A 63 -3.06 14.91 4.66
C HIS A 63 -2.09 13.88 4.07
N ILE A 64 -1.81 14.01 2.77
CA ILE A 64 -0.99 13.05 1.99
C ILE A 64 0.41 13.66 1.75
N PRO A 65 1.53 12.96 2.11
CA PRO A 65 2.90 13.43 1.82
C PRO A 65 3.30 13.16 0.35
N ASP A 66 4.24 13.97 -0.17
CA ASP A 66 4.75 13.82 -1.55
C ASP A 66 5.59 12.55 -1.69
N THR A 67 6.72 12.51 -0.97
CA THR A 67 7.70 11.44 -1.03
C THR A 67 7.35 10.34 -0.02
N TYR A 68 6.46 9.43 -0.44
CA TYR A 68 6.10 8.24 0.34
C TYR A 68 7.33 7.30 0.49
N LEU A 69 7.51 6.78 1.72
CA LEU A 69 8.46 5.70 2.02
C LEU A 69 7.67 4.56 2.65
N CYS A 70 7.90 3.33 2.18
CA CYS A 70 7.19 2.14 2.68
C CYS A 70 7.80 1.67 4.01
N GLU A 71 7.21 0.60 4.59
CA GLU A 71 7.59 0.00 5.90
C GLU A 71 9.11 0.01 6.18
N ARG A 72 9.87 -0.52 5.22
CA ARG A 72 11.29 -0.84 5.39
C ARG A 72 12.15 0.43 5.26
N CYS A 73 11.66 1.40 4.46
CA CYS A 73 12.38 2.67 4.21
C CYS A 73 12.10 3.70 5.31
N GLN A 74 10.96 3.51 5.99
CA GLN A 74 10.57 4.33 7.14
C GLN A 74 11.34 3.87 8.41
N PRO A 75 12.00 4.82 9.15
CA PRO A 75 12.59 4.53 10.49
C PRO A 75 11.53 4.12 11.54
N ARG A 76 10.26 4.47 11.27
CA ARG A 76 9.13 4.20 12.18
C ARG A 76 8.62 2.75 12.03
N ASN A 77 7.82 2.32 13.02
CA ASN A 77 7.16 1.00 13.04
C ASN A 77 5.71 1.15 12.50
N LEU A 78 5.43 0.52 11.35
CA LEU A 78 4.07 0.53 10.75
C LEU A 78 3.29 -0.73 11.18
N ASP A 79 1.96 -0.56 11.39
CA ASP A 79 1.04 -1.66 11.72
C ASP A 79 0.71 -2.47 10.45
N LYS A 80 1.65 -3.37 10.12
CA LYS A 80 1.67 -4.14 8.87
C LYS A 80 0.52 -5.16 8.84
N GLU A 81 0.35 -5.88 9.96
CA GLU A 81 -0.71 -6.90 10.12
C GLU A 81 -2.11 -6.27 10.03
N ARG A 82 -2.23 -5.07 10.60
CA ARG A 82 -3.49 -4.30 10.61
C ARG A 82 -3.80 -3.73 9.21
N ALA A 83 -2.72 -3.46 8.44
CA ALA A 83 -2.82 -3.01 7.03
C ALA A 83 -3.35 -4.14 6.12
N VAL A 84 -2.89 -5.38 6.41
CA VAL A 84 -3.37 -6.59 5.72
C VAL A 84 -4.87 -6.75 5.97
N LEU A 85 -5.23 -6.71 7.26
CA LEU A 85 -6.61 -6.85 7.73
C LEU A 85 -7.54 -5.80 7.13
N LEU A 86 -7.10 -4.53 7.17
CA LEU A 86 -7.91 -3.36 6.74
C LEU A 86 -8.35 -3.48 5.27
N GLN A 87 -7.38 -3.73 4.39
CA GLN A 87 -7.63 -3.77 2.93
C GLN A 87 -8.41 -5.03 2.50
N ARG A 88 -8.14 -6.17 3.19
CA ARG A 88 -8.81 -7.45 2.85
C ARG A 88 -10.28 -7.41 3.30
N ARG A 89 -10.55 -6.97 4.55
CA ARG A 89 -11.91 -6.96 5.11
C ARG A 89 -12.78 -5.94 4.37
N LYS A 90 -12.15 -4.87 3.87
CA LYS A 90 -12.82 -3.84 3.06
C LYS A 90 -13.34 -4.45 1.74
N ARG A 91 -12.51 -5.27 1.04
CA ARG A 91 -12.93 -5.93 -0.23
C ARG A 91 -13.90 -7.12 0.04
N GLU A 92 -13.73 -7.78 1.21
CA GLU A 92 -14.53 -8.96 1.60
C GLU A 92 -15.91 -8.57 2.16
N ASN A 93 -16.06 -7.30 2.58
CA ASN A 93 -17.35 -6.75 3.06
C ASN A 93 -17.89 -5.68 2.08
N MET A 94 -17.25 -5.54 0.92
CA MET A 94 -17.73 -4.66 -0.16
C MET A 94 -18.93 -5.33 -0.88
N SER A 95 -20.16 -4.87 -0.57
CA SER A 95 -21.39 -5.39 -1.19
C SER A 95 -21.55 -4.77 -2.60
N ASP A 96 -21.34 -5.62 -3.62
CA ASP A 96 -21.50 -5.23 -5.04
C ASP A 96 -22.98 -5.08 -5.38
N GLY A 97 -23.35 -3.94 -6.01
CA GLY A 97 -24.72 -3.66 -6.39
C GLY A 97 -24.85 -2.34 -7.12
N ASP A 98 -25.15 -1.26 -6.37
CA ASP A 98 -25.35 0.10 -6.92
C ASP A 98 -23.96 0.73 -7.22
N SER A 19 24.05 -5.14 0.07
CA SER A 19 23.31 -6.42 0.04
C SER A 19 22.28 -6.43 -1.10
N GLU A 20 21.28 -5.53 -0.99
CA GLU A 20 20.16 -5.41 -1.93
C GLU A 20 19.45 -4.06 -1.66
N ASP A 21 19.82 -3.03 -2.44
CA ASP A 21 19.32 -1.64 -2.25
C ASP A 21 17.98 -1.42 -2.97
N GLY A 22 17.73 -2.21 -4.02
CA GLY A 22 16.54 -2.05 -4.87
C GLY A 22 16.74 -1.04 -6.00
N SER A 23 15.64 -0.59 -6.61
CA SER A 23 15.65 0.41 -7.71
C SER A 23 14.27 1.08 -7.80
N TYR A 24 14.21 2.25 -8.45
CA TYR A 24 12.95 3.01 -8.64
C TYR A 24 12.76 3.40 -10.12
N GLY A 25 11.61 4.01 -10.40
CA GLY A 25 11.18 4.29 -11.77
C GLY A 25 10.41 3.11 -12.40
N THR A 26 10.20 2.05 -11.61
CA THR A 26 9.44 0.86 -12.03
C THR A 26 8.23 0.68 -11.10
N ASP A 27 7.19 1.46 -11.41
CA ASP A 27 5.95 1.56 -10.61
C ASP A 27 5.19 0.22 -10.60
N VAL A 28 5.21 -0.44 -9.45
CA VAL A 28 4.57 -1.73 -9.22
C VAL A 28 3.77 -1.67 -7.90
N THR A 29 2.54 -2.20 -7.90
CA THR A 29 1.69 -2.20 -6.70
C THR A 29 2.07 -3.40 -5.81
N ARG A 30 3.05 -3.17 -4.93
CA ARG A 30 3.47 -4.13 -3.89
C ARG A 30 3.10 -3.53 -2.53
N CYS A 31 1.80 -3.60 -2.24
CA CYS A 31 1.24 -3.18 -0.95
C CYS A 31 1.33 -4.34 0.05
N ILE A 32 1.65 -4.02 1.32
CA ILE A 32 1.85 -5.03 2.38
C ILE A 32 0.60 -5.90 2.69
N CYS A 33 -0.59 -5.52 2.16
CA CYS A 33 -1.83 -6.33 2.32
C CYS A 33 -2.01 -7.36 1.19
N GLY A 34 -1.11 -7.31 0.18
CA GLY A 34 -1.14 -8.26 -0.94
C GLY A 34 -2.35 -8.09 -1.85
N PHE A 35 -2.83 -6.84 -2.00
CA PHE A 35 -4.01 -6.50 -2.80
C PHE A 35 -3.71 -5.32 -3.75
N THR A 36 -4.40 -5.30 -4.90
CA THR A 36 -4.21 -4.29 -5.96
C THR A 36 -4.95 -2.96 -5.66
N HIS A 37 -4.81 -2.00 -6.58
CA HIS A 37 -5.33 -0.61 -6.44
C HIS A 37 -6.88 -0.60 -6.35
N ASP A 38 -7.43 -0.63 -5.11
CA ASP A 38 -8.90 -0.76 -4.87
C ASP A 38 -9.59 0.61 -4.80
N ASP A 39 -8.90 1.60 -4.23
CA ASP A 39 -9.50 2.89 -3.84
C ASP A 39 -9.51 3.89 -5.00
N GLY A 40 -8.32 4.16 -5.54
CA GLY A 40 -8.11 5.25 -6.48
C GLY A 40 -7.03 6.20 -5.96
N TYR A 41 -6.91 6.27 -4.62
CA TYR A 41 -5.91 7.09 -3.93
C TYR A 41 -4.88 6.17 -3.26
N MET A 42 -3.64 6.18 -3.78
CA MET A 42 -2.52 5.39 -3.23
C MET A 42 -1.22 6.21 -3.29
N ILE A 43 -0.23 5.80 -2.50
CA ILE A 43 1.10 6.42 -2.46
C ILE A 43 2.17 5.40 -2.85
N CYS A 44 3.14 5.79 -3.69
CA CYS A 44 4.29 4.96 -4.03
C CYS A 44 5.48 5.34 -3.12
N CYS A 45 6.26 4.33 -2.68
CA CYS A 45 7.54 4.58 -2.02
C CYS A 45 8.51 5.16 -3.07
N ASP A 46 8.90 6.44 -2.94
CA ASP A 46 9.70 7.17 -3.95
C ASP A 46 11.01 6.44 -4.35
N LYS A 47 11.55 5.66 -3.40
CA LYS A 47 12.84 4.95 -3.52
C LYS A 47 12.68 3.52 -4.12
N CYS A 48 11.52 2.88 -3.91
CA CYS A 48 11.27 1.46 -4.36
C CYS A 48 10.19 1.38 -5.46
N SER A 49 9.48 2.50 -5.68
CA SER A 49 8.31 2.62 -6.59
C SER A 49 7.15 1.63 -6.27
N VAL A 50 7.13 1.10 -5.02
CA VAL A 50 6.09 0.14 -4.57
C VAL A 50 4.87 0.89 -4.01
N TRP A 51 3.74 0.75 -4.73
CA TRP A 51 2.47 1.40 -4.38
C TRP A 51 1.78 0.65 -3.22
N GLN A 52 1.50 1.41 -2.14
CA GLN A 52 0.79 0.94 -0.95
C GLN A 52 -0.43 1.86 -0.71
N HIS A 53 -1.56 1.29 -0.25
CA HIS A 53 -2.83 2.04 -0.05
C HIS A 53 -2.68 3.08 1.07
N ILE A 54 -3.24 4.29 0.85
CA ILE A 54 -3.33 5.36 1.87
C ILE A 54 -4.18 4.86 3.06
N ASP A 55 -5.22 4.09 2.70
CA ASP A 55 -6.06 3.29 3.61
C ASP A 55 -5.21 2.45 4.58
N CYS A 56 -4.25 1.74 4.00
CA CYS A 56 -3.42 0.73 4.70
C CYS A 56 -2.47 1.36 5.73
N MET A 57 -1.74 2.42 5.33
CA MET A 57 -0.76 3.07 6.22
C MET A 57 -1.43 4.09 7.15
N GLY A 58 -2.77 4.26 7.01
CA GLY A 58 -3.57 5.14 7.87
C GLY A 58 -3.30 6.62 7.64
N ILE A 59 -2.76 6.95 6.46
CA ILE A 59 -2.47 8.34 6.05
C ILE A 59 -3.78 9.05 5.68
N ASP A 60 -3.83 10.38 5.85
CA ASP A 60 -5.00 11.19 5.43
C ASP A 60 -4.96 11.41 3.91
N ARG A 61 -6.11 11.28 3.23
CA ARG A 61 -6.21 11.60 1.78
C ARG A 61 -6.30 13.13 1.56
N GLN A 62 -6.62 13.88 2.61
CA GLN A 62 -6.61 15.35 2.60
C GLN A 62 -5.17 15.87 2.82
N HIS A 63 -4.40 15.15 3.66
CA HIS A 63 -2.99 15.49 3.98
C HIS A 63 -2.06 14.31 3.64
N ILE A 64 -1.58 14.30 2.39
CA ILE A 64 -0.71 13.23 1.83
C ILE A 64 0.75 13.74 1.73
N PRO A 65 1.77 12.99 2.28
CA PRO A 65 3.20 13.34 2.09
C PRO A 65 3.70 13.01 0.66
N ASP A 66 4.67 13.78 0.18
CA ASP A 66 5.23 13.63 -1.18
C ASP A 66 6.10 12.36 -1.28
N THR A 67 7.16 12.33 -0.48
CA THR A 67 8.17 11.28 -0.53
C THR A 67 7.85 10.20 0.51
N TYR A 68 6.83 9.40 0.19
CA TYR A 68 6.42 8.26 1.01
C TYR A 68 7.50 7.17 1.00
N LEU A 69 7.68 6.52 2.14
CA LEU A 69 8.63 5.42 2.30
C LEU A 69 7.91 4.19 2.85
N CYS A 70 8.33 3.02 2.35
CA CYS A 70 7.84 1.71 2.84
C CYS A 70 8.57 1.35 4.15
N GLU A 71 8.14 0.26 4.80
CA GLU A 71 8.58 -0.10 6.17
C GLU A 71 10.11 -0.33 6.27
N ARG A 72 10.71 -0.88 5.19
CA ARG A 72 12.16 -1.23 5.19
C ARG A 72 13.03 0.03 5.05
N CYS A 73 12.45 1.10 4.49
CA CYS A 73 13.13 2.39 4.30
C CYS A 73 13.22 3.19 5.61
N GLN A 74 12.13 3.15 6.40
CA GLN A 74 12.03 3.91 7.66
C GLN A 74 12.50 3.05 8.86
N PRO A 75 13.31 3.63 9.82
CA PRO A 75 13.75 2.93 11.06
C PRO A 75 12.59 2.61 12.03
N ARG A 76 11.41 3.22 11.78
CA ARG A 76 10.21 3.04 12.63
C ARG A 76 9.37 1.82 12.19
N ASN A 77 8.35 1.49 13.00
CA ASN A 77 7.36 0.46 12.67
C ASN A 77 6.17 1.10 11.95
N LEU A 78 6.03 0.82 10.65
CA LEU A 78 4.85 1.19 9.87
C LEU A 78 3.76 0.12 10.02
N ASP A 79 2.52 0.50 9.70
CA ASP A 79 1.37 -0.39 9.81
C ASP A 79 1.40 -1.42 8.68
N LYS A 80 2.06 -2.57 8.93
CA LYS A 80 1.91 -3.77 8.11
C LYS A 80 0.67 -4.53 8.59
N GLU A 81 0.67 -4.80 9.90
CA GLU A 81 -0.39 -5.56 10.60
C GLU A 81 -1.79 -4.98 10.31
N ARG A 82 -1.96 -3.69 10.65
CA ARG A 82 -3.25 -2.99 10.53
C ARG A 82 -3.66 -2.86 9.05
N ALA A 83 -2.66 -2.76 8.17
CA ALA A 83 -2.84 -2.65 6.72
C ALA A 83 -3.38 -3.96 6.10
N VAL A 84 -2.83 -5.09 6.56
CA VAL A 84 -3.23 -6.43 6.12
C VAL A 84 -4.70 -6.65 6.48
N LEU A 85 -5.02 -6.44 7.76
CA LEU A 85 -6.35 -6.70 8.33
C LEU A 85 -7.43 -5.78 7.73
N LEU A 86 -7.08 -4.49 7.51
CA LEU A 86 -8.03 -3.47 6.98
C LEU A 86 -8.47 -3.85 5.55
N GLN A 87 -7.49 -4.08 4.66
CA GLN A 87 -7.73 -4.45 3.26
C GLN A 87 -8.20 -5.90 3.10
N ARG A 88 -7.88 -6.77 4.08
CA ARG A 88 -8.39 -8.15 4.10
C ARG A 88 -9.91 -8.14 4.31
N ARG A 89 -10.38 -7.59 5.44
CA ARG A 89 -11.84 -7.52 5.74
C ARG A 89 -12.60 -6.68 4.68
N LYS A 90 -11.88 -5.72 4.07
CA LYS A 90 -12.37 -4.89 2.92
C LYS A 90 -12.76 -5.81 1.74
N ARG A 91 -11.82 -6.68 1.32
CA ARG A 91 -11.99 -7.57 0.16
C ARG A 91 -12.83 -8.83 0.51
N GLU A 92 -12.87 -9.24 1.79
CA GLU A 92 -13.60 -10.47 2.21
C GLU A 92 -15.11 -10.20 2.23
N ASN A 93 -15.50 -9.07 2.87
CA ASN A 93 -16.91 -8.63 3.00
C ASN A 93 -17.49 -8.31 1.60
N MET A 94 -16.64 -7.76 0.72
CA MET A 94 -17.00 -7.40 -0.65
C MET A 94 -17.14 -8.68 -1.51
N SER A 95 -16.08 -9.50 -1.52
CA SER A 95 -16.01 -10.74 -2.31
C SER A 95 -16.55 -11.93 -1.46
N ASP A 96 -17.87 -11.93 -1.25
CA ASP A 96 -18.59 -12.99 -0.50
C ASP A 96 -19.33 -13.91 -1.49
N GLY A 97 -19.46 -15.21 -1.13
CA GLY A 97 -20.21 -16.17 -1.96
C GLY A 97 -19.80 -17.61 -1.65
N ASP A 98 -18.75 -18.09 -2.35
CA ASP A 98 -18.17 -19.43 -2.20
C ASP A 98 -16.76 -19.48 -2.85
#